data_1VZ0
#
_entry.id   1VZ0
#
_cell.length_a   182.240
_cell.length_b   295.150
_cell.length_c   73.490
_cell.angle_alpha   90.00
_cell.angle_beta   90.00
_cell.angle_gamma   90.00
#
_symmetry.space_group_name_H-M   'C 2 2 2'
#
loop_
_entity.id
_entity.type
_entity.pdbx_description
1 polymer 'Chromosome-partitioning protein Spo0J'
2 non-polymer 'COBALT (II) ION'
3 non-polymer 'MAGNESIUM ION'
4 water water
#
_entity_poly.entity_id   1
_entity_poly.type   'polypeptide(L)'
_entity_poly.pdbx_seq_one_letter_code
;MSRKPSGLGRGLEALLPKTGAGVVRLPLASIRPNPRQPRKRFAEESLKELADSIREKGLLQPLLVRPQGDGYELVAGERR
YRAALMAGLQEVPAVVKDLTDREALELALVENLQREDLSPVEEARGYQALLEMGLTQEEVARRVGKARSTVANALRLLQL
PPEALEALERGEITAGHARALLMLEPEDRLWGLKEILEKGLSVRQAEALRERLAMAPKRSAEGSHHHHHH
;
_entity_poly.pdbx_strand_id   A,B,C,D,E,F,G,H
#
loop_
_chem_comp.id
_chem_comp.type
_chem_comp.name
_chem_comp.formula
CO non-polymer 'COBALT (II) ION' 'Co 2'
MG non-polymer 'MAGNESIUM ION' 'Mg 2'
#
# COMPACT_ATOMS: atom_id res chain seq x y z
N VAL A 23 -15.40 -22.82 36.38
CA VAL A 23 -15.71 -24.07 35.64
C VAL A 23 -16.72 -24.92 36.41
N VAL A 24 -17.92 -25.09 35.85
CA VAL A 24 -18.95 -25.86 36.51
C VAL A 24 -19.66 -26.76 35.51
N ARG A 25 -20.40 -27.75 36.02
CA ARG A 25 -21.14 -28.65 35.15
C ARG A 25 -22.55 -28.10 35.03
N LEU A 26 -23.17 -28.29 33.87
CA LEU A 26 -24.52 -27.82 33.66
C LEU A 26 -25.25 -28.63 32.60
N PRO A 27 -26.58 -28.70 32.68
CA PRO A 27 -27.37 -29.45 31.71
C PRO A 27 -27.20 -28.95 30.29
N LEU A 28 -26.69 -29.82 29.43
CA LEU A 28 -26.46 -29.49 28.05
C LEU A 28 -27.73 -28.91 27.41
N ALA A 29 -28.88 -29.44 27.81
CA ALA A 29 -30.15 -28.99 27.28
C ALA A 29 -30.50 -27.56 27.65
N SER A 30 -29.74 -26.97 28.57
CA SER A 30 -30.01 -25.60 28.97
C SER A 30 -29.13 -24.61 28.18
N ILE A 31 -28.24 -25.15 27.36
CA ILE A 31 -27.33 -24.33 26.55
C ILE A 31 -27.76 -24.33 25.09
N ARG A 32 -28.23 -23.19 24.60
CA ARG A 32 -28.67 -23.09 23.22
C ARG A 32 -27.51 -22.76 22.26
N PRO A 33 -27.69 -23.00 20.96
CA PRO A 33 -26.65 -22.74 19.96
C PRO A 33 -26.19 -21.29 19.85
N ASN A 34 -24.95 -21.13 19.39
CA ASN A 34 -24.37 -19.80 19.22
C ASN A 34 -24.90 -19.20 17.93
N PRO A 35 -25.68 -18.11 18.01
CA PRO A 35 -26.25 -17.44 16.83
C PRO A 35 -25.22 -16.64 16.03
N ARG A 36 -24.04 -16.44 16.60
CA ARG A 36 -22.97 -15.71 15.93
C ARG A 36 -22.17 -16.70 15.12
N GLN A 37 -22.26 -16.59 13.79
CA GLN A 37 -21.52 -17.48 12.90
C GLN A 37 -20.78 -16.60 11.90
N PRO A 38 -19.85 -15.75 12.38
CA PRO A 38 -19.07 -14.86 11.52
C PRO A 38 -18.46 -15.49 10.26
N ARG A 39 -17.96 -16.72 10.39
CA ARG A 39 -17.36 -17.39 9.25
C ARG A 39 -18.39 -17.55 8.12
N LYS A 40 -19.57 -18.08 8.44
CA LYS A 40 -20.63 -18.26 7.45
C LYS A 40 -21.10 -16.91 6.90
N ARG A 41 -21.15 -15.91 7.76
CA ARG A 41 -21.56 -14.59 7.35
C ARG A 41 -20.57 -14.02 6.34
N PHE A 42 -19.29 -14.18 6.61
CA PHE A 42 -18.25 -13.70 5.70
C PHE A 42 -18.32 -14.42 4.35
N ALA A 43 -18.55 -15.74 4.37
CA ALA A 43 -18.65 -16.48 3.12
C ALA A 43 -19.78 -15.95 2.27
N GLU A 44 -20.93 -15.67 2.91
CA GLU A 44 -22.09 -15.14 2.19
C GLU A 44 -21.81 -13.74 1.63
N GLU A 45 -21.16 -12.90 2.43
CA GLU A 45 -20.84 -11.55 1.99
C GLU A 45 -19.89 -11.58 0.80
N SER A 46 -18.83 -12.38 0.88
CA SER A 46 -17.88 -12.43 -0.22
C SER A 46 -18.47 -13.06 -1.47
N LEU A 47 -19.44 -13.95 -1.31
CA LEU A 47 -20.09 -14.58 -2.47
C LEU A 47 -20.83 -13.50 -3.26
N LYS A 48 -21.53 -12.66 -2.53
CA LYS A 48 -22.31 -11.58 -3.12
C LYS A 48 -21.44 -10.56 -3.82
N GLU A 49 -20.32 -10.21 -3.22
CA GLU A 49 -19.43 -9.23 -3.84
C GLU A 49 -18.79 -9.85 -5.07
N LEU A 50 -18.61 -11.17 -5.07
CA LEU A 50 -18.05 -11.87 -6.22
C LEU A 50 -19.12 -11.90 -7.31
N ALA A 51 -20.37 -12.12 -6.90
CA ALA A 51 -21.48 -12.14 -7.86
C ALA A 51 -21.64 -10.75 -8.47
N ASP A 52 -21.57 -9.71 -7.63
CA ASP A 52 -21.70 -8.36 -8.14
C ASP A 52 -20.59 -8.07 -9.14
N SER A 53 -19.41 -8.62 -8.89
CA SER A 53 -18.30 -8.40 -9.79
C SER A 53 -18.46 -9.17 -11.10
N ILE A 54 -19.04 -10.36 -11.03
CA ILE A 54 -19.25 -11.15 -12.24
C ILE A 54 -20.29 -10.49 -13.15
N ARG A 55 -21.24 -9.77 -12.54
CA ARG A 55 -22.27 -9.05 -13.31
C ARG A 55 -21.63 -8.04 -14.24
N GLU A 56 -20.56 -7.41 -13.75
CA GLU A 56 -19.85 -6.38 -14.50
C GLU A 56 -18.77 -6.94 -15.42
N LYS A 57 -18.01 -7.91 -14.91
CA LYS A 57 -16.87 -8.47 -15.65
C LYS A 57 -16.99 -9.86 -16.25
N GLY A 58 -17.95 -10.65 -15.78
CA GLY A 58 -18.07 -12.00 -16.28
C GLY A 58 -17.10 -12.86 -15.49
N LEU A 59 -16.93 -14.11 -15.90
CA LEU A 59 -16.02 -14.99 -15.20
C LEU A 59 -14.58 -14.71 -15.62
N LEU A 60 -13.69 -14.68 -14.64
CA LEU A 60 -12.28 -14.46 -14.90
C LEU A 60 -11.68 -15.75 -15.48
N GLN A 61 -12.17 -16.89 -15.01
CA GLN A 61 -11.71 -18.21 -15.48
C GLN A 61 -12.89 -19.14 -15.77
N PRO A 62 -12.83 -19.86 -16.89
CA PRO A 62 -13.92 -20.78 -17.26
C PRO A 62 -14.18 -21.78 -16.16
N LEU A 63 -15.36 -22.36 -16.16
CA LEU A 63 -15.69 -23.39 -15.19
C LEU A 63 -15.20 -24.68 -15.80
N LEU A 64 -14.82 -25.65 -14.98
CA LEU A 64 -14.38 -26.95 -15.48
C LEU A 64 -15.56 -27.88 -15.26
N VAL A 65 -16.02 -28.51 -16.34
CA VAL A 65 -17.16 -29.41 -16.21
C VAL A 65 -16.98 -30.69 -17.03
N ARG A 66 -17.82 -31.67 -16.71
CA ARG A 66 -17.81 -32.94 -17.43
C ARG A 66 -19.25 -33.29 -17.79
N PRO A 67 -19.43 -34.09 -18.85
CA PRO A 67 -20.78 -34.49 -19.27
C PRO A 67 -21.44 -35.28 -18.14
N GLN A 68 -22.73 -35.05 -17.93
CA GLN A 68 -23.49 -35.76 -16.90
C GLN A 68 -24.98 -35.70 -17.19
N GLY A 69 -25.60 -36.87 -17.32
CA GLY A 69 -27.01 -36.91 -17.62
C GLY A 69 -27.23 -36.24 -18.97
N ASP A 70 -28.22 -35.35 -19.03
CA ASP A 70 -28.53 -34.64 -20.26
C ASP A 70 -27.75 -33.33 -20.35
N GLY A 71 -27.02 -33.00 -19.30
CA GLY A 71 -26.27 -31.75 -19.31
C GLY A 71 -24.83 -31.94 -18.89
N TYR A 72 -24.38 -31.09 -17.97
CA TYR A 72 -23.01 -31.16 -17.47
C TYR A 72 -22.95 -31.03 -15.96
N GLU A 73 -21.84 -31.49 -15.40
CA GLU A 73 -21.66 -31.44 -13.97
C GLU A 73 -20.37 -30.69 -13.60
N LEU A 74 -20.49 -29.74 -12.67
CA LEU A 74 -19.34 -28.96 -12.23
C LEU A 74 -18.24 -29.85 -11.64
N VAL A 75 -17.00 -29.63 -12.04
CA VAL A 75 -15.89 -30.41 -11.52
C VAL A 75 -14.94 -29.54 -10.67
N ALA A 76 -14.89 -28.24 -10.97
CA ALA A 76 -14.05 -27.31 -10.21
C ALA A 76 -14.57 -25.89 -10.33
N GLY A 77 -14.45 -25.11 -9.25
CA GLY A 77 -14.91 -23.73 -9.27
C GLY A 77 -16.30 -23.53 -8.71
N GLU A 78 -16.59 -24.17 -7.57
CA GLU A 78 -17.90 -24.07 -6.95
C GLU A 78 -18.34 -22.63 -6.64
N ARG A 79 -17.46 -21.82 -6.05
CA ARG A 79 -17.85 -20.46 -5.71
C ARG A 79 -18.10 -19.59 -6.93
N ARG A 80 -17.26 -19.75 -7.93
CA ARG A 80 -17.40 -19.01 -9.17
C ARG A 80 -18.76 -19.38 -9.79
N TYR A 81 -19.08 -20.66 -9.73
CA TYR A 81 -20.33 -21.20 -10.25
C TYR A 81 -21.56 -20.61 -9.55
N ARG A 82 -21.58 -20.68 -8.22
CA ARG A 82 -22.70 -20.16 -7.45
C ARG A 82 -22.83 -18.65 -7.56
N ALA A 83 -21.69 -17.97 -7.66
CA ALA A 83 -21.72 -16.52 -7.80
C ALA A 83 -22.36 -16.19 -9.16
N ALA A 84 -22.05 -16.98 -10.18
CA ALA A 84 -22.61 -16.75 -11.51
C ALA A 84 -24.13 -16.88 -11.46
N LEU A 85 -24.61 -17.90 -10.75
CA LEU A 85 -26.04 -18.10 -10.61
C LEU A 85 -26.65 -16.88 -9.92
N MET A 86 -26.04 -16.44 -8.83
CA MET A 86 -26.51 -15.27 -8.10
C MET A 86 -26.51 -14.04 -9.00
N ALA A 87 -25.54 -13.96 -9.90
CA ALA A 87 -25.40 -12.85 -10.83
C ALA A 87 -26.46 -12.83 -11.92
N GLY A 88 -27.20 -13.93 -12.06
CA GLY A 88 -28.23 -14.01 -13.07
C GLY A 88 -27.74 -14.25 -14.49
N LEU A 89 -26.50 -14.72 -14.64
CA LEU A 89 -25.99 -14.99 -15.98
C LEU A 89 -26.72 -16.20 -16.57
N GLN A 90 -26.93 -16.17 -17.88
CA GLN A 90 -27.59 -17.28 -18.56
C GLN A 90 -26.53 -18.26 -19.03
N GLU A 91 -25.38 -17.73 -19.45
CA GLU A 91 -24.28 -18.54 -19.94
C GLU A 91 -22.97 -18.16 -19.28
N VAL A 92 -22.02 -19.10 -19.29
CA VAL A 92 -20.72 -18.88 -18.71
C VAL A 92 -19.67 -19.62 -19.52
N PRO A 93 -18.42 -19.13 -19.51
CA PRO A 93 -17.37 -19.81 -20.25
C PRO A 93 -17.04 -21.10 -19.50
N ALA A 94 -16.68 -22.16 -20.22
CA ALA A 94 -16.36 -23.40 -19.53
C ALA A 94 -15.47 -24.29 -20.38
N VAL A 95 -14.83 -25.26 -19.72
CA VAL A 95 -13.99 -26.21 -20.40
C VAL A 95 -14.59 -27.57 -20.08
N VAL A 96 -14.91 -28.32 -21.12
CA VAL A 96 -15.50 -29.64 -20.96
C VAL A 96 -14.44 -30.74 -21.10
N LYS A 97 -14.41 -31.65 -20.14
CA LYS A 97 -13.48 -32.75 -20.19
C LYS A 97 -14.16 -34.04 -19.76
N ASP A 98 -13.73 -35.15 -20.35
CA ASP A 98 -14.29 -36.46 -20.01
C ASP A 98 -13.55 -37.01 -18.81
N LEU A 99 -14.13 -36.87 -17.64
CA LEU A 99 -13.49 -37.37 -16.43
C LEU A 99 -14.32 -38.48 -15.82
N THR A 100 -13.65 -39.52 -15.36
CA THR A 100 -14.33 -40.63 -14.72
C THR A 100 -14.63 -40.12 -13.31
N ASP A 101 -15.50 -40.80 -12.59
CA ASP A 101 -15.82 -40.38 -11.23
C ASP A 101 -14.54 -40.25 -10.40
N ARG A 102 -13.62 -41.21 -10.59
CA ARG A 102 -12.36 -41.23 -9.85
C ARG A 102 -11.48 -40.01 -10.10
N GLU A 103 -11.32 -39.63 -11.37
CA GLU A 103 -10.51 -38.48 -11.71
C GLU A 103 -11.15 -37.19 -11.17
N ALA A 104 -12.48 -37.12 -11.23
CA ALA A 104 -13.19 -35.94 -10.76
C ALA A 104 -12.98 -35.77 -9.26
N LEU A 105 -13.07 -36.88 -8.52
CA LEU A 105 -12.88 -36.85 -7.07
C LEU A 105 -11.44 -36.41 -6.79
N GLU A 106 -10.50 -37.07 -7.46
CA GLU A 106 -9.09 -36.75 -7.30
C GLU A 106 -8.84 -35.26 -7.51
N LEU A 107 -9.44 -34.70 -8.56
CA LEU A 107 -9.32 -33.28 -8.84
C LEU A 107 -9.90 -32.50 -7.69
N ALA A 108 -11.10 -32.88 -7.25
CA ALA A 108 -11.73 -32.19 -6.13
C ALA A 108 -10.81 -32.14 -4.91
N LEU A 109 -10.22 -33.29 -4.56
CA LEU A 109 -9.34 -33.38 -3.39
C LEU A 109 -8.07 -32.55 -3.56
N VAL A 110 -7.53 -32.54 -4.76
CA VAL A 110 -6.33 -31.79 -5.06
C VAL A 110 -6.59 -30.29 -5.07
N GLU A 111 -7.72 -29.85 -5.63
CA GLU A 111 -8.01 -28.43 -5.65
C GLU A 111 -8.26 -27.94 -4.23
N ASN A 112 -8.83 -28.79 -3.41
CA ASN A 112 -9.10 -28.43 -2.02
C ASN A 112 -7.77 -28.31 -1.27
N LEU A 113 -6.85 -29.22 -1.56
CA LEU A 113 -5.54 -29.23 -0.91
C LEU A 113 -4.64 -28.05 -1.31
N GLN A 114 -5.01 -27.34 -2.39
CA GLN A 114 -4.21 -26.21 -2.82
C GLN A 114 -4.65 -24.91 -2.12
N ARG A 115 -5.86 -24.91 -1.57
CA ARG A 115 -6.42 -23.73 -0.89
C ARG A 115 -5.61 -23.16 0.30
N GLU A 116 -5.79 -21.86 0.55
CA GLU A 116 -5.12 -21.16 1.66
C GLU A 116 -5.99 -21.33 2.90
N ASP A 117 -6.98 -22.19 2.74
CA ASP A 117 -8.01 -22.50 3.72
C ASP A 117 -7.84 -23.70 4.64
N LEU A 118 -6.79 -24.48 4.45
CA LEU A 118 -6.65 -25.68 5.25
C LEU A 118 -5.84 -25.69 6.50
N SER A 119 -6.33 -26.47 7.45
CA SER A 119 -5.64 -26.68 8.71
C SER A 119 -4.78 -27.89 8.38
N PRO A 120 -3.70 -28.11 9.14
CA PRO A 120 -2.87 -29.27 8.84
C PRO A 120 -3.59 -30.62 9.00
N VAL A 121 -4.71 -30.62 9.73
CA VAL A 121 -5.48 -31.85 9.90
C VAL A 121 -6.26 -32.16 8.62
N GLU A 122 -6.86 -31.13 8.02
CA GLU A 122 -7.62 -31.33 6.78
C GLU A 122 -6.67 -31.79 5.69
N GLU A 123 -5.47 -31.19 5.68
CA GLU A 123 -4.44 -31.52 4.72
C GLU A 123 -4.14 -33.03 4.84
N ALA A 124 -4.04 -33.53 6.07
CA ALA A 124 -3.78 -34.94 6.30
C ALA A 124 -4.93 -35.80 5.80
N ARG A 125 -6.16 -35.37 6.08
CA ARG A 125 -7.34 -36.11 5.66
C ARG A 125 -7.41 -36.18 4.14
N GLY A 126 -7.00 -35.10 3.48
CA GLY A 126 -7.02 -35.08 2.04
C GLY A 126 -6.02 -36.09 1.48
N TYR A 127 -4.81 -36.09 2.04
CA TYR A 127 -3.77 -37.00 1.60
C TYR A 127 -4.27 -38.42 1.77
N GLN A 128 -4.80 -38.72 2.95
CA GLN A 128 -5.28 -40.05 3.21
C GLN A 128 -6.34 -40.44 2.19
N ALA A 129 -7.23 -39.51 1.87
CA ALA A 129 -8.26 -39.80 0.89
C ALA A 129 -7.64 -40.19 -0.44
N LEU A 130 -6.58 -39.51 -0.85
CA LEU A 130 -5.91 -39.82 -2.10
C LEU A 130 -5.24 -41.20 -2.03
N LEU A 131 -4.67 -41.54 -0.87
CA LEU A 131 -4.04 -42.83 -0.73
C LEU A 131 -5.08 -43.94 -0.88
N GLU A 132 -6.23 -43.74 -0.25
CA GLU A 132 -7.31 -44.71 -0.31
C GLU A 132 -7.81 -44.94 -1.73
N MET A 133 -7.63 -43.94 -2.59
CA MET A 133 -8.05 -44.05 -3.99
C MET A 133 -7.04 -44.84 -4.81
N GLY A 134 -5.92 -45.23 -4.18
CA GLY A 134 -4.92 -45.99 -4.89
C GLY A 134 -3.63 -45.27 -5.19
N LEU A 135 -3.54 -43.98 -4.85
CA LEU A 135 -2.31 -43.25 -5.09
C LEU A 135 -1.29 -43.60 -4.04
N THR A 136 -0.05 -43.31 -4.37
CA THR A 136 1.09 -43.57 -3.49
C THR A 136 1.49 -42.26 -2.80
N GLN A 137 2.12 -42.34 -1.62
CA GLN A 137 2.56 -41.12 -0.94
C GLN A 137 3.36 -40.28 -1.93
N GLU A 138 4.18 -40.97 -2.73
CA GLU A 138 5.00 -40.32 -3.75
C GLU A 138 4.09 -39.63 -4.77
N GLU A 139 3.05 -40.34 -5.22
CA GLU A 139 2.14 -39.76 -6.20
C GLU A 139 1.34 -38.60 -5.61
N VAL A 140 0.97 -38.72 -4.34
CA VAL A 140 0.23 -37.65 -3.71
C VAL A 140 1.13 -36.42 -3.67
N ALA A 141 2.36 -36.61 -3.22
CA ALA A 141 3.34 -35.53 -3.10
C ALA A 141 3.55 -34.83 -4.43
N ARG A 142 3.70 -35.63 -5.48
CA ARG A 142 3.91 -35.07 -6.81
C ARG A 142 2.74 -34.19 -7.25
N ARG A 143 1.51 -34.62 -6.99
CA ARG A 143 0.31 -33.85 -7.39
C ARG A 143 0.08 -32.56 -6.62
N VAL A 144 0.44 -32.51 -5.34
CA VAL A 144 0.21 -31.29 -4.56
C VAL A 144 1.43 -30.39 -4.45
N GLY A 145 2.53 -30.80 -5.07
CA GLY A 145 3.75 -30.00 -5.05
C GLY A 145 4.46 -29.96 -3.71
N LYS A 146 4.54 -31.10 -3.04
CA LYS A 146 5.21 -31.18 -1.75
C LYS A 146 6.12 -32.41 -1.64
N ALA A 147 6.99 -32.41 -0.65
CA ALA A 147 7.90 -33.51 -0.46
C ALA A 147 7.15 -34.72 0.10
N ARG A 148 7.64 -35.90 -0.23
CA ARG A 148 7.01 -37.12 0.26
C ARG A 148 6.99 -37.13 1.79
N SER A 149 8.06 -36.64 2.39
CA SER A 149 8.17 -36.59 3.84
C SER A 149 7.08 -35.69 4.44
N THR A 150 6.74 -34.63 3.74
CA THR A 150 5.71 -33.72 4.21
C THR A 150 4.38 -34.45 4.28
N VAL A 151 4.09 -35.24 3.25
CA VAL A 151 2.85 -36.01 3.20
C VAL A 151 2.82 -37.09 4.30
N ALA A 152 3.94 -37.79 4.50
CA ALA A 152 4.00 -38.82 5.53
C ALA A 152 3.84 -38.23 6.92
N ASN A 153 4.48 -37.09 7.16
CA ASN A 153 4.38 -36.43 8.45
C ASN A 153 2.96 -35.97 8.73
N ALA A 154 2.32 -35.40 7.72
CA ALA A 154 0.95 -34.94 7.88
C ALA A 154 0.04 -36.12 8.21
N LEU A 155 0.22 -37.25 7.55
CA LEU A 155 -0.62 -38.42 7.81
C LEU A 155 -0.51 -38.90 9.27
N ARG A 156 0.67 -38.76 9.87
CA ARG A 156 0.86 -39.17 11.26
C ARG A 156 -0.09 -38.48 12.22
N LEU A 157 -0.49 -37.25 11.91
CA LEU A 157 -1.42 -36.53 12.77
C LEU A 157 -2.75 -37.25 12.97
N LEU A 158 -3.13 -38.09 12.02
CA LEU A 158 -4.41 -38.78 12.12
C LEU A 158 -4.48 -39.88 13.18
N GLN A 159 -3.36 -40.25 13.77
CA GLN A 159 -3.42 -41.27 14.79
C GLN A 159 -3.60 -40.64 16.16
N LEU A 160 -3.66 -39.31 16.19
CA LEU A 160 -3.89 -38.59 17.45
C LEU A 160 -5.37 -38.69 17.77
N PRO A 161 -5.72 -38.64 19.05
CA PRO A 161 -7.13 -38.74 19.43
C PRO A 161 -7.88 -37.49 18.95
N PRO A 162 -9.18 -37.61 18.69
CA PRO A 162 -10.04 -36.51 18.22
C PRO A 162 -9.92 -35.18 18.96
N GLU A 163 -9.88 -35.21 20.29
CA GLU A 163 -9.77 -33.97 21.04
C GLU A 163 -8.45 -33.23 20.83
N ALA A 164 -7.39 -33.97 20.52
CA ALA A 164 -6.10 -33.34 20.28
C ALA A 164 -6.16 -32.65 18.91
N LEU A 165 -6.82 -33.29 17.95
CA LEU A 165 -6.93 -32.70 16.62
C LEU A 165 -7.79 -31.42 16.69
N GLU A 166 -8.82 -31.42 17.52
CA GLU A 166 -9.68 -30.24 17.65
C GLU A 166 -8.93 -29.08 18.26
N ALA A 167 -8.10 -29.39 19.24
CA ALA A 167 -7.31 -28.35 19.88
C ALA A 167 -6.35 -27.75 18.86
N LEU A 168 -5.89 -28.58 17.93
CA LEU A 168 -4.98 -28.13 16.88
C LEU A 168 -5.74 -27.21 15.93
N GLU A 169 -6.89 -27.68 15.47
CA GLU A 169 -7.70 -26.91 14.54
C GLU A 169 -8.16 -25.57 15.14
N ARG A 170 -8.39 -25.55 16.45
CA ARG A 170 -8.84 -24.32 17.11
C ARG A 170 -7.66 -23.39 17.37
N GLY A 171 -6.46 -23.88 17.11
CA GLY A 171 -5.28 -23.07 17.32
C GLY A 171 -4.86 -23.02 18.78
N GLU A 172 -5.40 -23.94 19.58
CA GLU A 172 -5.05 -23.99 20.99
C GLU A 172 -3.67 -24.60 21.20
N ILE A 173 -3.22 -25.38 20.22
CA ILE A 173 -1.89 -25.99 20.24
C ILE A 173 -1.31 -25.95 18.83
N THR A 174 0.00 -26.10 18.70
CA THR A 174 0.65 -26.05 17.40
C THR A 174 0.95 -27.44 16.87
N ALA A 175 1.40 -27.50 15.62
CA ALA A 175 1.75 -28.78 15.01
C ALA A 175 2.87 -29.40 15.84
N GLY A 176 3.72 -28.55 16.40
CA GLY A 176 4.83 -29.01 17.23
C GLY A 176 4.31 -29.78 18.44
N HIS A 177 3.28 -29.23 19.08
CA HIS A 177 2.67 -29.87 20.24
C HIS A 177 2.11 -31.22 19.82
N ALA A 178 1.44 -31.23 18.67
CA ALA A 178 0.84 -32.44 18.13
C ALA A 178 1.91 -33.52 17.92
N ARG A 179 3.06 -33.13 17.37
CA ARG A 179 4.14 -34.09 17.14
C ARG A 179 4.68 -34.60 18.47
N ALA A 180 4.75 -33.72 19.44
CA ALA A 180 5.22 -34.11 20.77
C ALA A 180 4.29 -35.17 21.34
N LEU A 181 2.98 -34.95 21.21
CA LEU A 181 2.01 -35.90 21.71
C LEU A 181 2.13 -37.26 21.02
N LEU A 182 2.56 -37.26 19.77
CA LEU A 182 2.72 -38.51 19.03
C LEU A 182 3.82 -39.37 19.64
N MET A 183 4.75 -38.72 20.34
CA MET A 183 5.86 -39.43 20.98
C MET A 183 5.44 -40.11 22.28
N LEU A 184 4.26 -39.75 22.79
CA LEU A 184 3.76 -40.37 24.01
C LEU A 184 2.98 -41.61 23.62
N GLU A 185 2.83 -42.54 24.55
CA GLU A 185 2.07 -43.75 24.27
C GLU A 185 0.61 -43.35 24.12
N PRO A 186 -0.12 -44.03 23.23
CA PRO A 186 -1.54 -43.74 23.00
C PRO A 186 -2.37 -43.46 24.25
N GLU A 187 -2.22 -44.28 25.28
CA GLU A 187 -2.98 -44.12 26.54
C GLU A 187 -2.65 -42.85 27.30
N ASP A 188 -1.56 -42.20 26.94
CA ASP A 188 -1.14 -41.01 27.67
C ASP A 188 -1.34 -39.70 26.91
N ARG A 189 -1.78 -39.79 25.67
CA ARG A 189 -1.98 -38.62 24.85
C ARG A 189 -3.02 -37.63 25.38
N LEU A 190 -4.16 -38.13 25.83
CA LEU A 190 -5.16 -37.22 26.37
C LEU A 190 -4.59 -36.49 27.58
N TRP A 191 -3.90 -37.22 28.44
CA TRP A 191 -3.30 -36.63 29.62
C TRP A 191 -2.32 -35.54 29.19
N GLY A 192 -1.48 -35.89 28.21
CA GLY A 192 -0.51 -34.95 27.71
C GLY A 192 -1.15 -33.70 27.14
N LEU A 193 -2.28 -33.88 26.46
CA LEU A 193 -3.00 -32.75 25.88
C LEU A 193 -3.40 -31.81 27.01
N LYS A 194 -4.00 -32.37 28.06
CA LYS A 194 -4.44 -31.57 29.20
C LYS A 194 -3.29 -30.76 29.80
N GLU A 195 -2.15 -31.40 29.98
CA GLU A 195 -1.00 -30.70 30.54
C GLU A 195 -0.64 -29.49 29.69
N ILE A 196 -0.52 -29.68 28.39
CA ILE A 196 -0.17 -28.59 27.49
C ILE A 196 -1.16 -27.44 27.57
N LEU A 197 -2.46 -27.78 27.60
CA LEU A 197 -3.50 -26.77 27.67
C LEU A 197 -3.62 -26.17 29.07
N GLU A 198 -3.70 -27.05 30.07
CA GLU A 198 -3.84 -26.68 31.47
C GLU A 198 -2.63 -25.94 32.04
N LYS A 199 -1.45 -26.53 31.88
CA LYS A 199 -0.22 -25.92 32.39
C LYS A 199 0.35 -24.89 31.41
N GLY A 200 -0.20 -24.85 30.21
CA GLY A 200 0.24 -23.91 29.20
C GLY A 200 1.71 -23.99 28.83
N LEU A 201 2.27 -25.18 28.79
CA LEU A 201 3.68 -25.35 28.43
C LEU A 201 3.89 -25.20 26.92
N SER A 202 5.14 -25.00 26.52
CA SER A 202 5.47 -24.83 25.11
C SER A 202 5.95 -26.15 24.49
N VAL A 203 6.09 -26.15 23.17
CA VAL A 203 6.54 -27.34 22.44
C VAL A 203 7.72 -27.98 23.15
N ARG A 204 8.71 -27.15 23.48
CA ARG A 204 9.91 -27.59 24.17
C ARG A 204 9.50 -28.37 25.43
N GLN A 205 8.76 -27.70 26.31
CA GLN A 205 8.30 -28.30 27.55
C GLN A 205 7.41 -29.51 27.27
N ALA A 206 6.58 -29.40 26.24
CA ALA A 206 5.67 -30.48 25.86
C ALA A 206 6.41 -31.81 25.70
N GLU A 207 7.49 -31.79 24.92
CA GLU A 207 8.29 -32.99 24.70
C GLU A 207 8.88 -33.49 26.01
N ALA A 208 8.17 -34.39 26.67
CA ALA A 208 8.62 -34.96 27.93
C ALA A 208 7.52 -35.88 28.48
N LEU A 209 6.47 -35.35 28.87
N VAL B 23 -10.90 32.23 -9.47
CA VAL B 23 -10.80 30.87 -8.83
C VAL B 23 -9.39 30.62 -8.31
N VAL B 24 -9.25 30.58 -7.00
CA VAL B 24 -7.94 30.36 -6.39
C VAL B 24 -7.91 29.16 -5.45
N ARG B 25 -6.71 28.69 -5.16
CA ARG B 25 -6.50 27.56 -4.26
C ARG B 25 -6.28 28.08 -2.84
N LEU B 26 -7.10 27.65 -1.88
CA LEU B 26 -6.94 28.11 -0.50
C LEU B 26 -6.88 26.96 0.49
N PRO B 27 -6.00 27.07 1.51
CA PRO B 27 -5.94 25.97 2.48
C PRO B 27 -7.20 25.96 3.33
N LEU B 28 -7.75 24.77 3.54
CA LEU B 28 -8.97 24.60 4.32
C LEU B 28 -8.84 25.20 5.72
N ALA B 29 -7.65 25.09 6.31
CA ALA B 29 -7.42 25.63 7.65
C ALA B 29 -7.63 27.17 7.67
N SER B 30 -7.58 27.79 6.50
CA SER B 30 -7.78 29.23 6.38
C SER B 30 -9.26 29.60 6.12
N ILE B 31 -10.15 28.60 6.10
CA ILE B 31 -11.57 28.86 5.84
C ILE B 31 -12.47 28.41 6.99
N ARG B 32 -13.08 29.38 7.67
CA ARG B 32 -13.95 29.06 8.78
C ARG B 32 -15.37 28.80 8.29
N PRO B 33 -16.19 28.12 9.11
CA PRO B 33 -17.56 27.84 8.69
C PRO B 33 -18.46 29.07 8.49
N ASN B 34 -19.50 28.91 7.70
CA ASN B 34 -20.46 29.98 7.43
C ASN B 34 -21.29 30.18 8.70
N PRO B 35 -21.18 31.36 9.31
CA PRO B 35 -21.94 31.65 10.54
C PRO B 35 -23.42 31.88 10.29
N ARG B 36 -23.81 32.05 9.03
CA ARG B 36 -25.22 32.25 8.69
C ARG B 36 -25.88 30.89 8.46
N GLN B 37 -26.82 30.54 9.34
CA GLN B 37 -27.52 29.28 9.23
C GLN B 37 -29.02 29.52 9.36
N PRO B 38 -29.59 30.30 8.44
CA PRO B 38 -31.03 30.62 8.45
C PRO B 38 -31.95 29.42 8.70
N ARG B 39 -31.67 28.29 8.05
CA ARG B 39 -32.50 27.11 8.23
C ARG B 39 -32.57 26.72 9.71
N LYS B 40 -31.42 26.70 10.38
CA LYS B 40 -31.39 26.34 11.78
C LYS B 40 -32.10 27.40 12.61
N ARG B 41 -31.89 28.66 12.25
CA ARG B 41 -32.51 29.76 12.98
C ARG B 41 -34.03 29.68 12.85
N PHE B 42 -34.51 29.40 11.64
CA PHE B 42 -35.95 29.29 11.41
C PHE B 42 -36.55 28.13 12.22
N ALA B 43 -35.84 27.01 12.29
CA ALA B 43 -36.33 25.87 13.06
C ALA B 43 -36.42 26.23 14.55
N GLU B 44 -35.47 27.03 15.04
CA GLU B 44 -35.48 27.45 16.43
C GLU B 44 -36.60 28.45 16.66
N GLU B 45 -36.80 29.37 15.72
CA GLU B 45 -37.84 30.37 15.87
C GLU B 45 -39.23 29.72 15.91
N SER B 46 -39.50 28.81 14.97
CA SER B 46 -40.81 28.18 14.95
C SER B 46 -41.01 27.25 16.15
N LEU B 47 -39.93 26.64 16.61
CA LEU B 47 -39.99 25.76 17.78
C LEU B 47 -40.41 26.63 18.95
N LYS B 48 -39.74 27.77 19.12
CA LYS B 48 -40.05 28.68 20.20
C LYS B 48 -41.49 29.18 20.10
N GLU B 49 -41.92 29.50 18.88
CA GLU B 49 -43.27 29.98 18.67
C GLU B 49 -44.33 28.93 19.02
N LEU B 50 -44.04 27.66 18.74
CA LEU B 50 -44.98 26.59 19.05
C LEU B 50 -45.05 26.46 20.57
N ALA B 51 -43.88 26.51 21.21
CA ALA B 51 -43.79 26.39 22.66
C ALA B 51 -44.52 27.52 23.37
N ASP B 52 -44.29 28.76 22.96
CA ASP B 52 -44.97 29.89 23.58
C ASP B 52 -46.47 29.69 23.46
N SER B 53 -46.89 29.11 22.34
CA SER B 53 -48.30 28.89 22.10
C SER B 53 -48.90 27.80 22.97
N ILE B 54 -48.23 26.65 23.08
CA ILE B 54 -48.77 25.56 23.89
C ILE B 54 -48.60 25.78 25.40
N ARG B 55 -47.69 26.68 25.78
CA ARG B 55 -47.49 26.96 27.19
C ARG B 55 -48.80 27.45 27.79
N GLU B 56 -49.54 28.21 27.00
CA GLU B 56 -50.82 28.75 27.45
C GLU B 56 -52.02 27.90 27.04
N LYS B 57 -51.91 27.22 25.90
CA LYS B 57 -53.01 26.40 25.39
C LYS B 57 -52.88 24.89 25.66
N GLY B 58 -51.66 24.37 25.58
CA GLY B 58 -51.43 22.95 25.78
C GLY B 58 -51.34 22.28 24.42
N LEU B 59 -50.81 21.06 24.35
CA LEU B 59 -50.69 20.38 23.07
C LEU B 59 -52.03 20.12 22.43
N LEU B 60 -52.16 20.57 21.18
CA LEU B 60 -53.40 20.37 20.45
C LEU B 60 -53.40 18.94 19.91
N GLN B 61 -52.26 18.52 19.35
CA GLN B 61 -52.12 17.18 18.81
C GLN B 61 -51.41 16.28 19.81
N PRO B 62 -51.86 15.03 19.96
CA PRO B 62 -51.23 14.12 20.90
C PRO B 62 -49.88 13.61 20.42
N LEU B 63 -49.00 13.27 21.36
CA LEU B 63 -47.71 12.72 21.00
C LEU B 63 -47.99 11.24 20.75
N LEU B 64 -47.09 10.55 20.06
CA LEU B 64 -47.25 9.13 19.81
C LEU B 64 -46.05 8.47 20.49
N VAL B 65 -46.33 7.53 21.41
CA VAL B 65 -45.27 6.86 22.16
C VAL B 65 -45.50 5.36 22.32
N ARG B 66 -44.47 4.67 22.80
CA ARG B 66 -44.55 3.23 23.05
C ARG B 66 -44.08 3.00 24.50
N PRO B 67 -44.53 1.90 25.11
CA PRO B 67 -44.12 1.60 26.49
C PRO B 67 -42.65 1.22 26.53
N GLN B 68 -41.91 1.79 27.48
CA GLN B 68 -40.49 1.50 27.66
C GLN B 68 -40.19 1.43 29.15
N GLY B 69 -39.95 0.21 29.62
CA GLY B 69 -39.65 0.01 31.03
C GLY B 69 -40.67 0.67 31.94
N ASP B 70 -40.19 1.59 32.78
CA ASP B 70 -41.04 2.30 33.72
C ASP B 70 -42.01 3.26 33.05
N GLY B 71 -41.52 3.99 32.04
CA GLY B 71 -42.38 4.96 31.36
C GLY B 71 -42.61 4.75 29.88
N TYR B 72 -42.24 5.76 29.09
CA TYR B 72 -42.44 5.67 27.65
C TYR B 72 -41.29 6.27 26.84
N GLU B 73 -41.31 6.00 25.55
CA GLU B 73 -40.31 6.49 24.59
C GLU B 73 -41.06 7.08 23.40
N LEU B 74 -40.69 8.31 23.04
CA LEU B 74 -41.34 9.00 21.92
C LEU B 74 -41.19 8.22 20.62
N VAL B 75 -42.27 8.11 19.88
CA VAL B 75 -42.24 7.39 18.60
C VAL B 75 -42.53 8.34 17.45
N ALA B 76 -43.34 9.37 17.72
CA ALA B 76 -43.69 10.36 16.71
C ALA B 76 -44.04 11.70 17.36
N GLY B 77 -43.66 12.79 16.70
CA GLY B 77 -43.94 14.11 17.21
C GLY B 77 -42.81 14.78 17.98
N GLU B 78 -41.59 14.72 17.44
CA GLU B 78 -40.43 15.34 18.11
C GLU B 78 -40.62 16.79 18.47
N ARG B 79 -41.05 17.60 17.49
CA ARG B 79 -41.25 19.02 17.72
C ARG B 79 -42.28 19.30 18.79
N ARG B 80 -43.46 18.69 18.65
CA ARG B 80 -44.52 18.87 19.63
C ARG B 80 -43.92 18.53 21.00
N TYR B 81 -43.20 17.42 21.05
CA TYR B 81 -42.56 16.95 22.28
C TYR B 81 -41.58 17.97 22.86
N ARG B 82 -40.66 18.45 22.03
CA ARG B 82 -39.68 19.42 22.50
C ARG B 82 -40.32 20.76 22.80
N ALA B 83 -41.40 21.07 22.10
CA ALA B 83 -42.08 22.33 22.34
C ALA B 83 -42.76 22.23 23.71
N ALA B 84 -43.34 21.08 24.00
CA ALA B 84 -44.01 20.86 25.29
C ALA B 84 -43.02 21.05 26.44
N LEU B 85 -41.80 20.56 26.24
CA LEU B 85 -40.75 20.69 27.23
C LEU B 85 -40.43 22.16 27.45
N MET B 86 -40.21 22.90 26.37
CA MET B 86 -39.92 24.33 26.45
C MET B 86 -41.06 25.08 27.14
N ALA B 87 -42.29 24.66 26.85
CA ALA B 87 -43.48 25.29 27.42
C ALA B 87 -43.57 25.08 28.92
N GLY B 88 -42.83 24.10 29.42
CA GLY B 88 -42.84 23.82 30.84
C GLY B 88 -44.03 22.98 31.31
N LEU B 89 -44.71 22.32 30.37
CA LEU B 89 -45.84 21.48 30.74
C LEU B 89 -45.35 20.31 31.57
N GLN B 90 -46.20 19.84 32.48
CA GLN B 90 -45.84 18.72 33.34
C GLN B 90 -46.55 17.46 32.89
N GLU B 91 -47.55 17.62 32.05
CA GLU B 91 -48.30 16.49 31.50
C GLU B 91 -48.78 16.83 30.11
N VAL B 92 -48.88 15.82 29.25
CA VAL B 92 -49.31 16.01 27.87
C VAL B 92 -50.16 14.83 27.43
N PRO B 93 -51.05 15.05 26.47
CA PRO B 93 -51.91 13.96 25.97
C PRO B 93 -51.06 13.06 25.08
N ALA B 94 -51.33 11.77 25.11
CA ALA B 94 -50.56 10.83 24.31
C ALA B 94 -51.31 9.54 24.05
N VAL B 95 -50.77 8.77 23.11
CA VAL B 95 -51.35 7.47 22.77
C VAL B 95 -50.24 6.44 22.90
N VAL B 96 -50.45 5.47 23.77
CA VAL B 96 -49.46 4.42 23.98
C VAL B 96 -49.76 3.24 23.06
N LYS B 97 -48.78 2.86 22.25
CA LYS B 97 -48.92 1.71 21.35
C LYS B 97 -47.71 0.78 21.40
N ASP B 98 -47.96 -0.49 21.68
CA ASP B 98 -46.92 -1.51 21.77
C ASP B 98 -46.24 -1.72 20.43
N LEU B 99 -45.03 -1.20 20.29
CA LEU B 99 -44.29 -1.31 19.04
C LEU B 99 -42.90 -1.92 19.21
N THR B 100 -42.55 -2.84 18.32
CA THR B 100 -41.23 -3.45 18.36
C THR B 100 -40.26 -2.39 17.85
N ASP B 101 -38.96 -2.60 18.03
CA ASP B 101 -37.98 -1.64 17.55
C ASP B 101 -38.13 -1.41 16.05
N ARG B 102 -38.31 -2.50 15.30
CA ARG B 102 -38.47 -2.43 13.86
C ARG B 102 -39.72 -1.64 13.44
N GLU B 103 -40.84 -1.84 14.13
CA GLU B 103 -42.08 -1.13 13.80
C GLU B 103 -41.90 0.36 14.10
N ALA B 104 -41.19 0.68 15.18
CA ALA B 104 -40.97 2.07 15.58
C ALA B 104 -40.11 2.79 14.55
N LEU B 105 -39.11 2.07 14.03
CA LEU B 105 -38.23 2.63 13.02
C LEU B 105 -39.05 2.86 11.76
N GLU B 106 -39.81 1.83 11.36
CA GLU B 106 -40.65 1.92 10.17
C GLU B 106 -41.57 3.14 10.28
N LEU B 107 -42.16 3.34 11.46
CA LEU B 107 -43.03 4.50 11.65
C LEU B 107 -42.25 5.80 11.50
N ALA B 108 -41.04 5.83 12.04
CA ALA B 108 -40.21 7.02 11.95
C ALA B 108 -39.91 7.34 10.48
N LEU B 109 -39.65 6.31 9.70
CA LEU B 109 -39.35 6.50 8.28
C LEU B 109 -40.60 6.97 7.52
N VAL B 110 -41.74 6.37 7.83
CA VAL B 110 -42.97 6.72 7.16
C VAL B 110 -43.45 8.13 7.47
N GLU B 111 -43.34 8.56 8.72
CA GLU B 111 -43.80 9.91 9.05
C GLU B 111 -42.89 10.93 8.38
N ASN B 112 -41.62 10.57 8.26
CA ASN B 112 -40.64 11.44 7.65
C ASN B 112 -40.96 11.59 6.16
N LEU B 113 -41.37 10.49 5.54
CA LEU B 113 -41.72 10.50 4.12
C LEU B 113 -43.05 11.20 3.87
N GLN B 114 -43.69 11.68 4.92
CA GLN B 114 -44.97 12.35 4.76
C GLN B 114 -44.84 13.86 4.91
N ARG B 115 -43.64 14.31 5.25
CA ARG B 115 -43.38 15.73 5.44
C ARG B 115 -43.29 16.54 4.14
N GLU B 116 -43.62 17.83 4.23
CA GLU B 116 -43.54 18.72 3.09
C GLU B 116 -42.07 19.09 2.88
N ASP B 117 -41.23 18.51 3.73
CA ASP B 117 -39.77 18.70 3.78
C ASP B 117 -38.99 17.85 2.79
N LEU B 118 -39.63 16.80 2.29
CA LEU B 118 -39.03 15.82 1.39
C LEU B 118 -38.36 16.20 0.07
N SER B 119 -37.03 16.05 -0.02
CA SER B 119 -36.35 16.30 -1.28
C SER B 119 -36.46 14.94 -1.98
N PRO B 120 -36.38 14.90 -3.31
CA PRO B 120 -36.49 13.58 -3.93
C PRO B 120 -35.38 12.60 -3.55
N VAL B 121 -34.25 13.11 -3.08
CA VAL B 121 -33.16 12.22 -2.69
C VAL B 121 -33.50 11.55 -1.36
N GLU B 122 -33.97 12.33 -0.39
CA GLU B 122 -34.35 11.78 0.91
C GLU B 122 -35.50 10.79 0.73
N GLU B 123 -36.38 11.08 -0.21
CA GLU B 123 -37.50 10.19 -0.49
C GLU B 123 -36.94 8.82 -0.87
N ALA B 124 -35.93 8.83 -1.74
CA ALA B 124 -35.30 7.61 -2.19
C ALA B 124 -34.61 6.86 -1.04
N ARG B 125 -33.88 7.60 -0.20
CA ARG B 125 -33.20 6.96 0.93
C ARG B 125 -34.21 6.35 1.90
N GLY B 126 -35.37 6.99 2.01
CA GLY B 126 -36.41 6.47 2.88
C GLY B 126 -36.95 5.16 2.36
N TYR B 127 -37.32 5.15 1.08
CA TYR B 127 -37.84 3.94 0.43
C TYR B 127 -36.83 2.82 0.57
N GLN B 128 -35.57 3.11 0.30
CA GLN B 128 -34.53 2.09 0.38
C GLN B 128 -34.38 1.53 1.79
N ALA B 129 -34.50 2.39 2.79
CA ALA B 129 -34.39 1.94 4.18
C ALA B 129 -35.52 0.95 4.49
N LEU B 130 -36.72 1.28 4.03
CA LEU B 130 -37.89 0.42 4.25
C LEU B 130 -37.70 -0.93 3.56
N LEU B 131 -37.11 -0.93 2.37
CA LEU B 131 -36.87 -2.18 1.65
C LEU B 131 -35.87 -3.02 2.45
N GLU B 132 -34.83 -2.38 2.96
CA GLU B 132 -33.82 -3.07 3.75
C GLU B 132 -34.41 -3.72 4.99
N MET B 133 -35.54 -3.19 5.46
CA MET B 133 -36.20 -3.73 6.64
C MET B 133 -37.11 -4.92 6.29
N GLY B 134 -37.18 -5.24 5.00
CA GLY B 134 -38.00 -6.36 4.58
C GLY B 134 -39.23 -6.07 3.74
N LEU B 135 -39.65 -4.81 3.65
CA LEU B 135 -40.82 -4.49 2.86
C LEU B 135 -40.44 -4.53 1.38
N THR B 136 -41.42 -4.73 0.50
CA THR B 136 -41.15 -4.73 -0.93
C THR B 136 -41.79 -3.46 -1.46
N GLN B 137 -41.32 -3.00 -2.61
CA GLN B 137 -41.85 -1.77 -3.19
C GLN B 137 -43.37 -1.64 -3.10
N GLU B 138 -44.08 -2.73 -3.40
CA GLU B 138 -45.54 -2.72 -3.37
C GLU B 138 -46.13 -2.25 -2.05
N GLU B 139 -45.72 -2.89 -0.95
CA GLU B 139 -46.22 -2.52 0.38
C GLU B 139 -45.67 -1.17 0.84
N VAL B 140 -44.47 -0.82 0.36
CA VAL B 140 -43.85 0.45 0.69
C VAL B 140 -44.67 1.55 0.06
N ALA B 141 -45.11 1.32 -1.18
CA ALA B 141 -45.93 2.27 -1.90
C ALA B 141 -47.27 2.37 -1.18
N ARG B 142 -47.77 1.22 -0.77
CA ARG B 142 -49.05 1.15 -0.07
C ARG B 142 -48.87 1.61 1.37
N ARG B 143 -47.68 2.10 1.69
CA ARG B 143 -47.39 2.57 3.04
C ARG B 143 -47.22 4.09 3.03
N VAL B 144 -46.96 4.66 1.87
CA VAL B 144 -46.77 6.10 1.74
C VAL B 144 -47.81 6.74 0.84
N GLY B 145 -48.67 5.91 0.25
CA GLY B 145 -49.72 6.43 -0.62
C GLY B 145 -49.23 6.87 -1.98
N LYS B 146 -48.43 6.04 -2.63
CA LYS B 146 -47.91 6.36 -3.96
C LYS B 146 -47.82 5.11 -4.83
N ALA B 147 -47.72 5.30 -6.14
CA ALA B 147 -47.65 4.18 -7.07
C ALA B 147 -46.33 3.44 -6.95
N ARG B 148 -46.36 2.13 -7.21
CA ARG B 148 -45.15 1.34 -7.11
C ARG B 148 -44.07 1.90 -8.02
N SER B 149 -44.48 2.40 -9.17
CA SER B 149 -43.54 2.97 -10.14
C SER B 149 -42.84 4.19 -9.56
N THR B 150 -43.56 4.97 -8.75
CA THR B 150 -43.00 6.16 -8.13
C THR B 150 -41.85 5.78 -7.20
N VAL B 151 -42.03 4.69 -6.46
CA VAL B 151 -41.02 4.22 -5.54
C VAL B 151 -39.81 3.68 -6.29
N ALA B 152 -40.07 2.88 -7.32
CA ALA B 152 -38.99 2.30 -8.13
C ALA B 152 -38.18 3.40 -8.81
N ASN B 153 -38.86 4.43 -9.31
CA ASN B 153 -38.17 5.52 -9.97
C ASN B 153 -37.30 6.32 -9.02
N ALA B 154 -37.80 6.52 -7.81
CA ALA B 154 -37.07 7.26 -6.79
C ALA B 154 -35.80 6.51 -6.42
N LEU B 155 -35.92 5.20 -6.25
CA LEU B 155 -34.79 4.35 -5.88
C LEU B 155 -33.64 4.42 -6.88
N ARG B 156 -33.97 4.53 -8.16
CA ARG B 156 -32.96 4.64 -9.20
C ARG B 156 -32.02 5.82 -8.95
N LEU B 157 -32.53 6.90 -8.35
CA LEU B 157 -31.70 8.07 -8.08
C LEU B 157 -30.46 7.71 -7.27
N LEU B 158 -30.59 6.71 -6.39
CA LEU B 158 -29.49 6.32 -5.55
C LEU B 158 -28.26 5.74 -6.22
N GLN B 159 -28.30 5.51 -7.53
CA GLN B 159 -27.13 5.01 -8.20
C GLN B 159 -26.33 6.15 -8.84
N LEU B 160 -26.81 7.38 -8.65
CA LEU B 160 -26.11 8.55 -9.18
C LEU B 160 -24.94 8.88 -8.27
N PRO B 161 -23.88 9.48 -8.83
CA PRO B 161 -22.74 9.82 -7.98
C PRO B 161 -23.17 10.87 -6.94
N PRO B 162 -22.51 10.88 -5.77
CA PRO B 162 -22.80 11.81 -4.67
C PRO B 162 -22.96 13.28 -5.09
N GLU B 163 -22.06 13.80 -5.91
CA GLU B 163 -22.17 15.20 -6.34
C GLU B 163 -23.43 15.47 -7.16
N ALA B 164 -23.92 14.46 -7.88
CA ALA B 164 -25.14 14.65 -8.67
C ALA B 164 -26.33 14.76 -7.73
N LEU B 165 -26.34 13.94 -6.69
CA LEU B 165 -27.41 13.96 -5.72
C LEU B 165 -27.39 15.27 -4.91
N GLU B 166 -26.20 15.82 -4.67
CA GLU B 166 -26.09 17.08 -3.95
C GLU B 166 -26.64 18.23 -4.80
N ALA B 167 -26.30 18.22 -6.07
CA ALA B 167 -26.75 19.26 -6.98
C ALA B 167 -28.27 19.27 -6.99
N LEU B 168 -28.85 18.07 -6.93
CA LEU B 168 -30.30 17.90 -6.92
C LEU B 168 -30.88 18.47 -5.62
N GLU B 169 -30.25 18.17 -4.50
CA GLU B 169 -30.77 18.69 -3.24
C GLU B 169 -30.62 20.21 -3.18
N ARG B 170 -29.60 20.76 -3.81
CA ARG B 170 -29.41 22.20 -3.84
C ARG B 170 -30.38 22.87 -4.81
N GLY B 171 -30.96 22.07 -5.72
CA GLY B 171 -31.87 22.63 -6.68
C GLY B 171 -31.17 23.18 -7.90
N GLU B 172 -29.89 22.83 -8.05
CA GLU B 172 -29.12 23.28 -9.18
C GLU B 172 -29.54 22.52 -10.45
N ILE B 173 -30.14 21.35 -10.27
CA ILE B 173 -30.62 20.54 -11.40
C ILE B 173 -31.94 19.92 -10.95
N THR B 174 -32.73 19.43 -11.90
CA THR B 174 -34.03 18.82 -11.59
C THR B 174 -33.98 17.30 -11.61
N ALA B 175 -35.07 16.69 -11.17
CA ALA B 175 -35.21 15.24 -11.15
C ALA B 175 -35.11 14.72 -12.59
N GLY B 176 -35.58 15.53 -13.53
CA GLY B 176 -35.48 15.13 -14.93
C GLY B 176 -34.02 15.08 -15.35
N HIS B 177 -33.23 16.08 -14.95
CA HIS B 177 -31.80 16.10 -15.27
C HIS B 177 -31.15 14.84 -14.71
N ALA B 178 -31.53 14.51 -13.48
CA ALA B 178 -31.01 13.35 -12.79
C ALA B 178 -31.33 12.10 -13.61
N ARG B 179 -32.55 12.02 -14.13
CA ARG B 179 -32.93 10.87 -14.94
C ARG B 179 -32.14 10.83 -16.25
N ALA B 180 -31.81 12.00 -16.79
CA ALA B 180 -31.03 12.05 -18.02
C ALA B 180 -29.61 11.52 -17.72
N LEU B 181 -29.09 11.86 -16.55
CA LEU B 181 -27.75 11.41 -16.18
C LEU B 181 -27.70 9.90 -15.99
N LEU B 182 -28.80 9.31 -15.53
CA LEU B 182 -28.86 7.88 -15.33
C LEU B 182 -28.76 7.12 -16.65
N MET B 183 -29.04 7.82 -17.75
CA MET B 183 -28.99 7.19 -19.07
C MET B 183 -27.58 7.17 -19.61
N LEU B 184 -26.67 7.90 -18.97
CA LEU B 184 -25.28 7.93 -19.40
C LEU B 184 -24.56 6.80 -18.68
N GLU B 185 -23.50 6.30 -19.29
CA GLU B 185 -22.72 5.23 -18.65
C GLU B 185 -22.13 5.82 -17.36
N PRO B 186 -22.04 5.01 -16.30
CA PRO B 186 -21.52 5.45 -15.01
C PRO B 186 -20.32 6.39 -15.07
N GLU B 187 -19.32 6.02 -15.86
CA GLU B 187 -18.12 6.81 -15.95
C GLU B 187 -18.22 8.14 -16.70
N ASP B 188 -19.42 8.48 -17.15
CA ASP B 188 -19.60 9.74 -17.88
C ASP B 188 -20.53 10.68 -17.11
N ARG B 189 -21.11 10.17 -16.03
CA ARG B 189 -22.06 10.95 -15.25
C ARG B 189 -21.55 12.25 -14.68
N LEU B 190 -20.31 12.26 -14.18
CA LEU B 190 -19.75 13.49 -13.65
C LEU B 190 -19.54 14.48 -14.78
N TRP B 191 -19.05 13.99 -15.91
CA TRP B 191 -18.84 14.86 -17.06
C TRP B 191 -20.18 15.48 -17.46
N GLY B 192 -21.21 14.65 -17.55
CA GLY B 192 -22.52 15.15 -17.94
C GLY B 192 -23.10 16.16 -16.97
N LEU B 193 -22.84 15.93 -15.68
CA LEU B 193 -23.33 16.81 -14.64
C LEU B 193 -22.64 18.18 -14.82
N LYS B 194 -21.34 18.18 -15.10
CA LYS B 194 -20.61 19.44 -15.29
C LYS B 194 -21.20 20.19 -16.49
N GLU B 195 -21.49 19.46 -17.56
CA GLU B 195 -22.06 20.06 -18.76
C GLU B 195 -23.36 20.77 -18.42
N ILE B 196 -24.28 20.07 -17.77
CA ILE B 196 -25.55 20.64 -17.40
C ILE B 196 -25.38 21.89 -16.56
N LEU B 197 -24.44 21.85 -15.62
CA LEU B 197 -24.20 22.99 -14.73
C LEU B 197 -23.56 24.21 -15.37
N GLU B 198 -22.47 24.04 -16.11
CA GLU B 198 -21.81 25.20 -16.72
C GLU B 198 -22.66 25.85 -17.80
N LYS B 199 -23.25 25.05 -18.68
CA LYS B 199 -24.14 25.59 -19.70
C LYS B 199 -25.45 25.56 -18.93
N GLY B 200 -26.53 26.13 -19.45
CA GLY B 200 -27.76 26.07 -18.68
C GLY B 200 -28.69 25.03 -19.24
N LEU B 201 -28.15 23.87 -19.57
CA LEU B 201 -28.93 22.81 -20.19
C LEU B 201 -30.27 22.46 -19.54
N SER B 202 -31.26 22.31 -20.41
CA SER B 202 -32.60 21.95 -20.01
C SER B 202 -32.60 20.42 -19.96
N VAL B 203 -33.67 19.82 -19.46
CA VAL B 203 -33.70 18.36 -19.44
C VAL B 203 -33.54 17.80 -20.85
N ARG B 204 -34.31 18.33 -21.79
CA ARG B 204 -34.23 17.87 -23.18
C ARG B 204 -32.77 17.95 -23.65
N GLN B 205 -32.08 19.03 -23.29
CA GLN B 205 -30.69 19.19 -23.69
C GLN B 205 -29.80 18.12 -23.05
N ALA B 206 -30.07 17.75 -21.80
CA ALA B 206 -29.28 16.72 -21.15
C ALA B 206 -29.53 15.36 -21.79
N GLU B 207 -30.71 15.18 -22.37
CA GLU B 207 -31.04 13.94 -23.03
C GLU B 207 -30.13 13.83 -24.25
N ALA B 208 -29.84 14.98 -24.84
CA ALA B 208 -28.98 15.06 -26.01
C ALA B 208 -27.52 14.94 -25.59
N LEU B 209 -27.26 14.67 -24.32
CA LEU B 209 -25.89 14.53 -23.86
C LEU B 209 -25.47 13.09 -23.90
N ARG B 210 -26.21 12.26 -24.62
CA ARG B 210 -25.86 10.85 -24.71
C ARG B 210 -25.33 10.54 -26.11
N GLU B 211 -26.10 10.93 -27.12
CA GLU B 211 -25.72 10.73 -28.51
C GLU B 211 -24.52 11.59 -28.87
N ARG B 212 -24.18 12.53 -28.00
CA ARG B 212 -23.05 13.41 -28.23
C ARG B 212 -21.75 12.75 -27.76
N LEU B 213 -21.88 11.76 -26.89
CA LEU B 213 -20.71 11.06 -26.37
C LEU B 213 -20.22 9.93 -27.25
N ALA B 214 -20.50 10.03 -28.55
CA ALA B 214 -20.05 9.01 -29.50
C ALA B 214 -19.48 9.67 -30.75
N MET B 215 -18.74 10.67 -30.60
N VAL C 23 -12.41 -24.16 -24.93
CA VAL C 23 -13.33 -23.27 -24.14
C VAL C 23 -14.62 -22.96 -24.90
N VAL C 24 -15.75 -23.23 -24.26
CA VAL C 24 -17.05 -22.99 -24.90
C VAL C 24 -17.98 -22.25 -23.97
N ARG C 25 -19.09 -21.78 -24.52
CA ARG C 25 -20.08 -21.04 -23.77
C ARG C 25 -21.26 -21.97 -23.48
N LEU C 26 -21.48 -22.30 -22.21
CA LEU C 26 -22.56 -23.20 -21.82
C LEU C 26 -23.63 -22.49 -20.98
N PRO C 27 -24.90 -22.92 -21.11
CA PRO C 27 -25.96 -22.29 -20.32
C PRO C 27 -25.84 -22.78 -18.88
N LEU C 28 -25.94 -21.85 -17.94
CA LEU C 28 -25.82 -22.17 -16.54
C LEU C 28 -26.83 -23.23 -16.12
N ALA C 29 -28.04 -23.15 -16.68
CA ALA C 29 -29.11 -24.09 -16.39
C ALA C 29 -28.75 -25.53 -16.77
N SER C 30 -27.72 -25.70 -17.60
CA SER C 30 -27.36 -27.03 -17.99
C SER C 30 -26.10 -27.55 -17.25
N ILE C 31 -25.74 -26.87 -16.16
CA ILE C 31 -24.59 -27.27 -15.34
C ILE C 31 -25.07 -27.47 -13.90
N ARG C 32 -25.00 -28.71 -13.43
CA ARG C 32 -25.43 -29.03 -12.06
C ARG C 32 -24.27 -28.87 -11.08
N PRO C 33 -24.58 -28.68 -9.80
CA PRO C 33 -23.47 -28.52 -8.85
C PRO C 33 -22.55 -29.74 -8.71
N ASN C 34 -21.36 -29.49 -8.19
CA ASN C 34 -20.37 -30.53 -7.97
C ASN C 34 -20.80 -31.36 -6.76
N PRO C 35 -21.11 -32.66 -6.97
CA PRO C 35 -21.52 -33.53 -5.86
C PRO C 35 -20.35 -33.89 -4.92
N ARG C 36 -19.12 -33.71 -5.39
CA ARG C 36 -17.95 -34.01 -4.57
C ARG C 36 -17.66 -32.83 -3.65
N GLN C 37 -17.86 -33.03 -2.36
CA GLN C 37 -17.63 -31.98 -1.38
C GLN C 37 -16.78 -32.55 -0.25
N PRO C 38 -15.55 -32.96 -0.55
CA PRO C 38 -14.64 -33.53 0.44
C PRO C 38 -14.47 -32.71 1.74
N ARG C 39 -14.43 -31.40 1.60
CA ARG C 39 -14.29 -30.53 2.77
C ARG C 39 -15.45 -30.76 3.76
N LYS C 40 -16.67 -30.78 3.23
CA LYS C 40 -17.83 -30.98 4.06
C LYS C 40 -17.85 -32.40 4.62
N ARG C 41 -17.42 -33.36 3.80
CA ARG C 41 -17.40 -34.74 4.22
C ARG C 41 -16.42 -34.94 5.36
N PHE C 42 -15.28 -34.28 5.28
CA PHE C 42 -14.26 -34.37 6.31
C PHE C 42 -14.73 -33.75 7.62
N ALA C 43 -15.45 -32.64 7.53
CA ALA C 43 -15.96 -31.98 8.72
C ALA C 43 -16.94 -32.90 9.45
N GLU C 44 -17.81 -33.57 8.69
CA GLU C 44 -18.79 -34.49 9.27
C GLU C 44 -18.12 -35.70 9.92
N GLU C 45 -17.11 -36.23 9.23
CA GLU C 45 -16.38 -37.39 9.74
C GLU C 45 -15.71 -37.05 11.06
N SER C 46 -14.97 -35.95 11.11
CA SER C 46 -14.28 -35.57 12.33
C SER C 46 -15.25 -35.18 13.45
N LEU C 47 -16.39 -34.60 13.08
CA LEU C 47 -17.41 -34.22 14.05
C LEU C 47 -17.88 -35.51 14.73
N LYS C 48 -18.15 -36.52 13.91
CA LYS C 48 -18.61 -37.81 14.41
C LYS C 48 -17.54 -38.50 15.25
N GLU C 49 -16.29 -38.42 14.81
CA GLU C 49 -15.20 -39.04 15.54
C GLU C 49 -15.00 -38.37 16.91
N LEU C 50 -15.26 -37.07 16.97
CA LEU C 50 -15.13 -36.32 18.22
C LEU C 50 -16.28 -36.73 19.13
N ALA C 51 -17.46 -36.88 18.55
CA ALA C 51 -18.65 -37.27 19.30
C ALA C 51 -18.52 -38.67 19.89
N ASP C 52 -18.04 -39.62 19.10
CA ASP C 52 -17.87 -41.00 19.56
C ASP C 52 -16.94 -41.07 20.76
N SER C 53 -15.88 -40.29 20.72
CA SER C 53 -14.90 -40.27 21.80
C SER C 53 -15.44 -39.67 23.10
N ILE C 54 -16.27 -38.64 23.01
CA ILE C 54 -16.80 -38.03 24.21
C ILE C 54 -17.96 -38.82 24.82
N ARG C 55 -18.57 -39.72 24.05
CA ARG C 55 -19.65 -40.53 24.60
C ARG C 55 -19.05 -41.33 25.74
N GLU C 56 -17.77 -41.64 25.62
CA GLU C 56 -17.04 -42.42 26.61
C GLU C 56 -16.57 -41.60 27.81
N LYS C 57 -15.67 -40.64 27.55
CA LYS C 57 -15.13 -39.82 28.61
C LYS C 57 -15.79 -38.45 28.82
N GLY C 58 -16.84 -38.16 28.07
CA GLY C 58 -17.49 -36.87 28.23
C GLY C 58 -16.70 -35.77 27.54
N LEU C 59 -17.14 -34.53 27.70
CA LEU C 59 -16.46 -33.42 27.05
C LEU C 59 -15.01 -33.18 27.47
N LEU C 60 -14.18 -32.90 26.48
CA LEU C 60 -12.76 -32.63 26.65
C LEU C 60 -12.54 -31.38 27.50
N GLN C 61 -12.58 -30.22 26.85
CA GLN C 61 -12.41 -28.95 27.54
C GLN C 61 -13.73 -28.21 27.65
N PRO C 62 -13.84 -27.31 28.64
CA PRO C 62 -15.05 -26.53 28.89
C PRO C 62 -15.59 -25.78 27.69
N LEU C 63 -16.92 -25.64 27.66
CA LEU C 63 -17.58 -24.86 26.62
C LEU C 63 -17.61 -23.47 27.23
N LEU C 64 -17.82 -22.45 26.44
CA LEU C 64 -17.87 -21.10 26.98
C LEU C 64 -19.29 -20.62 26.71
N VAL C 65 -20.00 -20.24 27.77
CA VAL C 65 -21.37 -19.78 27.60
C VAL C 65 -21.67 -18.48 28.35
N ARG C 66 -22.83 -17.92 28.06
CA ARG C 66 -23.28 -16.71 28.73
C ARG C 66 -24.74 -16.92 29.11
N PRO C 67 -25.19 -16.26 30.19
CA PRO C 67 -26.58 -16.38 30.66
C PRO C 67 -27.59 -15.85 29.63
N GLN C 68 -28.66 -16.60 29.44
CA GLN C 68 -29.72 -16.21 28.50
C GLN C 68 -31.08 -16.74 28.94
N GLY C 69 -31.98 -15.82 29.28
CA GLY C 69 -33.31 -16.18 29.70
C GLY C 69 -33.36 -17.21 30.81
N ASP C 70 -33.93 -18.37 30.51
CA ASP C 70 -34.04 -19.45 31.48
C ASP C 70 -32.72 -20.19 31.62
N GLY C 71 -31.95 -20.27 30.53
CA GLY C 71 -30.67 -20.98 30.56
C GLY C 71 -29.44 -20.24 30.05
N TYR C 72 -28.77 -20.82 29.06
CA TYR C 72 -27.55 -20.21 28.50
C TYR C 72 -27.48 -20.23 26.98
N GLU C 73 -26.53 -19.48 26.45
CA GLU C 73 -26.29 -19.37 25.01
C GLU C 73 -24.80 -19.63 24.78
N LEU C 74 -24.50 -20.53 23.84
CA LEU C 74 -23.12 -20.87 23.51
C LEU C 74 -22.37 -19.64 23.03
N VAL C 75 -21.15 -19.45 23.53
CA VAL C 75 -20.34 -18.30 23.12
C VAL C 75 -19.06 -18.75 22.42
N ALA C 76 -18.58 -19.96 22.76
CA ALA C 76 -17.38 -20.52 22.14
C ALA C 76 -17.34 -22.04 22.27
N GLY C 77 -16.88 -22.71 21.22
CA GLY C 77 -16.80 -24.17 21.23
C GLY C 77 -17.95 -24.83 20.50
N GLU C 78 -18.30 -24.31 19.33
CA GLU C 78 -19.40 -24.84 18.55
C GLU C 78 -19.27 -26.34 18.26
N ARG C 79 -18.11 -26.78 17.76
CA ARG C 79 -17.93 -28.20 17.45
C ARG C 79 -17.98 -29.07 18.69
N ARG C 80 -17.37 -28.56 19.76
CA ARG C 80 -17.37 -29.27 21.03
C ARG C 80 -18.85 -29.45 21.41
N TYR C 81 -19.59 -28.36 21.29
CA TYR C 81 -21.02 -28.33 21.64
C TYR C 81 -21.85 -29.30 20.82
N ARG C 82 -21.67 -29.28 19.50
CA ARG C 82 -22.44 -30.17 18.64
C ARG C 82 -22.05 -31.63 18.76
N ALA C 83 -20.80 -31.89 19.12
CA ALA C 83 -20.36 -33.26 19.29
C ALA C 83 -20.97 -33.81 20.57
N ALA C 84 -21.14 -32.94 21.57
CA ALA C 84 -21.73 -33.35 22.84
C ALA C 84 -23.17 -33.76 22.60
N LEU C 85 -23.84 -33.05 21.71
CA LEU C 85 -25.22 -33.35 21.37
C LEU C 85 -25.28 -34.72 20.70
N MET C 86 -24.43 -34.92 19.68
CA MET C 86 -24.37 -36.18 18.97
C MET C 86 -24.07 -37.33 19.93
N ALA C 87 -23.19 -37.08 20.89
CA ALA C 87 -22.79 -38.09 21.87
C ALA C 87 -23.95 -38.47 22.79
N GLY C 88 -25.00 -37.65 22.78
CA GLY C 88 -26.16 -37.92 23.61
C GLY C 88 -25.96 -37.61 25.09
N LEU C 89 -25.03 -36.72 25.40
CA LEU C 89 -24.79 -36.35 26.79
C LEU C 89 -25.93 -35.50 27.33
N GLN C 90 -26.19 -35.62 28.63
CA GLN C 90 -27.26 -34.86 29.29
C GLN C 90 -26.71 -33.62 29.95
N GLU C 91 -25.44 -33.68 30.34
CA GLU C 91 -24.81 -32.55 30.99
C GLU C 91 -23.37 -32.42 30.51
N VAL C 92 -22.88 -31.18 30.49
CA VAL C 92 -21.53 -30.91 30.05
C VAL C 92 -20.92 -29.82 30.92
N PRO C 93 -19.59 -29.83 31.06
CA PRO C 93 -18.90 -28.82 31.86
C PRO C 93 -18.88 -27.50 31.10
N ALA C 94 -19.08 -26.39 31.82
CA ALA C 94 -19.09 -25.10 31.16
C ALA C 94 -18.62 -23.98 32.07
N VAL C 95 -18.44 -22.82 31.47
CA VAL C 95 -18.04 -21.62 32.19
C VAL C 95 -19.00 -20.52 31.82
N VAL C 96 -19.76 -20.04 32.81
CA VAL C 96 -20.72 -18.98 32.57
C VAL C 96 -20.07 -17.61 32.77
N LYS C 97 -20.23 -16.73 31.79
CA LYS C 97 -19.67 -15.38 31.86
C LYS C 97 -20.67 -14.37 31.32
N ASP C 98 -20.89 -13.28 32.07
CA ASP C 98 -21.82 -12.25 31.64
C ASP C 98 -21.16 -11.46 30.53
N LEU C 99 -21.68 -11.61 29.31
CA LEU C 99 -21.13 -10.93 28.15
C LEU C 99 -22.21 -10.21 27.36
N THR C 100 -21.93 -8.98 26.96
CA THR C 100 -22.89 -8.22 26.17
C THR C 100 -22.83 -8.79 24.74
N ASP C 101 -23.84 -8.50 23.95
CA ASP C 101 -23.87 -8.98 22.57
C ASP C 101 -22.57 -8.63 21.87
N ARG C 102 -22.13 -7.40 22.08
CA ARG C 102 -20.91 -6.89 21.48
C ARG C 102 -19.67 -7.70 21.86
N GLU C 103 -19.56 -8.08 23.14
CA GLU C 103 -18.40 -8.87 23.59
C GLU C 103 -18.46 -10.28 23.01
N ALA C 104 -19.68 -10.82 22.94
CA ALA C 104 -19.87 -12.16 22.42
C ALA C 104 -19.43 -12.22 20.96
N LEU C 105 -19.74 -11.17 20.22
CA LEU C 105 -19.37 -11.10 18.81
C LEU C 105 -17.86 -10.97 18.71
N GLU C 106 -17.29 -10.10 19.53
CA GLU C 106 -15.86 -9.90 19.55
C GLU C 106 -15.16 -11.23 19.84
N LEU C 107 -15.69 -11.99 20.80
CA LEU C 107 -15.10 -13.28 21.13
C LEU C 107 -15.22 -14.24 19.95
N ALA C 108 -16.36 -14.22 19.27
CA ALA C 108 -16.55 -15.11 18.14
C ALA C 108 -15.54 -14.80 17.04
N LEU C 109 -15.33 -13.52 16.78
CA LEU C 109 -14.37 -13.11 15.76
C LEU C 109 -12.96 -13.50 16.18
N VAL C 110 -12.62 -13.26 17.44
CA VAL C 110 -11.28 -13.60 17.93
C VAL C 110 -10.97 -15.09 17.92
N GLU C 111 -11.90 -15.94 18.34
CA GLU C 111 -11.62 -17.38 18.36
C GLU C 111 -11.46 -17.87 16.92
N ASN C 112 -12.20 -17.24 16.02
CA ASN C 112 -12.14 -17.60 14.62
C ASN C 112 -10.76 -17.23 14.07
N LEU C 113 -10.26 -16.04 14.42
CA LEU C 113 -8.97 -15.57 13.96
C LEU C 113 -7.78 -16.38 14.49
N GLN C 114 -8.03 -17.27 15.45
CA GLN C 114 -6.97 -18.07 16.03
C GLN C 114 -6.82 -19.44 15.37
N ARG C 115 -7.88 -19.88 14.70
CA ARG C 115 -7.90 -21.18 14.05
C ARG C 115 -6.82 -21.37 12.99
N GLU C 116 -6.37 -22.60 12.82
CA GLU C 116 -5.36 -22.95 11.84
C GLU C 116 -6.01 -22.93 10.46
N ASP C 117 -7.31 -22.65 10.49
CA ASP C 117 -8.19 -22.56 9.33
C ASP C 117 -8.10 -21.28 8.50
N LEU C 118 -7.69 -20.20 9.14
CA LEU C 118 -7.61 -18.86 8.54
C LEU C 118 -6.86 -18.64 7.22
N SER C 119 -7.57 -18.15 6.20
CA SER C 119 -6.90 -17.81 4.94
C SER C 119 -6.54 -16.35 5.19
N PRO C 120 -5.55 -15.80 4.48
CA PRO C 120 -5.26 -14.39 4.78
C PRO C 120 -6.42 -13.43 4.47
N VAL C 121 -7.34 -13.84 3.61
CA VAL C 121 -8.48 -12.97 3.28
C VAL C 121 -9.46 -12.94 4.45
N GLU C 122 -9.74 -14.10 5.02
CA GLU C 122 -10.64 -14.18 6.16
C GLU C 122 -10.00 -13.47 7.32
N GLU C 123 -8.69 -13.56 7.42
CA GLU C 123 -7.97 -12.89 8.48
C GLU C 123 -8.26 -11.41 8.39
N ALA C 124 -8.15 -10.85 7.18
CA ALA C 124 -8.40 -9.43 6.97
C ALA C 124 -9.85 -9.05 7.28
N ARG C 125 -10.81 -9.86 6.85
CA ARG C 125 -12.22 -9.56 7.11
C ARG C 125 -12.50 -9.53 8.61
N GLY C 126 -11.83 -10.42 9.34
CA GLY C 126 -11.99 -10.47 10.79
C GLY C 126 -11.50 -9.20 11.43
N TYR C 127 -10.29 -8.78 11.07
CA TYR C 127 -9.72 -7.55 11.64
C TYR C 127 -10.64 -6.38 11.34
N GLN C 128 -11.10 -6.30 10.09
CA GLN C 128 -11.99 -5.21 9.71
C GLN C 128 -13.28 -5.19 10.53
N ALA C 129 -13.82 -6.37 10.84
CA ALA C 129 -15.03 -6.45 11.63
C ALA C 129 -14.77 -5.93 13.03
N LEU C 130 -13.60 -6.26 13.59
CA LEU C 130 -13.26 -5.80 14.93
C LEU C 130 -13.12 -4.29 14.96
N LEU C 131 -12.58 -3.71 13.89
CA LEU C 131 -12.42 -2.27 13.78
C LEU C 131 -13.79 -1.60 13.73
N GLU C 132 -14.70 -2.18 12.96
CA GLU C 132 -16.04 -1.65 12.82
C GLU C 132 -16.78 -1.66 14.14
N MET C 133 -16.32 -2.49 15.06
CA MET C 133 -16.93 -2.59 16.36
C MET C 133 -16.32 -1.57 17.32
N GLY C 134 -15.38 -0.78 16.83
CA GLY C 134 -14.76 0.22 17.67
C GLY C 134 -13.33 -0.03 18.13
N LEU C 135 -12.80 -1.22 17.89
CA LEU C 135 -11.43 -1.50 18.30
C LEU C 135 -10.40 -0.85 17.41
N THR C 136 -9.18 -0.78 17.93
CA THR C 136 -8.05 -0.19 17.24
C THR C 136 -7.19 -1.35 16.79
N GLN C 137 -6.33 -1.10 15.81
CA GLN C 137 -5.44 -2.12 15.30
C GLN C 137 -4.60 -2.66 16.46
N GLU C 138 -4.28 -1.79 17.40
CA GLU C 138 -3.49 -2.13 18.58
C GLU C 138 -4.20 -3.20 19.41
N GLU C 139 -5.44 -2.91 19.80
CA GLU C 139 -6.24 -3.82 20.61
C GLU C 139 -6.51 -5.11 19.83
N VAL C 140 -6.78 -4.93 18.53
CA VAL C 140 -7.02 -6.05 17.63
C VAL C 140 -5.78 -6.93 17.63
N ALA C 141 -4.64 -6.31 17.38
CA ALA C 141 -3.35 -7.00 17.34
C ALA C 141 -3.12 -7.73 18.66
N ARG C 142 -3.39 -7.03 19.75
CA ARG C 142 -3.22 -7.60 21.07
C ARG C 142 -4.13 -8.80 21.24
N ARG C 143 -5.43 -8.60 21.03
CA ARG C 143 -6.40 -9.66 21.16
C ARG C 143 -6.05 -10.88 20.31
N VAL C 144 -5.24 -10.69 19.26
CA VAL C 144 -4.87 -11.82 18.40
C VAL C 144 -3.39 -12.19 18.50
N GLY C 145 -2.60 -11.38 19.19
CA GLY C 145 -1.19 -11.67 19.35
C GLY C 145 -0.34 -11.48 18.10
N LYS C 146 -0.47 -10.32 17.48
CA LYS C 146 0.30 -10.01 16.27
C LYS C 146 0.66 -8.53 16.25
N ALA C 147 1.64 -8.18 15.41
CA ALA C 147 2.07 -6.79 15.31
C ALA C 147 1.02 -5.92 14.62
N ARG C 148 0.99 -4.65 14.98
CA ARG C 148 0.03 -3.73 14.39
C ARG C 148 0.22 -3.71 12.87
N SER C 149 1.46 -3.80 12.43
CA SER C 149 1.78 -3.79 11.00
C SER C 149 1.18 -5.00 10.31
N THR C 150 1.13 -6.13 11.00
CA THR C 150 0.56 -7.34 10.42
C THR C 150 -0.93 -7.13 10.15
N VAL C 151 -1.60 -6.46 11.07
CA VAL C 151 -3.03 -6.17 10.94
C VAL C 151 -3.29 -5.17 9.81
N ALA C 152 -2.49 -4.11 9.76
CA ALA C 152 -2.65 -3.09 8.73
C ALA C 152 -2.43 -3.69 7.34
N ASN C 153 -1.42 -4.53 7.23
CA ASN C 153 -1.11 -5.18 5.96
C ASN C 153 -2.21 -6.12 5.50
N ALA C 154 -2.84 -6.83 6.44
CA ALA C 154 -3.92 -7.73 6.09
C ALA C 154 -5.11 -6.94 5.59
N LEU C 155 -5.45 -5.85 6.28
CA LEU C 155 -6.58 -5.00 5.88
C LEU C 155 -6.45 -4.47 4.44
N ARG C 156 -5.22 -4.19 4.02
CA ARG C 156 -4.99 -3.69 2.67
C ARG C 156 -5.52 -4.64 1.60
N LEU C 157 -5.51 -5.94 1.89
CA LEU C 157 -6.00 -6.92 0.92
C LEU C 157 -7.44 -6.65 0.52
N LEU C 158 -8.23 -6.10 1.44
CA LEU C 158 -9.63 -5.83 1.17
C LEU C 158 -9.93 -4.79 0.08
N GLN C 159 -8.91 -4.13 -0.45
CA GLN C 159 -9.19 -3.19 -1.51
C GLN C 159 -8.96 -3.84 -2.87
N LEU C 160 -8.67 -5.13 -2.85
CA LEU C 160 -8.44 -5.86 -4.09
C LEU C 160 -9.78 -6.30 -4.67
N PRO C 161 -9.87 -6.47 -5.99
CA PRO C 161 -11.15 -6.90 -6.56
C PRO C 161 -11.48 -8.33 -6.10
N PRO C 162 -12.78 -8.65 -5.96
CA PRO C 162 -13.24 -9.97 -5.52
C PRO C 162 -12.51 -11.16 -6.19
N GLU C 163 -12.37 -11.14 -7.51
CA GLU C 163 -11.69 -12.24 -8.18
C GLU C 163 -10.22 -12.41 -7.75
N ALA C 164 -9.56 -11.31 -7.37
CA ALA C 164 -8.18 -11.43 -6.92
C ALA C 164 -8.19 -12.10 -5.54
N LEU C 165 -9.15 -11.74 -4.70
CA LEU C 165 -9.23 -12.34 -3.37
C LEU C 165 -9.59 -13.83 -3.47
N GLU C 166 -10.41 -14.20 -4.46
CA GLU C 166 -10.79 -15.60 -4.67
C GLU C 166 -9.60 -16.43 -5.10
N ALA C 167 -8.78 -15.85 -5.98
CA ALA C 167 -7.60 -16.53 -6.49
C ALA C 167 -6.63 -16.78 -5.33
N LEU C 168 -6.65 -15.87 -4.36
CA LEU C 168 -5.77 -15.98 -3.20
C LEU C 168 -6.28 -17.14 -2.34
N GLU C 169 -7.57 -17.16 -2.09
CA GLU C 169 -8.17 -18.22 -1.29
C GLU C 169 -8.00 -19.60 -1.96
N ARG C 170 -8.05 -19.63 -3.29
CA ARG C 170 -7.87 -20.90 -4.01
C ARG C 170 -6.41 -21.32 -4.01
N GLY C 171 -5.53 -20.42 -3.58
CA GLY C 171 -4.12 -20.75 -3.57
C GLY C 171 -3.50 -20.65 -4.96
N GLU C 172 -4.19 -20.02 -5.90
CA GLU C 172 -3.68 -19.85 -7.25
C GLU C 172 -2.60 -18.75 -7.27
N ILE C 173 -2.65 -17.83 -6.32
CA ILE C 173 -1.63 -16.77 -6.18
C ILE C 173 -1.27 -16.65 -4.71
N THR C 174 -0.17 -15.96 -4.41
CA THR C 174 0.26 -15.82 -3.02
C THR C 174 -0.06 -14.44 -2.46
N ALA C 175 0.19 -14.28 -1.17
CA ALA C 175 -0.04 -13.00 -0.51
C ALA C 175 0.86 -11.98 -1.19
N GLY C 176 2.00 -12.46 -1.66
CA GLY C 176 2.95 -11.59 -2.33
C GLY C 176 2.40 -11.08 -3.65
N HIS C 177 1.73 -11.94 -4.40
CA HIS C 177 1.15 -11.54 -5.68
C HIS C 177 0.10 -10.48 -5.44
N ALA C 178 -0.66 -10.66 -4.36
CA ALA C 178 -1.73 -9.76 -3.98
C ALA C 178 -1.13 -8.38 -3.65
N ARG C 179 -0.05 -8.37 -2.89
CA ARG C 179 0.59 -7.11 -2.55
C ARG C 179 1.09 -6.40 -3.81
N ALA C 180 1.57 -7.17 -4.78
CA ALA C 180 2.05 -6.59 -6.03
C ALA C 180 0.87 -5.97 -6.78
N LEU C 181 -0.27 -6.66 -6.79
CA LEU C 181 -1.46 -6.15 -7.47
C LEU C 181 -1.95 -4.85 -6.83
N LEU C 182 -1.72 -4.70 -5.53
CA LEU C 182 -2.12 -3.49 -4.81
C LEU C 182 -1.29 -2.30 -5.24
N MET C 183 -0.14 -2.55 -5.85
CA MET C 183 0.73 -1.47 -6.31
C MET C 183 0.29 -0.99 -7.69
N LEU C 184 -0.55 -1.78 -8.36
CA LEU C 184 -1.05 -1.38 -9.66
C LEU C 184 -2.25 -0.48 -9.44
N GLU C 185 -2.55 0.39 -10.40
CA GLU C 185 -3.72 1.27 -10.28
C GLU C 185 -4.95 0.35 -10.30
N PRO C 186 -5.99 0.71 -9.53
CA PRO C 186 -7.23 -0.07 -9.44
C PRO C 186 -7.74 -0.65 -10.77
N GLU C 187 -7.83 0.19 -11.79
CA GLU C 187 -8.34 -0.25 -13.08
C GLU C 187 -7.42 -1.16 -13.89
N ASP C 188 -6.28 -1.52 -13.34
CA ASP C 188 -5.34 -2.40 -14.04
C ASP C 188 -5.15 -3.70 -13.29
N ARG C 189 -5.79 -3.81 -12.12
CA ARG C 189 -5.62 -4.99 -11.30
C ARG C 189 -6.12 -6.29 -11.88
N LEU C 190 -7.27 -6.25 -12.54
CA LEU C 190 -7.79 -7.46 -13.15
C LEU C 190 -6.81 -7.89 -14.24
N TRP C 191 -6.39 -6.94 -15.06
CA TRP C 191 -5.45 -7.26 -16.11
C TRP C 191 -4.21 -7.92 -15.48
N GLY C 192 -3.70 -7.32 -14.41
CA GLY C 192 -2.53 -7.87 -13.77
C GLY C 192 -2.75 -9.28 -13.25
N LEU C 193 -3.94 -9.53 -12.70
CA LEU C 193 -4.27 -10.83 -12.16
C LEU C 193 -4.20 -11.86 -13.28
N LYS C 194 -4.78 -11.54 -14.42
CA LYS C 194 -4.78 -12.44 -15.57
C LYS C 194 -3.35 -12.77 -15.98
N GLU C 195 -2.50 -11.75 -16.10
CA GLU C 195 -1.12 -11.96 -16.49
C GLU C 195 -0.45 -12.97 -15.57
N ILE C 196 -0.62 -12.77 -14.27
CA ILE C 196 -0.02 -13.66 -13.30
C ILE C 196 -0.51 -15.10 -13.46
N LEU C 197 -1.82 -15.27 -13.57
CA LEU C 197 -2.41 -16.59 -13.72
C LEU C 197 -2.04 -17.28 -15.03
N GLU C 198 -2.17 -16.55 -16.13
CA GLU C 198 -1.86 -17.12 -17.43
C GLU C 198 -0.42 -17.54 -17.60
N LYS C 199 0.50 -16.74 -17.06
CA LYS C 199 1.92 -17.03 -17.21
C LYS C 199 2.64 -17.63 -16.00
N GLY C 200 1.92 -17.88 -14.91
CA GLY C 200 2.55 -18.46 -13.73
C GLY C 200 3.66 -17.58 -13.16
N LEU C 201 3.45 -16.27 -13.24
CA LEU C 201 4.43 -15.31 -12.74
C LEU C 201 4.81 -15.44 -11.28
N SER C 202 6.06 -15.14 -10.97
CA SER C 202 6.51 -15.17 -9.58
C SER C 202 6.16 -13.79 -9.00
N VAL C 203 6.31 -13.63 -7.69
CA VAL C 203 6.02 -12.34 -7.09
C VAL C 203 6.93 -11.28 -7.71
N ARG C 204 8.21 -11.60 -7.83
CA ARG C 204 9.18 -10.67 -8.41
C ARG C 204 8.72 -10.18 -9.78
N GLN C 205 8.31 -11.08 -10.65
CA GLN C 205 7.87 -10.65 -11.97
C GLN C 205 6.52 -9.95 -11.92
N ALA C 206 5.72 -10.22 -10.87
CA ALA C 206 4.44 -9.53 -10.75
C ALA C 206 4.73 -8.07 -10.41
N GLU C 207 5.84 -7.82 -9.71
CA GLU C 207 6.24 -6.47 -9.35
C GLU C 207 6.67 -5.72 -10.61
N ALA C 208 7.21 -6.45 -11.57
CA ALA C 208 7.65 -5.83 -12.82
C ALA C 208 6.48 -5.43 -13.69
N LEU C 209 5.29 -5.92 -13.38
CA LEU C 209 4.11 -5.59 -14.17
C LEU C 209 3.83 -4.09 -14.21
N ARG C 210 4.28 -3.37 -13.19
CA ARG C 210 4.07 -1.92 -13.15
C ARG C 210 4.80 -1.26 -14.31
N GLU C 211 4.05 -0.56 -15.16
CA GLU C 211 4.62 0.13 -16.32
C GLU C 211 3.52 0.75 -17.18
N ARG C 212 3.78 1.82 -17.79
N VAL D 23 10.41 -20.53 12.36
CA VAL D 23 10.31 -21.27 11.08
C VAL D 23 8.91 -21.27 10.52
N VAL D 24 8.75 -20.72 9.33
CA VAL D 24 7.44 -20.65 8.68
C VAL D 24 7.55 -21.22 7.28
N ARG D 25 6.44 -21.64 6.70
CA ARG D 25 6.48 -22.17 5.34
C ARG D 25 6.12 -21.05 4.38
N LEU D 26 6.94 -20.86 3.35
CA LEU D 26 6.73 -19.81 2.36
C LEU D 26 6.66 -20.38 0.95
N PRO D 27 5.81 -19.79 0.09
CA PRO D 27 5.74 -20.31 -1.28
C PRO D 27 7.02 -19.90 -1.97
N LEU D 28 7.60 -20.81 -2.73
CA LEU D 28 8.84 -20.56 -3.44
C LEU D 28 8.71 -19.39 -4.44
N ALA D 29 7.52 -19.24 -5.01
CA ALA D 29 7.28 -18.16 -5.96
C ALA D 29 7.38 -16.79 -5.28
N SER D 30 7.36 -16.78 -3.96
CA SER D 30 7.47 -15.54 -3.21
C SER D 30 8.91 -15.25 -2.77
N ILE D 31 9.84 -16.11 -3.17
CA ILE D 31 11.23 -15.93 -2.80
C ILE D 31 12.13 -15.77 -4.02
N ARG D 32 12.73 -14.58 -4.18
CA ARG D 32 13.61 -14.34 -5.31
C ARG D 32 15.04 -14.75 -4.95
N PRO D 33 15.88 -14.99 -5.95
CA PRO D 33 17.26 -15.40 -5.70
C PRO D 33 18.12 -14.35 -4.99
N ASN D 34 19.17 -14.82 -4.32
CA ASN D 34 20.09 -13.94 -3.62
C ASN D 34 20.93 -13.16 -4.63
N PRO D 35 20.78 -11.82 -4.68
CA PRO D 35 21.55 -11.01 -5.63
C PRO D 35 23.05 -10.90 -5.31
N ARG D 36 23.42 -11.22 -4.07
CA ARG D 36 24.81 -11.15 -3.64
C ARG D 36 25.54 -12.42 -4.06
N GLN D 37 26.45 -12.29 -5.01
CA GLN D 37 27.20 -13.44 -5.49
C GLN D 37 28.68 -13.09 -5.47
N PRO D 38 29.22 -12.89 -4.25
CA PRO D 38 30.64 -12.54 -4.09
C PRO D 38 31.60 -13.46 -4.84
N ARG D 39 31.37 -14.76 -4.75
CA ARG D 39 32.21 -15.71 -5.45
C ARG D 39 32.31 -15.38 -6.94
N LYS D 40 31.17 -15.12 -7.57
CA LYS D 40 31.16 -14.80 -9.00
C LYS D 40 31.81 -13.46 -9.26
N ARG D 41 31.56 -12.49 -8.39
CA ARG D 41 32.14 -11.17 -8.54
C ARG D 41 33.65 -11.24 -8.45
N PHE D 42 34.16 -12.05 -7.52
CA PHE D 42 35.60 -12.20 -7.35
C PHE D 42 36.25 -12.85 -8.57
N ALA D 43 35.53 -13.78 -9.18
CA ALA D 43 36.05 -14.47 -10.35
C ALA D 43 36.17 -13.48 -11.50
N GLU D 44 35.18 -12.60 -11.64
CA GLU D 44 35.19 -11.60 -12.70
C GLU D 44 36.28 -10.57 -12.46
N GLU D 45 36.46 -10.19 -11.20
CA GLU D 45 37.48 -9.19 -10.84
C GLU D 45 38.88 -9.71 -11.16
N SER D 46 39.19 -10.91 -10.69
CA SER D 46 40.52 -11.47 -10.93
C SER D 46 40.72 -11.76 -12.41
N LEU D 47 39.65 -12.17 -13.07
CA LEU D 47 39.68 -12.47 -14.49
C LEU D 47 39.96 -11.18 -15.26
N LYS D 48 39.32 -10.10 -14.81
CA LYS D 48 39.50 -8.80 -15.43
C LYS D 48 40.91 -8.28 -15.15
N GLU D 49 41.41 -8.53 -13.96
CA GLU D 49 42.74 -8.08 -13.57
C GLU D 49 43.83 -8.82 -14.36
N LEU D 50 43.67 -10.14 -14.53
CA LEU D 50 44.65 -10.93 -15.26
C LEU D 50 44.73 -10.43 -16.69
N ALA D 51 43.57 -10.14 -17.27
CA ALA D 51 43.48 -9.65 -18.64
C ALA D 51 44.26 -8.35 -18.82
N ASP D 52 44.05 -7.39 -17.91
CA ASP D 52 44.74 -6.11 -17.97
C ASP D 52 46.26 -6.33 -17.94
N SER D 53 46.69 -7.27 -17.11
CA SER D 53 48.11 -7.59 -16.99
C SER D 53 48.65 -8.20 -18.28
N ILE D 54 47.83 -9.04 -18.91
CA ILE D 54 48.22 -9.70 -20.15
C ILE D 54 48.25 -8.73 -21.33
N ARG D 55 47.26 -7.85 -21.41
CA ARG D 55 47.18 -6.87 -22.49
C ARG D 55 48.43 -6.01 -22.60
N GLU D 56 49.19 -5.94 -21.51
CA GLU D 56 50.40 -5.13 -21.50
C GLU D 56 51.68 -5.94 -21.45
N LYS D 57 51.56 -7.24 -21.23
CA LYS D 57 52.76 -8.08 -21.13
C LYS D 57 52.63 -9.43 -21.83
N GLY D 58 51.40 -9.80 -22.20
CA GLY D 58 51.17 -11.07 -22.87
C GLY D 58 50.94 -12.20 -21.88
N LEU D 59 50.95 -13.44 -22.37
CA LEU D 59 50.76 -14.58 -21.49
C LEU D 59 52.09 -15.10 -20.99
N LEU D 60 52.19 -15.31 -19.69
CA LEU D 60 53.43 -15.81 -19.09
C LEU D 60 53.49 -17.32 -19.30
N GLN D 61 52.37 -17.99 -19.00
CA GLN D 61 52.27 -19.43 -19.15
C GLN D 61 51.56 -19.75 -20.46
N PRO D 62 52.08 -20.72 -21.22
CA PRO D 62 51.49 -21.11 -22.51
C PRO D 62 50.16 -21.83 -22.35
N LEU D 63 49.34 -21.81 -23.39
CA LEU D 63 48.07 -22.51 -23.36
C LEU D 63 48.33 -23.93 -23.85
N LEU D 64 47.42 -24.84 -23.60
CA LEU D 64 47.57 -26.21 -24.07
C LEU D 64 46.41 -26.50 -25.00
N VAL D 65 46.73 -26.76 -26.27
CA VAL D 65 45.70 -27.04 -27.25
C VAL D 65 45.99 -28.30 -28.04
N ARG D 66 45.02 -28.71 -28.86
CA ARG D 66 45.15 -29.89 -29.71
C ARG D 66 44.58 -29.53 -31.07
N PRO D 67 45.15 -30.11 -32.14
CA PRO D 67 44.69 -29.85 -33.51
C PRO D 67 43.20 -30.12 -33.64
N GLN D 68 42.49 -29.21 -34.29
CA GLN D 68 41.04 -29.37 -34.45
C GLN D 68 40.60 -28.89 -35.83
N GLY D 69 40.74 -29.76 -36.83
CA GLY D 69 40.35 -29.43 -38.19
C GLY D 69 40.85 -28.06 -38.63
N ASP D 70 39.93 -27.11 -38.76
CA ASP D 70 40.28 -25.75 -39.16
C ASP D 70 40.77 -24.91 -37.98
N GLY D 71 41.80 -25.39 -37.29
CA GLY D 71 42.34 -24.65 -36.16
C GLY D 71 42.80 -25.47 -34.97
N TYR D 72 42.39 -25.03 -33.78
CA TYR D 72 42.75 -25.71 -32.53
C TYR D 72 41.63 -25.60 -31.51
N GLU D 73 41.64 -26.51 -30.54
CA GLU D 73 40.65 -26.53 -29.47
C GLU D 73 41.40 -26.51 -28.14
N LEU D 74 41.02 -25.58 -27.26
CA LEU D 74 41.66 -25.45 -25.95
C LEU D 74 41.54 -26.73 -25.13
N VAL D 75 42.64 -27.16 -24.52
CA VAL D 75 42.63 -28.36 -23.71
C VAL D 75 42.88 -28.05 -22.23
N ALA D 76 43.64 -26.99 -21.97
CA ALA D 76 43.95 -26.57 -20.60
C ALA D 76 44.31 -25.08 -20.54
N GLY D 77 43.90 -24.42 -19.45
CA GLY D 77 44.17 -23.01 -19.26
C GLY D 77 43.03 -22.11 -19.68
N GLU D 78 41.81 -22.47 -19.29
CA GLU D 78 40.63 -21.70 -19.67
C GLU D 78 40.72 -20.22 -19.25
N ARG D 79 41.12 -19.94 -18.02
CA ARG D 79 41.20 -18.54 -17.59
C ARG D 79 42.24 -17.72 -18.35
N ARG D 80 43.42 -18.29 -18.58
CA ARG D 80 44.43 -17.58 -19.34
C ARG D 80 43.86 -17.29 -20.72
N TYR D 81 43.21 -18.30 -21.29
CA TYR D 81 42.59 -18.20 -22.61
C TYR D 81 41.57 -17.06 -22.67
N ARG D 82 40.63 -17.04 -21.73
CA ARG D 82 39.61 -16.00 -21.71
C ARG D 82 40.17 -14.63 -21.37
N ALA D 83 41.25 -14.61 -20.59
CA ALA D 83 41.88 -13.35 -20.22
C ALA D 83 42.59 -12.80 -21.46
N ALA D 84 43.16 -13.70 -22.25
CA ALA D 84 43.87 -13.31 -23.48
C ALA D 84 42.88 -12.66 -24.43
N LEU D 85 41.66 -13.20 -24.48
CA LEU D 85 40.63 -12.64 -25.33
C LEU D 85 40.29 -11.24 -24.84
N MET D 86 39.98 -11.11 -23.55
CA MET D 86 39.66 -9.80 -22.98
C MET D 86 40.77 -8.79 -23.24
N ALA D 87 42.02 -9.25 -23.16
CA ALA D 87 43.18 -8.38 -23.37
C ALA D 87 43.28 -7.90 -24.82
N GLY D 88 42.53 -8.55 -25.71
CA GLY D 88 42.55 -8.16 -27.10
C GLY D 88 43.77 -8.64 -27.87
N LEU D 89 44.44 -9.68 -27.37
CA LEU D 89 45.61 -10.20 -28.05
C LEU D 89 45.19 -10.88 -29.36
N GLN D 90 46.07 -10.80 -30.36
CA GLN D 90 45.80 -11.40 -31.65
C GLN D 90 46.41 -12.78 -31.73
N GLU D 91 47.53 -12.95 -31.03
CA GLU D 91 48.23 -14.23 -31.01
C GLU D 91 48.71 -14.54 -29.60
N VAL D 92 48.78 -15.83 -29.29
CA VAL D 92 49.23 -16.28 -27.98
C VAL D 92 50.12 -17.50 -28.11
N PRO D 93 51.04 -17.71 -27.16
CA PRO D 93 51.94 -18.86 -27.21
C PRO D 93 51.14 -20.10 -26.84
N ALA D 94 51.47 -21.23 -27.45
CA ALA D 94 50.74 -22.45 -27.16
C ALA D 94 51.53 -23.70 -27.49
N VAL D 95 51.01 -24.83 -27.05
CA VAL D 95 51.62 -26.12 -27.30
C VAL D 95 50.55 -27.01 -27.90
N VAL D 96 50.80 -27.46 -29.12
CA VAL D 96 49.86 -28.31 -29.84
C VAL D 96 50.21 -29.78 -29.62
N LYS D 97 49.22 -30.58 -29.24
CA LYS D 97 49.44 -32.00 -29.03
C LYS D 97 48.22 -32.79 -29.48
N ASP D 98 48.47 -33.90 -30.17
CA ASP D 98 47.39 -34.75 -30.68
C ASP D 98 46.79 -35.55 -29.53
N LEU D 99 45.58 -35.17 -29.14
CA LEU D 99 44.90 -35.83 -28.04
C LEU D 99 43.54 -36.33 -28.47
N THR D 100 43.23 -37.56 -28.07
CA THR D 100 41.94 -38.13 -28.39
C THR D 100 40.96 -37.47 -27.44
N ASP D 101 39.67 -37.59 -27.72
CA ASP D 101 38.65 -37.00 -26.86
C ASP D 101 38.84 -37.45 -25.41
N ARG D 102 39.19 -38.73 -25.24
CA ARG D 102 39.38 -39.31 -23.90
C ARG D 102 40.58 -38.72 -23.16
N GLU D 103 41.67 -38.49 -23.88
CA GLU D 103 42.85 -37.92 -23.25
C GLU D 103 42.55 -36.49 -22.82
N ALA D 104 41.79 -35.78 -23.64
CA ALA D 104 41.43 -34.39 -23.37
C ALA D 104 40.57 -34.28 -22.11
N LEU D 105 39.60 -35.20 -21.99
CA LEU D 105 38.73 -35.21 -20.84
C LEU D 105 39.57 -35.56 -19.62
N GLU D 106 40.38 -36.62 -19.75
CA GLU D 106 41.24 -37.05 -18.66
C GLU D 106 42.10 -35.89 -18.18
N LEU D 107 42.66 -35.13 -19.11
CA LEU D 107 43.48 -33.99 -18.74
C LEU D 107 42.64 -32.94 -18.02
N ALA D 108 41.44 -32.71 -18.52
CA ALA D 108 40.55 -31.72 -17.90
C ALA D 108 40.25 -32.09 -16.45
N LEU D 109 40.01 -33.36 -16.20
CA LEU D 109 39.71 -33.84 -14.85
C LEU D 109 40.94 -33.71 -13.95
N VAL D 110 42.10 -34.11 -14.47
CA VAL D 110 43.34 -34.03 -13.70
C VAL D 110 43.76 -32.59 -13.36
N GLU D 111 43.65 -31.67 -14.31
CA GLU D 111 44.06 -30.30 -14.01
C GLU D 111 43.12 -29.70 -12.97
N ASN D 112 41.87 -30.14 -13.01
CA ASN D 112 40.87 -29.67 -12.08
C ASN D 112 41.20 -30.20 -10.68
N LEU D 113 41.58 -31.48 -10.62
CA LEU D 113 41.92 -32.12 -9.35
C LEU D 113 43.20 -31.56 -8.73
N GLN D 114 43.87 -30.68 -9.45
CA GLN D 114 45.11 -30.09 -8.97
C GLN D 114 44.91 -28.69 -8.37
N ARG D 115 43.74 -28.12 -8.64
CA ARG D 115 43.44 -26.78 -8.14
C ARG D 115 43.32 -26.68 -6.62
N GLU D 116 43.62 -25.50 -6.10
CA GLU D 116 43.52 -25.22 -4.66
C GLU D 116 42.02 -25.03 -4.33
N ASP D 117 41.21 -25.16 -5.36
CA ASP D 117 39.76 -25.02 -5.32
C ASP D 117 38.98 -26.24 -4.87
N LEU D 118 39.60 -27.41 -4.96
CA LEU D 118 38.96 -28.67 -4.64
C LEU D 118 38.36 -28.92 -3.26
N SER D 119 37.07 -29.22 -3.22
CA SER D 119 36.42 -29.56 -1.96
C SER D 119 36.60 -31.08 -1.94
N PRO D 120 36.55 -31.71 -0.76
CA PRO D 120 36.74 -33.17 -0.81
C PRO D 120 35.67 -33.92 -1.61
N VAL D 121 34.51 -33.30 -1.82
CA VAL D 121 33.45 -33.94 -2.58
C VAL D 121 33.76 -33.92 -4.07
N GLU D 122 34.23 -32.79 -4.57
CA GLU D 122 34.57 -32.68 -5.98
C GLU D 122 35.76 -33.60 -6.25
N GLU D 123 36.63 -33.74 -5.26
CA GLU D 123 37.80 -34.60 -5.40
C GLU D 123 37.28 -36.02 -5.70
N ALA D 124 36.31 -36.45 -4.90
CA ALA D 124 35.72 -37.77 -5.06
C ALA D 124 35.09 -37.94 -6.43
N ARG D 125 34.29 -36.96 -6.84
CA ARG D 125 33.62 -37.01 -8.14
C ARG D 125 34.64 -37.08 -9.28
N GLY D 126 35.77 -36.40 -9.11
CA GLY D 126 36.82 -36.41 -10.13
C GLY D 126 37.40 -37.82 -10.23
N TYR D 127 37.79 -38.39 -9.10
CA TYR D 127 38.36 -39.72 -9.08
C TYR D 127 37.41 -40.73 -9.72
N GLN D 128 36.13 -40.65 -9.39
CA GLN D 128 35.14 -41.57 -9.93
C GLN D 128 35.00 -41.40 -11.43
N ALA D 129 35.10 -40.18 -11.92
CA ALA D 129 34.98 -39.95 -13.35
C ALA D 129 36.16 -40.65 -14.05
N LEU D 130 37.33 -40.56 -13.45
CA LEU D 130 38.52 -41.19 -14.01
C LEU D 130 38.36 -42.72 -14.04
N LEU D 131 37.80 -43.28 -12.97
CA LEU D 131 37.58 -44.72 -12.91
C LEU D 131 36.61 -45.14 -14.01
N GLU D 132 35.56 -44.35 -14.20
CA GLU D 132 34.56 -44.65 -15.21
C GLU D 132 35.14 -44.59 -16.62
N MET D 133 36.30 -43.95 -16.75
CA MET D 133 36.95 -43.86 -18.04
C MET D 133 37.90 -45.04 -18.26
N GLY D 134 37.97 -45.92 -17.27
CA GLY D 134 38.84 -47.08 -17.41
C GLY D 134 40.09 -47.11 -16.56
N LEU D 135 40.43 -46.00 -15.90
CA LEU D 135 41.61 -45.99 -15.05
C LEU D 135 41.40 -46.73 -13.75
N THR D 136 42.49 -47.11 -13.11
CA THR D 136 42.42 -47.81 -11.84
C THR D 136 42.89 -46.85 -10.75
N GLN D 137 42.55 -47.16 -9.51
CA GLN D 137 42.94 -46.30 -8.39
C GLN D 137 44.44 -45.98 -8.43
N GLU D 138 45.26 -47.00 -8.66
CA GLU D 138 46.70 -46.79 -8.73
C GLU D 138 47.00 -45.77 -9.82
N GLU D 139 46.49 -46.03 -11.01
CA GLU D 139 46.68 -45.10 -12.12
C GLU D 139 46.24 -43.71 -11.68
N VAL D 140 45.01 -43.64 -11.16
CA VAL D 140 44.45 -42.38 -10.68
C VAL D 140 45.39 -41.72 -9.67
N ALA D 141 45.83 -42.51 -8.70
CA ALA D 141 46.71 -42.05 -7.64
C ALA D 141 47.97 -41.36 -8.17
N ARG D 142 48.68 -42.02 -9.07
CA ARG D 142 49.90 -41.42 -9.60
C ARG D 142 49.60 -40.20 -10.45
N ARG D 143 48.48 -40.24 -11.17
CA ARG D 143 48.09 -39.13 -12.02
C ARG D 143 47.94 -37.85 -11.20
N VAL D 144 47.44 -37.98 -9.98
CA VAL D 144 47.21 -36.83 -9.11
C VAL D 144 48.26 -36.69 -8.01
N GLY D 145 49.15 -37.66 -7.91
CA GLY D 145 50.19 -37.61 -6.91
C GLY D 145 49.68 -37.82 -5.49
N LYS D 146 48.97 -38.92 -5.28
CA LYS D 146 48.43 -39.23 -3.96
C LYS D 146 48.39 -40.74 -3.76
N ALA D 147 48.28 -41.17 -2.51
CA ALA D 147 48.24 -42.60 -2.20
C ALA D 147 46.93 -43.22 -2.67
N ARG D 148 46.97 -44.50 -3.01
CA ARG D 148 45.78 -45.20 -3.47
C ARG D 148 44.70 -45.13 -2.39
N SER D 149 45.11 -45.22 -1.13
CA SER D 149 44.19 -45.18 -0.01
C SER D 149 43.46 -43.84 0.04
N THR D 150 44.14 -42.77 -0.34
CA THR D 150 43.54 -41.44 -0.33
C THR D 150 42.41 -41.39 -1.35
N VAL D 151 42.63 -42.03 -2.49
CA VAL D 151 41.64 -42.07 -3.55
C VAL D 151 40.45 -42.94 -3.12
N ALA D 152 40.76 -44.11 -2.55
CA ALA D 152 39.73 -45.05 -2.11
C ALA D 152 38.84 -44.44 -1.04
N ASN D 153 39.45 -43.67 -0.14
CA ASN D 153 38.72 -43.02 0.94
C ASN D 153 37.82 -41.90 0.43
N ALA D 154 38.32 -41.13 -0.52
CA ALA D 154 37.54 -40.04 -1.10
C ALA D 154 36.30 -40.61 -1.76
N LEU D 155 36.50 -41.67 -2.54
CA LEU D 155 35.42 -42.34 -3.26
C LEU D 155 34.28 -42.78 -2.35
N ARG D 156 34.62 -43.18 -1.13
CA ARG D 156 33.62 -43.62 -0.16
C ARG D 156 32.61 -42.54 0.20
N LEU D 157 33.02 -41.27 0.09
CA LEU D 157 32.14 -40.15 0.40
C LEU D 157 30.91 -40.15 -0.50
N LEU D 158 31.07 -40.62 -1.74
CA LEU D 158 29.96 -40.63 -2.68
C LEU D 158 28.77 -41.52 -2.34
N GLN D 159 28.87 -42.31 -1.28
CA GLN D 159 27.73 -43.12 -0.90
C GLN D 159 26.91 -42.43 0.19
N LEU D 160 27.27 -41.18 0.50
CA LEU D 160 26.55 -40.41 1.50
C LEU D 160 25.36 -39.74 0.82
N PRO D 161 24.28 -39.50 1.58
CA PRO D 161 23.13 -38.84 0.96
C PRO D 161 23.53 -37.42 0.54
N PRO D 162 22.87 -36.86 -0.49
CA PRO D 162 23.15 -35.53 -1.01
C PRO D 162 23.30 -34.41 0.02
N GLU D 163 22.38 -34.33 0.96
CA GLU D 163 22.46 -33.29 1.97
C GLU D 163 23.71 -33.41 2.84
N ALA D 164 24.19 -34.62 3.09
CA ALA D 164 25.41 -34.76 3.89
C ALA D 164 26.58 -34.19 3.09
N LEU D 165 26.60 -34.46 1.78
CA LEU D 165 27.66 -33.94 0.92
C LEU D 165 27.58 -32.42 0.81
N GLU D 166 26.37 -31.86 0.85
CA GLU D 166 26.22 -30.41 0.77
C GLU D 166 26.75 -29.74 2.04
N ALA D 167 26.46 -30.33 3.19
CA ALA D 167 26.90 -29.79 4.46
C ALA D 167 28.43 -29.77 4.47
N LEU D 168 29.03 -30.79 3.85
CA LEU D 168 30.48 -30.89 3.78
C LEU D 168 31.03 -29.76 2.91
N GLU D 169 30.42 -29.58 1.74
CA GLU D 169 30.85 -28.53 0.85
C GLU D 169 30.67 -27.15 1.47
N ARG D 170 29.62 -26.98 2.27
CA ARG D 170 29.39 -25.70 2.92
C ARG D 170 30.33 -25.53 4.09
N GLY D 171 31.01 -26.60 4.48
CA GLY D 171 31.91 -26.52 5.62
C GLY D 171 31.19 -26.60 6.96
N GLU D 172 29.95 -27.09 6.98
CA GLU D 172 29.19 -27.23 8.21
C GLU D 172 29.65 -28.47 9.00
N ILE D 173 30.23 -29.43 8.30
CA ILE D 173 30.75 -30.64 8.93
C ILE D 173 32.08 -30.90 8.24
N THR D 174 32.89 -31.75 8.84
CA THR D 174 34.20 -32.09 8.27
C THR D 174 34.19 -33.45 7.60
N ALA D 175 35.30 -33.79 6.96
CA ALA D 175 35.44 -35.09 6.27
C ALA D 175 35.36 -36.19 7.32
N GLY D 176 35.82 -35.87 8.54
CA GLY D 176 35.78 -36.83 9.62
C GLY D 176 34.32 -37.11 10.00
N HIS D 177 33.50 -36.07 10.02
CA HIS D 177 32.09 -36.21 10.35
C HIS D 177 31.46 -37.12 9.30
N ALA D 178 31.84 -36.89 8.06
CA ALA D 178 31.33 -37.67 6.92
C ALA D 178 31.69 -39.15 7.09
N ARG D 179 32.92 -39.42 7.50
CA ARG D 179 33.34 -40.82 7.68
C ARG D 179 32.55 -41.46 8.81
N ALA D 180 32.26 -40.70 9.86
CA ALA D 180 31.48 -41.24 10.96
C ALA D 180 30.07 -41.61 10.45
N LEU D 181 29.46 -40.73 9.63
CA LEU D 181 28.12 -41.01 9.12
C LEU D 181 28.11 -42.29 8.27
N LEU D 182 29.21 -42.59 7.61
CA LEU D 182 29.29 -43.79 6.78
C LEU D 182 29.21 -45.06 7.65
N MET D 183 29.49 -44.93 8.95
CA MET D 183 29.45 -46.06 9.86
C MET D 183 28.03 -46.33 10.32
N LEU D 184 27.13 -45.37 10.10
CA LEU D 184 25.73 -45.55 10.48
C LEU D 184 25.01 -46.24 9.33
N GLU D 185 23.91 -46.94 9.64
CA GLU D 185 23.13 -47.62 8.62
C GLU D 185 22.58 -46.52 7.69
N PRO D 186 22.52 -46.80 6.38
CA PRO D 186 22.05 -45.83 5.38
C PRO D 186 20.82 -45.02 5.81
N GLU D 187 19.80 -45.72 6.30
CA GLU D 187 18.57 -45.09 6.73
C GLU D 187 18.65 -44.26 8.02
N ASP D 188 19.84 -44.16 8.59
CA ASP D 188 20.01 -43.40 9.84
C ASP D 188 20.90 -42.17 9.64
N ARG D 189 21.54 -42.09 8.47
CA ARG D 189 22.47 -41.02 8.16
C ARG D 189 21.90 -39.60 8.20
N LEU D 190 20.70 -39.40 7.67
CA LEU D 190 20.12 -38.07 7.72
C LEU D 190 19.92 -37.67 9.16
N TRP D 191 19.45 -38.60 9.96
CA TRP D 191 19.22 -38.35 11.37
C TRP D 191 20.56 -37.97 12.00
N GLY D 192 21.59 -38.75 11.74
CA GLY D 192 22.89 -38.45 12.33
C GLY D 192 23.42 -37.10 11.89
N LEU D 193 23.14 -36.76 10.63
CA LEU D 193 23.60 -35.49 10.08
C LEU D 193 22.97 -34.35 10.89
N LYS D 194 21.67 -34.49 11.16
CA LYS D 194 20.91 -33.49 11.93
C LYS D 194 21.49 -33.38 13.34
N GLU D 195 21.78 -34.52 13.97
CA GLU D 195 22.33 -34.51 15.32
C GLU D 195 23.63 -33.72 15.35
N ILE D 196 24.50 -33.98 14.39
CA ILE D 196 25.77 -33.28 14.35
C ILE D 196 25.62 -31.76 14.17
N LEU D 197 24.76 -31.37 13.24
CA LEU D 197 24.55 -29.95 12.95
C LEU D 197 23.96 -29.18 14.12
N GLU D 198 22.94 -29.72 14.76
CA GLU D 198 22.28 -29.02 15.86
C GLU D 198 23.08 -28.94 17.15
N LYS D 199 23.87 -29.97 17.45
CA LYS D 199 24.66 -29.99 18.67
C LYS D 199 26.13 -29.60 18.52
N GLY D 200 26.58 -29.36 17.30
CA GLY D 200 27.98 -29.00 17.10
C GLY D 200 28.90 -30.13 17.53
N LEU D 201 28.50 -31.37 17.29
CA LEU D 201 29.29 -32.53 17.67
C LEU D 201 30.66 -32.60 17.00
N SER D 202 31.64 -33.11 17.73
CA SER D 202 32.99 -33.31 17.21
C SER D 202 32.98 -34.63 16.44
N VAL D 203 34.04 -34.89 15.70
CA VAL D 203 34.15 -36.15 14.97
C VAL D 203 34.03 -37.31 15.97
N ARG D 204 34.76 -37.22 17.08
CA ARG D 204 34.73 -38.26 18.12
C ARG D 204 33.32 -38.53 18.63
N GLN D 205 32.55 -37.47 18.86
CA GLN D 205 31.18 -37.63 19.35
C GLN D 205 30.34 -38.25 18.24
N ALA D 206 30.59 -37.83 17.00
CA ALA D 206 29.84 -38.38 15.88
C ALA D 206 30.09 -39.89 15.78
N GLU D 207 31.27 -40.35 16.19
CA GLU D 207 31.57 -41.79 16.14
C GLU D 207 30.70 -42.57 17.12
N ALA D 208 30.11 -41.87 18.09
CA ALA D 208 29.26 -42.50 19.09
C ALA D 208 27.77 -42.48 18.77
N LEU D 209 27.41 -41.97 17.59
CA LEU D 209 26.01 -41.89 17.22
C LEU D 209 25.25 -43.21 17.20
N ARG D 210 25.87 -44.29 16.71
CA ARG D 210 25.17 -45.58 16.68
C ARG D 210 24.77 -45.95 18.09
N GLU D 211 25.71 -45.77 19.02
CA GLU D 211 25.47 -46.07 20.41
C GLU D 211 24.38 -45.15 20.97
N ARG D 212 24.51 -43.85 20.71
CA ARG D 212 23.53 -42.87 21.19
C ARG D 212 22.14 -43.21 20.64
N LEU D 213 22.12 -43.83 19.46
CA LEU D 213 20.88 -44.21 18.80
C LEU D 213 20.17 -45.31 19.59
N ALA D 214 20.93 -46.10 20.33
CA ALA D 214 20.36 -47.18 21.13
C ALA D 214 19.71 -46.59 22.38
N MET D 215 20.41 -45.89 23.15
N VAL E 23 12.73 12.43 21.81
CA VAL E 23 13.57 13.64 21.55
C VAL E 23 14.85 13.64 22.37
N VAL E 24 15.98 13.54 21.69
CA VAL E 24 17.28 13.51 22.34
C VAL E 24 18.17 14.63 21.82
N ARG E 25 19.24 14.91 22.54
CA ARG E 25 20.18 15.94 22.11
C ARG E 25 21.42 15.26 21.57
N LEU E 26 21.71 15.51 20.30
CA LEU E 26 22.85 14.91 19.61
C LEU E 26 23.85 15.96 19.19
N PRO E 27 25.15 15.63 19.22
CA PRO E 27 26.12 16.64 18.80
C PRO E 27 26.08 16.77 17.27
N LEU E 28 26.04 18.00 16.79
CA LEU E 28 26.00 18.29 15.35
C LEU E 28 27.10 17.60 14.55
N ALA E 29 28.26 17.49 15.17
CA ALA E 29 29.42 16.84 14.56
C ALA E 29 29.12 15.39 14.20
N SER E 30 28.08 14.83 14.81
CA SER E 30 27.73 13.45 14.51
C SER E 30 26.46 13.29 13.64
N ILE E 31 26.09 14.36 12.96
CA ILE E 31 24.93 14.34 12.07
C ILE E 31 25.36 14.83 10.70
N ARG E 32 25.39 13.93 9.74
CA ARG E 32 25.78 14.33 8.40
C ARG E 32 24.56 14.83 7.63
N PRO E 33 24.78 15.63 6.58
CA PRO E 33 23.69 16.18 5.78
C PRO E 33 22.84 15.16 5.02
N ASN E 34 21.59 15.53 4.74
CA ASN E 34 20.66 14.67 4.02
C ASN E 34 21.15 14.50 2.58
N PRO E 35 21.46 13.26 2.18
CA PRO E 35 21.93 13.01 0.81
C PRO E 35 20.80 13.05 -0.21
N ARG E 36 19.56 13.07 0.28
CA ARG E 36 18.39 13.13 -0.60
C ARG E 36 18.05 14.58 -0.88
N GLN E 37 18.26 15.00 -2.12
CA GLN E 37 17.97 16.36 -2.52
C GLN E 37 17.15 16.29 -3.82
N PRO E 38 15.92 15.76 -3.72
CA PRO E 38 15.04 15.64 -4.87
C PRO E 38 14.88 16.93 -5.68
N ARG E 39 14.68 18.04 -4.98
CA ARG E 39 14.52 19.35 -5.63
C ARG E 39 15.67 19.62 -6.60
N LYS E 40 16.90 19.44 -6.12
CA LYS E 40 18.05 19.67 -6.96
C LYS E 40 18.06 18.65 -8.09
N ARG E 41 17.78 17.39 -7.76
CA ARG E 41 17.76 16.34 -8.76
C ARG E 41 16.77 16.69 -9.87
N PHE E 42 15.58 17.13 -9.49
CA PHE E 42 14.56 17.49 -10.47
C PHE E 42 15.02 18.66 -11.33
N ALA E 43 15.68 19.64 -10.73
CA ALA E 43 16.17 20.78 -11.49
C ALA E 43 17.17 20.31 -12.53
N GLU E 44 18.02 19.35 -12.17
CA GLU E 44 19.01 18.82 -13.10
C GLU E 44 18.36 18.01 -14.21
N GLU E 45 17.38 17.20 -13.84
CA GLU E 45 16.71 16.37 -14.84
C GLU E 45 16.04 17.24 -15.90
N SER E 46 15.29 18.26 -15.46
CA SER E 46 14.61 19.13 -16.41
C SER E 46 15.58 20.00 -17.21
N LEU E 47 16.76 20.26 -16.68
CA LEU E 47 17.75 21.06 -17.40
C LEU E 47 18.20 20.23 -18.60
N LYS E 48 18.52 18.96 -18.34
CA LYS E 48 18.96 18.05 -19.38
C LYS E 48 17.88 17.88 -20.43
N GLU E 49 16.63 17.80 -19.98
CA GLU E 49 15.51 17.63 -20.88
C GLU E 49 15.34 18.83 -21.81
N LEU E 50 15.60 20.03 -21.28
CA LEU E 50 15.47 21.23 -22.10
C LEU E 50 16.60 21.25 -23.11
N ALA E 51 17.81 20.97 -22.65
CA ALA E 51 18.98 20.94 -23.49
C ALA E 51 18.77 19.98 -24.66
N ASP E 52 18.43 18.73 -24.34
CA ASP E 52 18.18 17.71 -25.36
C ASP E 52 17.15 18.14 -26.38
N SER E 53 16.16 18.91 -25.93
CA SER E 53 15.12 19.36 -26.84
C SER E 53 15.62 20.54 -27.67
N ILE E 54 16.67 21.20 -27.20
CA ILE E 54 17.22 22.34 -27.92
C ILE E 54 18.21 21.93 -29.00
N ARG E 55 18.86 20.77 -28.84
CA ARG E 55 19.80 20.28 -29.83
C ARG E 55 19.10 20.04 -31.16
N GLU E 56 17.79 19.81 -31.11
CA GLU E 56 17.00 19.55 -32.29
C GLU E 56 16.35 20.81 -32.87
N LYS E 57 15.44 21.40 -32.11
CA LYS E 57 14.73 22.60 -32.55
C LYS E 57 15.49 23.90 -32.30
N GLY E 58 16.26 23.95 -31.22
CA GLY E 58 16.98 25.16 -30.89
C GLY E 58 16.12 25.95 -29.91
N LEU E 59 16.59 27.13 -29.49
CA LEU E 59 15.81 27.93 -28.55
C LEU E 59 14.50 28.41 -29.12
N LEU E 60 13.40 28.04 -28.44
CA LEU E 60 12.06 28.43 -28.86
C LEU E 60 11.85 29.90 -28.52
N GLN E 61 12.28 30.27 -27.32
CA GLN E 61 12.15 31.64 -26.84
C GLN E 61 13.52 32.30 -26.73
N PRO E 62 13.66 33.51 -27.28
CA PRO E 62 14.93 34.24 -27.26
C PRO E 62 15.40 34.62 -25.85
N LEU E 63 16.73 34.74 -25.70
CA LEU E 63 17.31 35.13 -24.42
C LEU E 63 17.16 36.65 -24.35
N LEU E 64 17.60 37.21 -23.23
CA LEU E 64 17.54 38.65 -23.03
C LEU E 64 18.92 39.03 -22.54
N VAL E 65 19.62 39.87 -23.30
CA VAL E 65 20.96 40.29 -22.92
C VAL E 65 21.17 41.80 -23.07
N ARG E 66 22.26 42.28 -22.51
CA ARG E 66 22.60 43.69 -22.61
C ARG E 66 24.04 43.79 -23.08
N PRO E 67 24.41 44.90 -23.72
CA PRO E 67 25.77 45.10 -24.20
C PRO E 67 26.72 45.11 -23.02
N GLN E 68 27.69 44.20 -23.01
CA GLN E 68 28.65 44.12 -21.93
C GLN E 68 30.05 43.95 -22.51
N GLY E 69 30.96 44.81 -22.10
CA GLY E 69 32.33 44.74 -22.60
C GLY E 69 32.38 44.72 -24.11
N ASP E 70 32.87 43.61 -24.67
CA ASP E 70 32.97 43.46 -26.12
C ASP E 70 31.84 42.60 -26.66
N GLY E 71 31.15 41.90 -25.76
CA GLY E 71 30.05 41.03 -26.18
C GLY E 71 28.71 41.31 -25.51
N TYR E 72 28.21 40.33 -24.77
CA TYR E 72 26.93 40.46 -24.08
C TYR E 72 26.87 39.74 -22.73
N GLU E 73 26.03 40.24 -21.83
CA GLU E 73 25.84 39.67 -20.51
C GLU E 73 24.36 39.30 -20.38
N LEU E 74 24.08 38.07 -19.94
CA LEU E 74 22.72 37.58 -19.78
C LEU E 74 21.93 38.46 -18.81
N VAL E 75 20.70 38.78 -19.17
CA VAL E 75 19.85 39.60 -18.33
C VAL E 75 18.62 38.81 -17.86
N ALA E 76 18.15 37.90 -18.70
CA ALA E 76 17.00 37.07 -18.37
C ALA E 76 17.03 35.75 -19.16
N GLY E 77 16.54 34.68 -18.55
CA GLY E 77 16.51 33.38 -19.19
C GLY E 77 17.69 32.49 -18.84
N GLU E 78 18.07 32.49 -17.57
CA GLU E 78 19.21 31.69 -17.13
C GLU E 78 19.13 30.23 -17.56
N ARG E 79 18.02 29.55 -17.30
CA ARG E 79 17.90 28.14 -17.67
C ARG E 79 18.01 27.89 -19.17
N ARG E 80 17.33 28.70 -19.97
CA ARG E 80 17.41 28.55 -21.43
C ARG E 80 18.89 28.69 -21.84
N TYR E 81 19.54 29.67 -21.24
CA TYR E 81 20.94 29.95 -21.50
C TYR E 81 21.81 28.74 -21.18
N ARG E 82 21.66 28.20 -19.98
CA ARG E 82 22.45 27.05 -19.59
C ARG E 82 22.10 25.80 -20.38
N ALA E 83 20.84 25.67 -20.77
CA ALA E 83 20.44 24.51 -21.55
C ALA E 83 21.10 24.61 -22.93
N ALA E 84 21.17 25.82 -23.47
CA ALA E 84 21.78 26.03 -24.78
C ALA E 84 23.24 25.58 -24.75
N LEU E 85 23.92 25.89 -23.65
CA LEU E 85 25.32 25.49 -23.50
C LEU E 85 25.40 23.96 -23.48
N MET E 86 24.58 23.32 -22.64
CA MET E 86 24.57 21.87 -22.57
C MET E 86 24.29 21.26 -23.93
N ALA E 87 23.42 21.91 -24.69
CA ALA E 87 23.04 21.42 -26.02
C ALA E 87 24.19 21.56 -27.02
N GLY E 88 25.21 22.33 -26.63
CA GLY E 88 26.35 22.52 -27.50
C GLY E 88 26.13 23.47 -28.66
N LEU E 89 25.10 24.31 -28.56
CA LEU E 89 24.83 25.26 -29.63
C LEU E 89 25.95 26.29 -29.72
N GLN E 90 26.22 26.75 -30.93
CA GLN E 90 27.29 27.73 -31.18
C GLN E 90 26.70 29.13 -31.24
N GLU E 91 25.42 29.21 -31.57
CA GLU E 91 24.73 30.49 -31.66
C GLU E 91 23.29 30.35 -31.18
N VAL E 92 22.74 31.43 -30.62
CA VAL E 92 21.38 31.43 -30.14
C VAL E 92 20.72 32.77 -30.41
N PRO E 93 19.39 32.78 -30.54
CA PRO E 93 18.65 34.01 -30.82
C PRO E 93 18.61 34.86 -29.55
N ALA E 94 18.74 36.17 -29.68
CA ALA E 94 18.72 37.03 -28.51
C ALA E 94 18.25 38.45 -28.85
N VAL E 95 17.99 39.22 -27.81
CA VAL E 95 17.55 40.60 -27.96
C VAL E 95 18.47 41.46 -27.13
N VAL E 96 19.19 42.37 -27.77
CA VAL E 96 20.11 43.23 -27.05
C VAL E 96 19.36 44.47 -26.57
N LYS E 97 19.47 44.76 -25.28
CA LYS E 97 18.82 45.93 -24.67
C LYS E 97 19.83 46.67 -23.81
N ASP E 98 19.97 47.98 -24.02
CA ASP E 98 20.92 48.78 -23.23
C ASP E 98 20.29 48.98 -21.85
N LEU E 99 20.85 48.31 -20.84
CA LEU E 99 20.33 48.40 -19.49
C LEU E 99 21.41 48.75 -18.50
N THR E 100 21.09 49.66 -17.58
CA THR E 100 22.05 50.04 -16.55
C THR E 100 22.08 48.90 -15.54
N ASP E 101 23.04 48.91 -14.63
CA ASP E 101 23.11 47.86 -13.63
C ASP E 101 21.82 47.85 -12.85
N ARG E 102 21.32 49.04 -12.53
CA ARG E 102 20.10 49.22 -11.79
C ARG E 102 18.91 48.57 -12.51
N GLU E 103 18.76 48.84 -13.80
CA GLU E 103 17.65 48.29 -14.57
C GLU E 103 17.71 46.77 -14.69
N ALA E 104 18.92 46.23 -14.84
CA ALA E 104 19.12 44.80 -14.98
C ALA E 104 18.72 44.08 -13.70
N LEU E 105 19.09 44.65 -12.56
CA LEU E 105 18.76 44.07 -11.27
C LEU E 105 17.24 44.05 -11.14
N GLU E 106 16.63 45.20 -11.42
CA GLU E 106 15.18 45.35 -11.34
C GLU E 106 14.49 44.29 -12.20
N LEU E 107 15.02 44.04 -13.40
CA LEU E 107 14.44 43.03 -14.29
C LEU E 107 14.60 41.66 -13.66
N ALA E 108 15.77 41.42 -13.08
CA ALA E 108 16.05 40.14 -12.45
C ALA E 108 15.06 39.89 -11.32
N LEU E 109 14.76 40.93 -10.56
CA LEU E 109 13.83 40.79 -9.45
C LEU E 109 12.42 40.58 -9.99
N VAL E 110 12.03 41.37 -10.99
CA VAL E 110 10.69 41.24 -11.55
C VAL E 110 10.43 39.89 -12.21
N GLU E 111 11.38 39.37 -12.99
CA GLU E 111 11.13 38.08 -13.64
C GLU E 111 11.01 37.02 -12.57
N ASN E 112 11.78 37.18 -11.52
CA ASN E 112 11.76 36.23 -10.41
C ASN E 112 10.39 36.25 -9.71
N LEU E 113 9.82 37.44 -9.55
CA LEU E 113 8.50 37.59 -8.91
C LEU E 113 7.37 37.07 -9.80
N GLN E 114 7.71 36.67 -11.02
CA GLN E 114 6.73 36.17 -11.96
C GLN E 114 6.61 34.65 -11.96
N ARG E 115 7.64 33.99 -11.47
CA ARG E 115 7.67 32.53 -11.44
C ARG E 115 6.57 31.85 -10.62
N GLU E 116 6.23 30.62 -11.00
CA GLU E 116 5.23 29.84 -10.30
C GLU E 116 5.94 29.26 -9.08
N ASP E 117 7.21 29.61 -8.96
CA ASP E 117 8.13 29.19 -7.89
C ASP E 117 8.07 29.95 -6.58
N LEU E 118 7.54 31.17 -6.64
CA LEU E 118 7.43 32.08 -5.50
C LEU E 118 6.70 31.66 -4.24
N SER E 119 7.36 31.71 -3.09
CA SER E 119 6.67 31.42 -1.82
C SER E 119 6.26 32.83 -1.38
N PRO E 120 5.24 32.96 -0.53
CA PRO E 120 4.90 34.34 -0.15
C PRO E 120 6.04 35.12 0.53
N VAL E 121 6.98 34.40 1.13
CA VAL E 121 8.10 35.06 1.79
C VAL E 121 9.05 35.65 0.76
N GLU E 122 9.42 34.87 -0.24
CA GLU E 122 10.32 35.36 -1.30
C GLU E 122 9.67 36.52 -2.02
N GLU E 123 8.34 36.47 -2.11
CA GLU E 123 7.58 37.54 -2.76
C GLU E 123 7.79 38.83 -1.97
N ALA E 124 7.70 38.74 -0.64
CA ALA E 124 7.88 39.92 0.19
C ALA E 124 9.30 40.46 0.05
N ARG E 125 10.28 39.56 0.07
CA ARG E 125 11.68 39.98 -0.05
C ARG E 125 11.92 40.67 -1.39
N GLY E 126 11.27 40.16 -2.44
CA GLY E 126 11.41 40.75 -3.76
C GLY E 126 10.90 42.18 -3.78
N TYR E 127 9.66 42.36 -3.29
CA TYR E 127 9.04 43.68 -3.26
C TYR E 127 9.91 44.61 -2.45
N GLN E 128 10.38 44.15 -1.30
CA GLN E 128 11.22 44.97 -0.45
C GLN E 128 12.49 45.42 -1.14
N ALA E 129 13.10 44.52 -1.92
CA ALA E 129 14.32 44.86 -2.64
C ALA E 129 13.99 45.96 -3.66
N LEU E 130 12.85 45.83 -4.33
CA LEU E 130 12.46 46.83 -5.32
C LEU E 130 12.27 48.18 -4.67
N LEU E 131 11.71 48.21 -3.47
CA LEU E 131 11.50 49.47 -2.76
C LEU E 131 12.85 50.07 -2.43
N GLU E 132 13.77 49.23 -1.96
CA GLU E 132 15.10 49.68 -1.61
C GLU E 132 15.82 50.30 -2.80
N MET E 133 15.41 49.93 -4.01
CA MET E 133 16.03 50.48 -5.20
C MET E 133 15.42 51.82 -5.57
N GLY E 134 14.38 52.22 -4.85
CA GLY E 134 13.74 53.49 -5.14
C GLY E 134 12.30 53.46 -5.60
N LEU E 135 11.78 52.30 -5.97
CA LEU E 135 10.39 52.23 -6.41
C LEU E 135 9.43 52.34 -5.24
N THR E 136 8.18 52.67 -5.52
CA THR E 136 7.16 52.80 -4.47
C THR E 136 6.25 51.60 -4.58
N GLN E 137 5.58 51.26 -3.48
CA GLN E 137 4.65 50.13 -3.51
C GLN E 137 3.76 50.31 -4.72
N GLU E 138 3.33 51.54 -4.93
CA GLU E 138 2.48 51.90 -6.04
C GLU E 138 3.23 51.49 -7.31
N GLU E 139 4.50 51.89 -7.38
CA GLU E 139 5.35 51.57 -8.52
C GLU E 139 5.49 50.06 -8.67
N VAL E 140 5.96 49.40 -7.60
CA VAL E 140 6.16 47.95 -7.60
C VAL E 140 4.94 47.18 -8.06
N ALA E 141 3.77 47.63 -7.64
CA ALA E 141 2.52 46.98 -8.03
C ALA E 141 2.39 46.97 -9.55
N ARG E 142 2.88 48.04 -10.16
CA ARG E 142 2.81 48.19 -11.61
C ARG E 142 3.50 47.07 -12.38
N ARG E 143 4.81 46.89 -12.16
CA ARG E 143 5.54 45.86 -12.88
C ARG E 143 5.31 44.40 -12.52
N VAL E 144 4.50 44.13 -11.50
CA VAL E 144 4.23 42.74 -11.17
C VAL E 144 2.77 42.38 -11.43
N GLY E 145 1.97 43.40 -11.69
CA GLY E 145 0.56 43.19 -11.98
C GLY E 145 -0.28 42.78 -10.78
N LYS E 146 -0.14 43.52 -9.68
CA LYS E 146 -0.91 43.23 -8.47
C LYS E 146 -1.31 44.52 -7.77
N ALA E 147 -2.31 44.44 -6.89
CA ALA E 147 -2.80 45.61 -6.18
C ALA E 147 -1.78 46.13 -5.17
N ARG E 148 -1.81 47.43 -4.92
CA ARG E 148 -0.89 48.03 -3.97
C ARG E 148 -1.04 47.33 -2.62
N SER E 149 -2.29 47.00 -2.28
CA SER E 149 -2.57 46.34 -1.00
C SER E 149 -1.90 44.98 -0.92
N THR E 150 -1.83 44.28 -2.05
CA THR E 150 -1.19 42.97 -2.07
C THR E 150 0.29 43.10 -1.75
N VAL E 151 0.92 44.12 -2.29
CA VAL E 151 2.34 44.36 -2.06
C VAL E 151 2.58 44.74 -0.59
N ALA E 152 1.73 45.62 -0.08
CA ALA E 152 1.85 46.10 1.29
C ALA E 152 1.65 44.94 2.27
N ASN E 153 0.65 44.11 2.00
CA ASN E 153 0.36 42.98 2.87
C ASN E 153 1.50 41.97 2.88
N ALA E 154 2.14 41.78 1.75
CA ALA E 154 3.24 40.84 1.66
C ALA E 154 4.41 41.36 2.47
N LEU E 155 4.70 42.65 2.34
CA LEU E 155 5.80 43.28 3.04
C LEU E 155 5.69 43.12 4.55
N ARG E 156 4.46 43.09 5.05
CA ARG E 156 4.24 42.92 6.48
C ARG E 156 4.79 41.60 7.00
N LEU E 157 4.89 40.60 6.13
CA LEU E 157 5.43 39.31 6.56
C LEU E 157 6.85 39.41 7.07
N LEU E 158 7.62 40.35 6.53
CA LEU E 158 9.02 40.48 6.92
C LEU E 158 9.28 40.91 8.36
N GLN E 159 8.24 41.24 9.12
CA GLN E 159 8.50 41.62 10.49
C GLN E 159 8.28 40.43 11.43
N LEU E 160 8.03 39.27 10.82
CA LEU E 160 7.85 38.05 11.57
C LEU E 160 9.22 37.46 11.90
N PRO E 161 9.34 36.80 13.04
CA PRO E 161 10.62 36.19 13.40
C PRO E 161 11.01 35.15 12.34
N PRO E 162 12.32 34.92 12.15
CA PRO E 162 12.82 33.96 11.17
C PRO E 162 12.16 32.59 11.19
N GLU E 163 12.01 31.98 12.37
CA GLU E 163 11.40 30.66 12.45
C GLU E 163 9.94 30.65 11.98
N ALA E 164 9.25 31.79 12.08
CA ALA E 164 7.86 31.86 11.63
C ALA E 164 7.86 31.85 10.11
N LEU E 165 8.82 32.56 9.53
CA LEU E 165 8.93 32.63 8.08
C LEU E 165 9.31 31.26 7.51
N GLU E 166 10.16 30.51 8.21
CA GLU E 166 10.57 29.18 7.75
C GLU E 166 9.39 28.21 7.81
N ALA E 167 8.59 28.32 8.86
CA ALA E 167 7.45 27.46 9.01
C ALA E 167 6.50 27.71 7.85
N LEU E 168 6.43 28.97 7.42
CA LEU E 168 5.57 29.32 6.30
C LEU E 168 6.10 28.68 5.03
N GLU E 169 7.39 28.86 4.78
CA GLU E 169 8.00 28.31 3.58
C GLU E 169 7.89 26.78 3.51
N ARG E 170 7.97 26.11 4.66
CA ARG E 170 7.86 24.65 4.70
C ARG E 170 6.41 24.20 4.52
N GLY E 171 5.48 25.13 4.63
CA GLY E 171 4.07 24.80 4.50
C GLY E 171 3.48 24.27 5.80
N GLU E 172 4.14 24.51 6.92
CA GLU E 172 3.63 24.04 8.19
C GLU E 172 2.52 24.97 8.72
N ILE E 173 2.47 26.19 8.18
CA ILE E 173 1.44 27.14 8.56
C ILE E 173 1.08 27.90 7.29
N THR E 174 -0.05 28.59 7.30
CA THR E 174 -0.50 29.34 6.14
C THR E 174 -0.25 30.82 6.29
N ALA E 175 -0.47 31.54 5.20
CA ALA E 175 -0.32 32.99 5.20
C ALA E 175 -1.27 33.57 6.23
N GLY E 176 -2.40 32.91 6.42
CA GLY E 176 -3.38 33.37 7.40
C GLY E 176 -2.83 33.28 8.82
N HIS E 177 -2.17 32.16 9.12
CA HIS E 177 -1.56 31.95 10.44
C HIS E 177 -0.55 33.08 10.67
N ALA E 178 0.22 33.36 9.63
CA ALA E 178 1.24 34.40 9.68
C ALA E 178 0.63 35.73 10.05
N ARG E 179 -0.51 36.04 9.42
CA ARG E 179 -1.20 37.30 9.70
C ARG E 179 -1.71 37.33 11.13
N ALA E 180 -2.13 36.17 11.64
CA ALA E 180 -2.60 36.08 13.01
C ALA E 180 -1.44 36.36 13.97
N LEU E 181 -0.26 35.86 13.62
CA LEU E 181 0.92 36.07 14.45
C LEU E 181 1.33 37.55 14.45
N LEU E 182 1.04 38.26 13.36
CA LEU E 182 1.38 39.68 13.28
C LEU E 182 0.50 40.53 14.20
N MET E 183 -0.61 39.96 14.67
CA MET E 183 -1.49 40.66 15.58
C MET E 183 -1.05 40.44 17.03
N LEU E 184 -0.04 39.60 17.24
CA LEU E 184 0.47 39.38 18.60
C LEU E 184 1.65 40.31 18.73
N GLU E 185 1.96 40.73 19.96
CA GLU E 185 3.10 41.60 20.16
C GLU E 185 4.32 40.77 19.78
N PRO E 186 5.36 41.43 19.26
CA PRO E 186 6.62 40.81 18.84
C PRO E 186 7.17 39.75 19.79
N GLU E 187 7.26 40.08 21.07
CA GLU E 187 7.81 39.16 22.04
C GLU E 187 6.94 37.96 22.37
N ASP E 188 5.82 37.82 21.68
CA ASP E 188 4.91 36.71 21.95
C ASP E 188 4.74 35.82 20.73
N ARG E 189 5.30 36.26 19.60
CA ARG E 189 5.17 35.54 18.35
C ARG E 189 5.70 34.11 18.36
N LEU E 190 6.89 33.90 18.89
CA LEU E 190 7.44 32.56 18.93
C LEU E 190 6.51 31.66 19.71
N TRP E 191 6.02 32.16 20.83
CA TRP E 191 5.09 31.40 21.65
C TRP E 191 3.87 31.07 20.79
N GLY E 192 3.34 32.09 20.11
CA GLY E 192 2.17 31.88 19.28
C GLY E 192 2.40 30.83 18.22
N LEU E 193 3.63 30.84 17.68
CA LEU E 193 4.02 29.90 16.63
C LEU E 193 4.00 28.48 17.18
N LYS E 194 4.56 28.30 18.38
CA LYS E 194 4.60 26.97 19.00
C LYS E 194 3.20 26.45 19.22
N GLU E 195 2.32 27.32 19.72
CA GLU E 195 0.94 26.92 19.97
C GLU E 195 0.28 26.39 18.70
N ILE E 196 0.45 27.13 17.59
CA ILE E 196 -0.16 26.73 16.33
C ILE E 196 0.37 25.38 15.82
N LEU E 197 1.69 25.22 15.84
CA LEU E 197 2.32 23.98 15.38
C LEU E 197 1.91 22.77 16.20
N GLU E 198 1.95 22.88 17.52
CA GLU E 198 1.60 21.78 18.39
C GLU E 198 0.13 21.37 18.35
N LYS E 199 -0.76 22.32 18.59
CA LYS E 199 -2.20 22.06 18.60
C LYS E 199 -2.81 21.91 17.21
N GLY E 200 -2.08 22.30 16.18
CA GLY E 200 -2.64 22.22 14.84
C GLY E 200 -3.80 23.19 14.67
N LEU E 201 -3.67 24.38 15.26
CA LEU E 201 -4.71 25.39 15.20
C LEU E 201 -5.05 25.89 13.80
N SER E 202 -6.30 26.30 13.61
CA SER E 202 -6.74 26.83 12.33
C SER E 202 -6.44 28.31 12.41
N VAL E 203 -6.57 29.01 11.30
CA VAL E 203 -6.32 30.43 11.30
C VAL E 203 -7.28 31.09 12.29
N ARG E 204 -8.51 30.58 12.30
CA ARG E 204 -9.53 31.11 13.21
C ARG E 204 -9.08 30.95 14.66
N GLN E 205 -8.55 29.78 15.00
CA GLN E 205 -8.09 29.55 16.36
C GLN E 205 -6.85 30.38 16.67
N ALA E 206 -6.05 30.67 15.66
CA ALA E 206 -4.85 31.45 15.88
C ALA E 206 -5.24 32.91 16.25
N GLU E 207 -6.35 33.38 15.70
CA GLU E 207 -6.82 34.73 16.00
C GLU E 207 -7.13 34.84 17.47
N ALA E 208 -7.69 33.77 18.03
CA ALA E 208 -8.04 33.71 19.44
C ALA E 208 -6.82 33.80 20.36
N LEU E 209 -5.62 33.58 19.81
CA LEU E 209 -4.38 33.64 20.58
C LEU E 209 -4.20 35.00 21.28
N ARG E 210 -4.72 36.07 20.66
CA ARG E 210 -4.61 37.40 21.25
C ARG E 210 -5.32 37.48 22.60
N GLU E 211 -6.51 36.91 22.67
CA GLU E 211 -7.31 36.90 23.88
C GLU E 211 -6.69 36.04 24.97
N ARG E 212 -6.58 34.74 24.69
CA ARG E 212 -6.01 33.77 25.61
C ARG E 212 -4.59 34.14 26.05
N LEU E 213 -4.20 35.38 25.80
CA LEU E 213 -2.88 35.85 26.16
C LEU E 213 -3.01 37.15 26.95
N ALA E 214 -1.97 37.72 27.35
N VAL F 23 14.63 41.44 -32.13
CA VAL F 23 14.91 39.98 -32.00
C VAL F 23 16.06 39.58 -32.92
N VAL F 24 17.28 39.69 -32.40
CA VAL F 24 18.49 39.39 -33.16
C VAL F 24 18.94 37.93 -33.00
N ARG F 25 20.03 37.57 -33.68
CA ARG F 25 20.61 36.24 -33.61
C ARG F 25 22.10 36.40 -33.33
N LEU F 26 22.49 36.11 -32.09
CA LEU F 26 23.88 36.26 -31.64
C LEU F 26 24.61 34.93 -31.48
N PRO F 27 25.95 35.00 -31.31
CA PRO F 27 26.76 33.79 -31.13
C PRO F 27 26.85 33.49 -29.64
N LEU F 28 26.41 32.30 -29.24
CA LEU F 28 26.40 31.89 -27.83
C LEU F 28 27.71 32.06 -27.07
N ALA F 29 28.81 32.21 -27.80
CA ALA F 29 30.11 32.36 -27.15
C ALA F 29 30.39 33.76 -26.60
N SER F 30 29.65 34.75 -27.09
CA SER F 30 29.85 36.12 -26.64
C SER F 30 28.92 36.53 -25.51
N ILE F 31 27.99 35.64 -25.15
CA ILE F 31 27.03 35.92 -24.08
C ILE F 31 27.52 35.42 -22.73
N ARG F 32 27.91 36.35 -21.87
CA ARG F 32 28.37 36.00 -20.53
C ARG F 32 27.17 35.75 -19.60
N PRO F 33 27.36 34.94 -18.55
CA PRO F 33 26.29 34.63 -17.60
C PRO F 33 25.77 35.82 -16.82
N ASN F 34 24.59 35.66 -16.22
CA ASN F 34 23.98 36.72 -15.43
C ASN F 34 24.55 36.68 -14.00
N PRO F 35 25.23 37.76 -13.58
CA PRO F 35 25.81 37.81 -12.24
C PRO F 35 24.78 38.14 -11.16
N ARG F 36 23.58 38.54 -11.58
CA ARG F 36 22.50 38.86 -10.65
C ARG F 36 21.75 37.59 -10.33
N GLN F 37 21.86 37.16 -9.07
CA GLN F 37 21.18 35.95 -8.63
C GLN F 37 20.44 36.29 -7.35
N PRO F 38 19.42 37.16 -7.42
CA PRO F 38 18.66 37.54 -6.23
C PRO F 38 18.10 36.36 -5.43
N ARG F 39 17.54 35.36 -6.09
CA ARG F 39 17.01 34.19 -5.40
C ARG F 39 18.06 33.58 -4.46
N LYS F 40 19.25 33.29 -4.99
CA LYS F 40 20.31 32.71 -4.17
C LYS F 40 20.74 33.64 -3.05
N ARG F 41 20.73 34.93 -3.32
CA ARG F 41 21.13 35.93 -2.31
C ARG F 41 20.13 35.96 -1.15
N PHE F 42 18.85 35.93 -1.49
CA PHE F 42 17.79 35.93 -0.49
C PHE F 42 17.93 34.70 0.41
N ALA F 43 18.15 33.54 -0.19
CA ALA F 43 18.30 32.30 0.55
C ALA F 43 19.47 32.42 1.54
N GLU F 44 20.60 32.96 1.07
CA GLU F 44 21.75 33.12 1.95
C GLU F 44 21.42 34.09 3.08
N GLU F 45 20.76 35.20 2.75
CA GLU F 45 20.38 36.20 3.75
C GLU F 45 19.49 35.59 4.83
N SER F 46 18.40 34.96 4.41
CA SER F 46 17.47 34.36 5.37
C SER F 46 18.13 33.25 6.19
N LEU F 47 19.10 32.56 5.61
CA LEU F 47 19.78 31.48 6.34
C LEU F 47 20.50 32.07 7.55
N LYS F 48 21.21 33.17 7.33
CA LYS F 48 21.95 33.81 8.39
C LYS F 48 21.01 34.31 9.46
N GLU F 49 19.88 34.86 9.05
CA GLU F 49 18.93 35.36 10.03
C GLU F 49 18.39 34.23 10.89
N LEU F 50 18.18 33.06 10.28
CA LEU F 50 17.67 31.89 11.00
C LEU F 50 18.76 31.46 12.01
N ALA F 51 20.01 31.53 11.56
CA ALA F 51 21.15 31.17 12.40
C ALA F 51 21.19 32.10 13.60
N ASP F 52 21.11 33.41 13.34
CA ASP F 52 21.13 34.39 14.41
C ASP F 52 20.04 34.15 15.42
N SER F 53 18.88 33.74 14.95
CA SER F 53 17.77 33.47 15.85
C SER F 53 18.00 32.15 16.62
N ILE F 54 18.63 31.18 15.98
CA ILE F 54 18.91 29.90 16.64
C ILE F 54 19.97 30.08 17.75
N ARG F 55 20.81 31.10 17.59
CA ARG F 55 21.83 31.42 18.58
C ARG F 55 21.20 31.85 19.89
N GLU F 56 20.05 32.52 19.80
CA GLU F 56 19.33 33.01 20.96
C GLU F 56 18.27 32.09 21.49
N LYS F 57 17.52 31.47 20.60
CA LYS F 57 16.40 30.62 20.98
C LYS F 57 16.53 29.13 20.73
N GLY F 58 17.59 28.71 20.06
CA GLY F 58 17.74 27.30 19.76
C GLY F 58 16.79 26.88 18.66
N LEU F 59 16.73 25.58 18.37
CA LEU F 59 15.84 25.11 17.32
C LEU F 59 14.40 25.09 17.83
N LEU F 60 13.47 25.42 16.93
CA LEU F 60 12.05 25.43 17.26
C LEU F 60 11.52 24.00 17.30
N GLN F 61 11.90 23.20 16.31
CA GLN F 61 11.49 21.80 16.20
C GLN F 61 12.76 20.95 16.17
N PRO F 62 12.72 19.74 16.74
CA PRO F 62 13.92 18.91 16.72
C PRO F 62 14.22 18.50 15.28
N LEU F 63 15.45 18.10 15.00
CA LEU F 63 15.80 17.62 13.67
C LEU F 63 15.36 16.16 13.61
N LEU F 64 15.10 15.66 12.41
CA LEU F 64 14.74 14.25 12.24
C LEU F 64 15.95 13.61 11.58
N VAL F 65 16.48 12.57 12.21
CA VAL F 65 17.65 11.90 11.69
C VAL F 65 17.51 10.39 11.83
N ARG F 66 18.37 9.65 11.13
CA ARG F 66 18.35 8.21 11.26
C ARG F 66 19.80 7.73 11.48
N PRO F 67 19.97 6.54 12.05
CA PRO F 67 21.31 6.02 12.28
C PRO F 67 21.98 5.76 10.94
N GLN F 68 23.21 6.25 10.78
CA GLN F 68 23.96 6.05 9.55
C GLN F 68 25.45 5.94 9.86
N GLY F 69 26.06 4.82 9.47
CA GLY F 69 27.47 4.64 9.73
C GLY F 69 27.71 4.73 11.22
N ASP F 70 28.74 5.47 11.63
CA ASP F 70 29.06 5.61 13.05
C ASP F 70 28.27 6.70 13.75
N GLY F 71 27.49 7.45 12.97
CA GLY F 71 26.72 8.53 13.55
C GLY F 71 25.29 8.62 13.11
N TYR F 72 24.89 9.77 12.59
CA TYR F 72 23.53 9.95 12.16
C TYR F 72 23.47 10.70 10.85
N GLU F 73 22.32 10.63 10.22
CA GLU F 73 22.12 11.28 8.93
C GLU F 73 20.80 12.01 8.96
N LEU F 74 20.84 13.27 8.53
CA LEU F 74 19.67 14.14 8.48
C LEU F 74 18.62 13.57 7.53
N VAL F 75 17.36 13.54 7.98
CA VAL F 75 16.28 13.04 7.15
C VAL F 75 15.28 14.16 6.81
N ALA F 76 15.20 15.18 7.66
CA ALA F 76 14.31 16.32 7.45
C ALA F 76 14.81 17.52 8.23
N GLY F 77 14.63 18.72 7.67
CA GLY F 77 15.06 19.95 8.33
C GLY F 77 16.42 20.46 7.89
N GLU F 78 16.70 20.41 6.59
CA GLU F 78 18.00 20.82 6.07
C GLU F 78 18.39 22.26 6.43
N ARG F 79 17.49 23.23 6.26
CA ARG F 79 17.85 24.61 6.59
C ARG F 79 18.10 24.83 8.08
N ARG F 80 17.27 24.20 8.90
CA ARG F 80 17.41 24.31 10.35
C ARG F 80 18.79 23.73 10.72
N TYR F 81 19.14 22.62 10.07
CA TYR F 81 20.41 21.94 10.28
C TYR F 81 21.60 22.84 9.92
N ARG F 82 21.59 23.41 8.72
CA ARG F 82 22.66 24.28 8.28
C ARG F 82 22.73 25.59 9.07
N ALA F 83 21.58 26.07 9.52
CA ALA F 83 21.57 27.31 10.29
C ALA F 83 22.20 27.03 11.65
N ALA F 84 21.97 25.84 12.18
CA ALA F 84 22.52 25.46 13.47
C ALA F 84 24.05 25.39 13.34
N LEU F 85 24.53 24.87 12.22
CA LEU F 85 25.97 24.80 11.99
C LEU F 85 26.53 26.23 11.96
N MET F 86 25.87 27.10 11.20
CA MET F 86 26.30 28.49 11.10
C MET F 86 26.33 29.16 12.47
N ALA F 87 25.33 28.85 13.29
CA ALA F 87 25.20 29.41 14.64
C ALA F 87 26.29 28.97 15.63
N GLY F 88 27.02 27.91 15.26
CA GLY F 88 28.08 27.42 16.13
C GLY F 88 27.60 26.57 17.30
N LEU F 89 26.42 25.98 17.20
CA LEU F 89 25.93 25.13 18.26
C LEU F 89 26.67 23.80 18.21
N GLN F 90 26.90 23.19 19.37
CA GLN F 90 27.58 21.91 19.44
C GLN F 90 26.54 20.78 19.39
N GLU F 91 25.43 21.00 20.07
CA GLU F 91 24.33 20.04 20.14
C GLU F 91 23.00 20.66 19.71
N VAL F 92 22.09 19.81 19.25
CA VAL F 92 20.77 20.24 18.84
C VAL F 92 19.76 19.16 19.18
N PRO F 93 18.49 19.56 19.41
CA PRO F 93 17.45 18.58 19.74
C PRO F 93 17.17 17.75 18.50
N ALA F 94 16.85 16.47 18.68
CA ALA F 94 16.58 15.64 17.53
C ALA F 94 15.73 14.45 17.90
N VAL F 95 15.16 13.83 16.87
CA VAL F 95 14.34 12.65 17.03
C VAL F 95 14.98 11.63 16.11
N VAL F 96 15.31 10.47 16.68
CA VAL F 96 15.94 9.40 15.93
C VAL F 96 14.94 8.33 15.53
N LYS F 97 14.96 7.95 14.26
CA LYS F 97 14.06 6.94 13.77
C LYS F 97 14.78 6.06 12.78
N ASP F 98 14.49 4.77 12.85
CA ASP F 98 15.09 3.80 11.94
C ASP F 98 14.29 3.86 10.66
N LEU F 99 14.87 4.45 9.64
CA LEU F 99 14.19 4.55 8.36
C LEU F 99 15.05 3.88 7.31
N THR F 100 14.41 3.14 6.41
CA THR F 100 15.12 2.49 5.34
C THR F 100 15.39 3.58 4.32
N ASP F 101 16.25 3.29 3.35
CA ASP F 101 16.55 4.28 2.33
C ASP F 101 15.27 4.72 1.62
N ARG F 102 14.36 3.78 1.39
CA ARG F 102 13.09 4.05 0.72
C ARG F 102 12.19 4.98 1.53
N GLU F 103 12.15 4.75 2.83
CA GLU F 103 11.31 5.57 3.69
C GLU F 103 11.85 6.99 3.80
N ALA F 104 13.17 7.12 3.80
CA ALA F 104 13.80 8.43 3.93
C ALA F 104 13.57 9.23 2.65
N LEU F 105 13.65 8.56 1.50
CA LEU F 105 13.46 9.23 0.23
C LEU F 105 12.01 9.68 0.16
N GLU F 106 11.11 8.78 0.52
CA GLU F 106 9.70 9.10 0.51
C GLU F 106 9.43 10.29 1.42
N LEU F 107 10.07 10.31 2.60
CA LEU F 107 9.87 11.44 3.49
C LEU F 107 10.37 12.73 2.85
N ALA F 108 11.55 12.68 2.24
CA ALA F 108 12.11 13.86 1.60
C ALA F 108 11.18 14.40 0.53
N LEU F 109 10.63 13.50 -0.30
CA LEU F 109 9.73 13.89 -1.37
C LEU F 109 8.45 14.49 -0.81
N VAL F 110 7.90 13.86 0.22
CA VAL F 110 6.69 14.37 0.84
C VAL F 110 6.88 15.73 1.51
N GLU F 111 8.00 15.93 2.22
CA GLU F 111 8.21 17.23 2.87
C GLU F 111 8.40 18.31 1.80
N ASN F 112 9.02 17.93 0.69
CA ASN F 112 9.26 18.87 -0.40
C ASN F 112 7.93 19.25 -1.03
N LEU F 113 7.05 18.27 -1.19
CA LEU F 113 5.73 18.52 -1.79
C LEU F 113 4.81 19.36 -0.91
N GLN F 114 5.24 19.63 0.32
CA GLN F 114 4.44 20.39 1.26
C GLN F 114 4.82 21.88 1.27
N ARG F 115 6.01 22.19 0.76
CA ARG F 115 6.50 23.57 0.72
C ARG F 115 5.65 24.53 -0.11
N GLU F 116 5.74 25.82 0.23
CA GLU F 116 5.01 26.89 -0.47
C GLU F 116 5.88 27.30 -1.65
N ASP F 117 6.92 26.52 -1.85
CA ASP F 117 7.94 26.73 -2.87
C ASP F 117 7.76 26.09 -4.23
N LEU F 118 6.79 25.21 -4.37
CA LEU F 118 6.67 24.49 -5.63
C LEU F 118 5.84 25.04 -6.75
N SER F 119 6.35 24.79 -7.95
CA SER F 119 5.64 25.17 -9.14
C SER F 119 4.81 23.92 -9.40
N PRO F 120 3.76 24.05 -10.20
CA PRO F 120 2.96 22.84 -10.48
C PRO F 120 3.77 21.75 -11.19
N VAL F 121 4.85 22.13 -11.87
CA VAL F 121 5.68 21.15 -12.57
C VAL F 121 6.48 20.30 -11.57
N GLU F 122 7.05 20.96 -10.56
CA GLU F 122 7.83 20.25 -9.55
C GLU F 122 6.95 19.29 -8.75
N GLU F 123 5.73 19.70 -8.43
CA GLU F 123 4.90 18.79 -7.66
C GLU F 123 4.55 17.59 -8.53
N ALA F 124 4.43 17.80 -9.84
CA ALA F 124 4.15 16.71 -10.75
C ALA F 124 5.32 15.73 -10.70
N ARG F 125 6.54 16.25 -10.78
CA ARG F 125 7.73 15.40 -10.73
C ARG F 125 7.80 14.69 -9.39
N GLY F 126 7.37 15.37 -8.32
CA GLY F 126 7.38 14.76 -7.00
C GLY F 126 6.41 13.58 -6.95
N TYR F 127 5.23 13.77 -7.51
CA TYR F 127 4.21 12.71 -7.53
C TYR F 127 4.73 11.52 -8.33
N GLN F 128 5.36 11.79 -9.48
CA GLN F 128 5.87 10.73 -10.33
C GLN F 128 6.94 9.89 -9.62
N ALA F 129 7.82 10.55 -8.88
CA ALA F 129 8.88 9.86 -8.15
C ALA F 129 8.25 8.94 -7.10
N LEU F 130 7.21 9.42 -6.42
CA LEU F 130 6.54 8.62 -5.42
C LEU F 130 5.92 7.39 -6.07
N LEU F 131 5.35 7.59 -7.26
CA LEU F 131 4.74 6.50 -8.00
C LEU F 131 5.84 5.50 -8.36
N GLU F 132 6.97 6.01 -8.84
CA GLU F 132 8.07 5.14 -9.23
C GLU F 132 8.58 4.28 -8.07
N MET F 133 8.39 4.77 -6.85
CA MET F 133 8.82 4.04 -5.67
C MET F 133 7.83 2.96 -5.27
N GLY F 134 6.71 2.86 -5.98
CA GLY F 134 5.73 1.84 -5.67
C GLY F 134 4.40 2.32 -5.14
N LEU F 135 4.28 3.61 -4.84
CA LEU F 135 3.02 4.12 -4.33
C LEU F 135 2.01 4.28 -5.47
N THR F 136 0.75 4.12 -5.13
CA THR F 136 -0.33 4.26 -6.09
C THR F 136 -0.73 5.74 -6.09
N GLN F 137 -1.45 6.15 -7.12
CA GLN F 137 -1.91 7.53 -7.21
C GLN F 137 -2.71 7.90 -5.97
N GLU F 138 -3.55 6.97 -5.52
CA GLU F 138 -4.39 7.21 -4.34
C GLU F 138 -3.54 7.35 -3.07
N GLU F 139 -2.48 6.55 -2.97
CA GLU F 139 -1.62 6.62 -1.79
C GLU F 139 -0.86 7.94 -1.80
N VAL F 140 -0.42 8.38 -2.98
CA VAL F 140 0.28 9.64 -3.09
C VAL F 140 -0.65 10.75 -2.62
N ALA F 141 -1.89 10.72 -3.12
CA ALA F 141 -2.89 11.72 -2.76
C ALA F 141 -3.13 11.78 -1.26
N ARG F 142 -3.28 10.62 -0.63
CA ARG F 142 -3.48 10.61 0.82
C ARG F 142 -2.28 11.16 1.58
N ARG F 143 -1.07 10.88 1.12
CA ARG F 143 0.16 11.35 1.79
C ARG F 143 0.32 12.87 1.77
N VAL F 144 -0.05 13.50 0.66
CA VAL F 144 0.09 14.94 0.54
C VAL F 144 -1.18 15.73 0.86
N GLY F 145 -2.27 15.04 1.17
CA GLY F 145 -3.50 15.73 1.50
C GLY F 145 -4.24 16.36 0.32
N LYS F 146 -4.29 15.64 -0.79
CA LYS F 146 -4.96 16.13 -1.99
C LYS F 146 -5.79 15.02 -2.62
N ALA F 147 -6.70 15.40 -3.51
CA ALA F 147 -7.55 14.41 -4.17
C ALA F 147 -6.78 13.64 -5.23
N ARG F 148 -7.19 12.40 -5.43
CA ARG F 148 -6.54 11.56 -6.41
C ARG F 148 -6.55 12.23 -7.78
N SER F 149 -7.66 12.88 -8.12
CA SER F 149 -7.78 13.56 -9.40
C SER F 149 -6.73 14.65 -9.52
N THR F 150 -6.45 15.35 -8.43
CA THR F 150 -5.44 16.43 -8.44
C THR F 150 -4.08 15.85 -8.80
N VAL F 151 -3.75 14.70 -8.22
CA VAL F 151 -2.49 14.06 -8.49
C VAL F 151 -2.41 13.61 -9.93
N ALA F 152 -3.49 12.99 -10.42
CA ALA F 152 -3.53 12.51 -11.79
C ALA F 152 -3.41 13.68 -12.78
N ASN F 153 -4.14 14.76 -12.53
CA ASN F 153 -4.07 15.93 -13.41
C ASN F 153 -2.66 16.51 -13.45
N ALA F 154 -2.00 16.53 -12.30
CA ALA F 154 -0.66 17.07 -12.23
C ALA F 154 0.32 16.27 -13.07
N LEU F 155 0.19 14.94 -12.99
CA LEU F 155 1.07 14.05 -13.74
C LEU F 155 0.97 14.26 -15.26
N ARG F 156 -0.21 14.65 -15.73
CA ARG F 156 -0.44 14.88 -17.15
C ARG F 156 0.49 15.97 -17.66
N LEU F 157 0.80 16.94 -16.81
CA LEU F 157 1.69 18.03 -17.22
C LEU F 157 3.04 17.55 -17.73
N LEU F 158 3.51 16.43 -17.21
CA LEU F 158 4.81 15.92 -17.63
C LEU F 158 4.90 15.43 -19.08
N GLN F 159 3.78 15.37 -19.79
CA GLN F 159 3.86 14.91 -21.17
C GLN F 159 4.01 16.08 -22.12
N LEU F 160 4.00 17.29 -21.56
CA LEU F 160 4.18 18.49 -22.35
C LEU F 160 5.66 18.61 -22.71
N PRO F 161 5.98 19.29 -23.82
CA PRO F 161 7.38 19.45 -24.22
C PRO F 161 8.11 20.34 -23.22
N PRO F 162 9.42 20.11 -23.05
CA PRO F 162 10.25 20.88 -22.11
C PRO F 162 10.07 22.39 -22.15
N GLU F 163 10.03 22.98 -23.35
CA GLU F 163 9.88 24.43 -23.41
C GLU F 163 8.54 24.92 -22.91
N ALA F 164 7.52 24.06 -22.93
CA ALA F 164 6.21 24.46 -22.44
C ALA F 164 6.28 24.50 -20.92
N LEU F 165 6.94 23.51 -20.33
CA LEU F 165 7.07 23.43 -18.88
C LEU F 165 7.88 24.63 -18.35
N GLU F 166 8.88 25.05 -19.11
CA GLU F 166 9.72 26.17 -18.72
C GLU F 166 8.94 27.48 -18.73
N ALA F 167 8.08 27.62 -19.74
CA ALA F 167 7.26 28.80 -19.87
C ALA F 167 6.32 28.87 -18.68
N LEU F 168 5.85 27.71 -18.25
CA LEU F 168 4.94 27.62 -17.10
C LEU F 168 5.70 28.03 -15.83
N GLU F 169 6.85 27.42 -15.59
CA GLU F 169 7.61 27.73 -14.39
C GLU F 169 8.03 29.20 -14.36
N ARG F 170 8.32 29.76 -15.52
CA ARG F 170 8.72 31.17 -15.60
C ARG F 170 7.51 32.09 -15.47
N GLY F 171 6.32 31.50 -15.41
CA GLY F 171 5.12 32.31 -15.26
C GLY F 171 4.70 33.02 -16.54
N GLU F 172 5.15 32.52 -17.68
CA GLU F 172 4.79 33.11 -18.95
C GLU F 172 3.44 32.58 -19.41
N ILE F 173 3.03 31.46 -18.85
CA ILE F 173 1.73 30.86 -19.16
C ILE F 173 1.16 30.26 -17.87
N THR F 174 -0.14 30.00 -17.85
CA THR F 174 -0.79 29.44 -16.67
C THR F 174 -1.05 27.94 -16.81
N ALA F 175 -1.42 27.31 -15.70
CA ALA F 175 -1.72 25.89 -15.71
C ALA F 175 -2.85 25.65 -16.70
N GLY F 176 -3.69 26.66 -16.87
CA GLY F 176 -4.80 26.58 -17.80
C GLY F 176 -4.29 26.45 -19.22
N HIS F 177 -3.33 27.29 -19.57
CA HIS F 177 -2.72 27.26 -20.90
C HIS F 177 -2.10 25.88 -21.13
N ALA F 178 -1.44 25.37 -20.10
CA ALA F 178 -0.79 24.08 -20.17
C ALA F 178 -1.80 22.97 -20.46
N ARG F 179 -2.95 23.04 -19.80
CA ARG F 179 -3.99 22.03 -20.03
C ARG F 179 -4.53 22.18 -21.44
N ALA F 180 -4.60 23.42 -21.91
CA ALA F 180 -5.08 23.69 -23.26
C ALA F 180 -4.15 23.02 -24.26
N LEU F 181 -2.85 23.18 -24.05
CA LEU F 181 -1.84 22.59 -24.92
C LEU F 181 -1.89 21.07 -24.90
N LEU F 182 -2.36 20.50 -23.80
CA LEU F 182 -2.45 19.04 -23.69
C LEU F 182 -3.55 18.50 -24.59
N MET F 183 -4.47 19.39 -24.98
CA MET F 183 -5.56 18.98 -25.86
C MET F 183 -5.13 18.96 -27.32
N LEU F 184 -4.01 19.62 -27.63
CA LEU F 184 -3.49 19.63 -28.98
C LEU F 184 -2.67 18.37 -29.17
N GLU F 185 -2.50 17.96 -30.43
CA GLU F 185 -1.71 16.77 -30.73
C GLU F 185 -0.26 17.11 -30.40
N PRO F 186 0.49 16.13 -29.89
CA PRO F 186 1.89 16.33 -29.54
C PRO F 186 2.70 17.20 -30.51
N GLU F 187 2.67 16.86 -31.79
CA GLU F 187 3.44 17.60 -32.81
C GLU F 187 2.95 19.02 -33.09
N ASP F 188 1.90 19.45 -32.40
CA ASP F 188 1.35 20.79 -32.59
C ASP F 188 1.51 21.66 -31.34
N ARG F 189 1.97 21.04 -30.25
CA ARG F 189 2.14 21.75 -29.00
C ARG F 189 3.11 22.92 -29.03
N LEU F 190 4.29 22.73 -29.61
CA LEU F 190 5.23 23.83 -29.68
C LEU F 190 4.60 24.99 -30.43
N TRP F 191 3.95 24.67 -31.55
CA TRP F 191 3.30 25.70 -32.35
C TRP F 191 2.31 26.45 -31.47
N GLY F 192 1.51 25.68 -30.74
CA GLY F 192 0.52 26.28 -29.86
C GLY F 192 1.16 27.13 -28.77
N LEU F 193 2.34 26.71 -28.29
CA LEU F 193 3.02 27.46 -27.25
C LEU F 193 3.39 28.83 -27.79
N LYS F 194 3.93 28.84 -29.00
CA LYS F 194 4.33 30.09 -29.65
C LYS F 194 3.16 31.03 -29.81
N GLU F 195 2.03 30.52 -30.28
CA GLU F 195 0.85 31.33 -30.45
C GLU F 195 0.43 32.03 -29.16
N ILE F 196 0.36 31.27 -28.08
CA ILE F 196 -0.04 31.83 -26.79
C ILE F 196 0.94 32.92 -26.36
N LEU F 197 2.23 32.65 -26.55
CA LEU F 197 3.27 33.60 -26.15
C LEU F 197 3.35 34.88 -26.99
N GLU F 198 3.54 34.74 -28.30
CA GLU F 198 3.67 35.92 -29.16
C GLU F 198 2.37 36.60 -29.57
N LYS F 199 1.24 36.06 -29.12
CA LYS F 199 -0.06 36.65 -29.41
C LYS F 199 -0.84 36.82 -28.11
N GLY F 200 -0.12 36.73 -26.99
CA GLY F 200 -0.72 36.89 -25.68
C GLY F 200 -2.11 36.30 -25.52
N LEU F 201 -2.32 35.11 -26.07
CA LEU F 201 -3.60 34.44 -25.99
C LEU F 201 -4.01 34.17 -24.55
N SER F 202 -5.31 34.16 -24.30
CA SER F 202 -5.83 33.89 -22.96
C SER F 202 -6.15 32.41 -22.84
N VAL F 203 -6.40 31.94 -21.62
CA VAL F 203 -6.71 30.53 -21.39
C VAL F 203 -7.92 30.09 -22.22
N ARG F 204 -8.91 30.96 -22.33
CA ARG F 204 -10.11 30.64 -23.11
C ARG F 204 -9.78 30.58 -24.60
N GLN F 205 -9.03 31.57 -25.07
CA GLN F 205 -8.64 31.64 -26.48
C GLN F 205 -7.56 30.60 -26.79
N ALA F 206 -6.93 30.09 -25.74
CA ALA F 206 -5.89 29.09 -25.90
C ALA F 206 -6.57 27.75 -26.23
N GLU F 207 -7.69 27.49 -25.58
CA GLU F 207 -8.43 26.26 -25.81
C GLU F 207 -9.09 26.35 -27.19
N ALA F 208 -9.20 27.57 -27.70
CA ALA F 208 -9.80 27.82 -29.00
C ALA F 208 -8.95 27.22 -30.11
N LEU F 209 -7.84 26.60 -29.73
CA LEU F 209 -6.93 25.99 -30.68
C LEU F 209 -7.47 24.65 -31.17
N ARG F 210 -8.75 24.60 -31.48
CA ARG F 210 -9.37 23.37 -31.96
C ARG F 210 -10.66 23.65 -32.73
N GLU F 211 -11.66 24.02 -32.09
N VAL G 23 -56.18 7.45 23.45
CA VAL G 23 -55.64 8.82 23.67
C VAL G 23 -55.65 9.19 25.14
N VAL G 24 -54.70 8.64 25.88
CA VAL G 24 -54.58 8.90 27.32
C VAL G 24 -53.85 10.21 27.55
N ARG G 25 -53.70 10.59 28.80
CA ARG G 25 -53.01 11.82 29.17
C ARG G 25 -51.85 11.43 30.08
N LEU G 26 -50.66 11.42 29.53
CA LEU G 26 -49.46 11.03 30.27
C LEU G 26 -48.66 12.20 30.84
N PRO G 27 -47.88 11.94 31.89
CA PRO G 27 -47.05 12.99 32.49
C PRO G 27 -45.78 13.09 31.65
N LEU G 28 -45.60 14.25 31.01
CA LEU G 28 -44.45 14.48 30.15
C LEU G 28 -43.10 14.02 30.72
N ALA G 29 -42.96 14.06 32.04
CA ALA G 29 -41.69 13.67 32.65
C ALA G 29 -41.40 12.17 32.49
N SER G 30 -42.44 11.40 32.16
CA SER G 30 -42.27 9.96 31.99
C SER G 30 -42.00 9.56 30.54
N ILE G 31 -41.90 10.57 29.66
CA ILE G 31 -41.64 10.30 28.26
C ILE G 31 -40.21 10.60 27.85
N ARG G 32 -39.52 9.56 27.40
CA ARG G 32 -38.14 9.65 26.97
C ARG G 32 -38.06 10.06 25.49
N PRO G 33 -37.03 10.83 25.12
CA PRO G 33 -36.88 11.26 23.73
C PRO G 33 -36.74 10.11 22.73
N ASN G 34 -37.15 10.36 21.48
CA ASN G 34 -37.09 9.35 20.44
C ASN G 34 -35.65 9.16 19.97
N PRO G 35 -35.08 7.97 20.18
CA PRO G 35 -33.71 7.66 19.78
C PRO G 35 -33.58 7.43 18.27
N ARG G 36 -34.72 7.25 17.61
CA ARG G 36 -34.73 7.03 16.17
C ARG G 36 -34.75 8.39 15.47
N GLN G 37 -33.65 8.71 14.78
CA GLN G 37 -33.54 9.97 14.07
C GLN G 37 -33.02 9.70 12.64
N PRO G 38 -33.82 8.99 11.82
CA PRO G 38 -33.45 8.66 10.45
C PRO G 38 -32.97 9.85 9.59
N ARG G 39 -33.64 10.99 9.71
CA ARG G 39 -33.25 12.17 8.95
C ARG G 39 -31.79 12.52 9.21
N LYS G 40 -31.42 12.66 10.47
CA LYS G 40 -30.05 13.00 10.84
C LYS G 40 -29.07 11.90 10.40
N ARG G 41 -29.49 10.65 10.54
CA ARG G 41 -28.65 9.53 10.16
C ARG G 41 -28.37 9.56 8.64
N PHE G 42 -29.40 9.87 7.86
CA PHE G 42 -29.26 9.96 6.40
C PHE G 42 -28.29 11.08 6.03
N ALA G 43 -28.41 12.21 6.70
CA ALA G 43 -27.55 13.33 6.42
C ALA G 43 -26.09 12.95 6.70
N GLU G 44 -25.85 12.24 7.79
CA GLU G 44 -24.49 11.84 8.12
C GLU G 44 -23.96 10.84 7.10
N GLU G 45 -24.80 9.88 6.71
CA GLU G 45 -24.41 8.86 5.74
C GLU G 45 -24.01 9.49 4.41
N SER G 46 -24.88 10.35 3.87
CA SER G 46 -24.60 10.99 2.59
C SER G 46 -23.38 11.92 2.65
N LEU G 47 -23.13 12.54 3.80
CA LEU G 47 -21.98 13.44 3.92
C LEU G 47 -20.70 12.62 3.74
N LYS G 48 -20.66 11.45 4.37
CA LYS G 48 -19.50 10.58 4.26
C LYS G 48 -19.32 10.12 2.81
N GLU G 49 -20.42 9.75 2.17
CA GLU G 49 -20.31 9.34 0.78
C GLU G 49 -19.78 10.49 -0.07
N LEU G 50 -20.17 11.73 0.25
CA LEU G 50 -19.69 12.90 -0.50
C LEU G 50 -18.19 13.05 -0.24
N ALA G 51 -17.77 12.94 1.02
CA ALA G 51 -16.35 13.05 1.36
C ALA G 51 -15.56 12.03 0.59
N ASP G 52 -16.01 10.78 0.62
CA ASP G 52 -15.31 9.71 -0.07
C ASP G 52 -15.11 10.02 -1.54
N SER G 53 -16.12 10.65 -2.15
CA SER G 53 -16.05 11.00 -3.56
C SER G 53 -15.11 12.18 -3.81
N ILE G 54 -15.03 13.09 -2.85
CA ILE G 54 -14.14 14.24 -3.00
C ILE G 54 -12.70 13.75 -2.91
N ARG G 55 -12.48 12.71 -2.11
CA ARG G 55 -11.14 12.14 -1.97
C ARG G 55 -10.65 11.68 -3.34
N GLU G 56 -11.58 11.20 -4.17
CA GLU G 56 -11.21 10.71 -5.49
C GLU G 56 -11.25 11.75 -6.61
N LYS G 57 -12.30 12.56 -6.66
CA LYS G 57 -12.48 13.55 -7.72
C LYS G 57 -12.35 15.00 -7.31
N GLY G 58 -12.15 15.25 -6.02
CA GLY G 58 -12.05 16.63 -5.56
C GLY G 58 -13.43 17.27 -5.61
N LEU G 59 -13.51 18.56 -5.31
CA LEU G 59 -14.77 19.28 -5.34
C LEU G 59 -15.26 19.52 -6.77
N LEU G 60 -16.56 19.33 -6.96
CA LEU G 60 -17.16 19.55 -8.27
C LEU G 60 -17.09 21.05 -8.57
N GLN G 61 -17.58 21.86 -7.63
CA GLN G 61 -17.58 23.31 -7.78
C GLN G 61 -16.72 23.97 -6.71
N PRO G 62 -16.12 25.12 -7.02
CA PRO G 62 -15.28 25.78 -6.02
C PRO G 62 -16.14 26.27 -4.86
N LEU G 63 -15.53 26.45 -3.68
CA LEU G 63 -16.27 26.97 -2.55
C LEU G 63 -16.36 28.48 -2.77
N LEU G 64 -17.34 29.12 -2.16
CA LEU G 64 -17.50 30.56 -2.27
C LEU G 64 -17.15 31.09 -0.88
N VAL G 65 -16.18 31.99 -0.81
CA VAL G 65 -15.79 32.54 0.48
C VAL G 65 -15.51 34.02 0.41
N ARG G 66 -15.47 34.68 1.55
CA ARG G 66 -15.17 36.10 1.60
C ARG G 66 -14.11 36.29 2.67
N PRO G 67 -13.36 37.40 2.60
CA PRO G 67 -12.32 37.64 3.61
C PRO G 67 -12.93 37.86 4.97
N GLN G 68 -12.28 37.32 5.99
CA GLN G 68 -12.76 37.48 7.35
C GLN G 68 -11.57 37.32 8.26
N GLY G 69 -11.37 38.30 9.14
CA GLY G 69 -10.24 38.23 10.04
C GLY G 69 -8.93 38.05 9.29
N ASP G 70 -8.11 37.13 9.77
CA ASP G 70 -6.83 36.86 9.15
C ASP G 70 -6.95 35.90 7.96
N GLY G 71 -8.13 35.29 7.81
CA GLY G 71 -8.32 34.35 6.73
C GLY G 71 -9.58 34.51 5.90
N TYR G 72 -10.37 33.45 5.83
CA TYR G 72 -11.59 33.49 5.05
C TYR G 72 -12.79 32.87 5.74
N GLU G 73 -13.97 33.20 5.22
CA GLU G 73 -15.23 32.71 5.77
C GLU G 73 -16.15 32.18 4.67
N LEU G 74 -16.67 30.96 4.88
CA LEU G 74 -17.55 30.30 3.93
C LEU G 74 -18.84 31.10 3.71
N VAL G 75 -19.24 31.25 2.45
CA VAL G 75 -20.44 31.98 2.11
C VAL G 75 -21.51 31.06 1.48
N ALA G 76 -21.05 29.98 0.84
CA ALA G 76 -21.95 29.02 0.22
C ALA G 76 -21.24 27.68 0.08
N GLY G 77 -22.01 26.59 0.15
CA GLY G 77 -21.44 25.26 0.02
C GLY G 77 -21.05 24.62 1.32
N GLU G 78 -21.89 24.72 2.34
CA GLU G 78 -21.56 24.14 3.63
C GLU G 78 -21.24 22.64 3.56
N ARG G 79 -22.11 21.84 2.95
CA ARG G 79 -21.84 20.40 2.89
C ARG G 79 -20.58 20.04 2.10
N ARG G 80 -20.34 20.74 1.01
CA ARG G 80 -19.15 20.50 0.20
C ARG G 80 -17.91 20.81 1.06
N TYR G 81 -18.02 21.87 1.85
CA TYR G 81 -16.96 22.31 2.75
C TYR G 81 -16.68 21.32 3.87
N ARG G 82 -17.72 20.80 4.52
CA ARG G 82 -17.53 19.87 5.61
C ARG G 82 -17.08 18.51 5.08
N ALA G 83 -17.50 18.17 3.87
CA ALA G 83 -17.10 16.90 3.29
C ALA G 83 -15.61 16.98 2.93
N ALA G 84 -15.17 18.15 2.49
CA ALA G 84 -13.78 18.35 2.14
C ALA G 84 -12.93 18.13 3.40
N LEU G 85 -13.41 18.61 4.53
CA LEU G 85 -12.70 18.45 5.79
C LEU G 85 -12.62 16.97 6.15
N MET G 86 -13.75 16.27 6.03
CA MET G 86 -13.79 14.84 6.34
C MET G 86 -12.84 14.08 5.42
N ALA G 87 -12.76 14.53 4.17
CA ALA G 87 -11.91 13.91 3.16
C ALA G 87 -10.41 14.08 3.43
N GLY G 88 -10.06 15.00 4.32
CA GLY G 88 -8.67 15.23 4.63
C GLY G 88 -7.93 16.11 3.64
N LEU G 89 -8.65 16.82 2.78
CA LEU G 89 -7.97 17.69 1.83
C LEU G 89 -7.33 18.85 2.60
N GLN G 90 -6.22 19.36 2.08
CA GLN G 90 -5.56 20.48 2.73
C GLN G 90 -5.93 21.77 2.00
N GLU G 91 -6.24 21.63 0.71
CA GLU G 91 -6.60 22.76 -0.14
C GLU G 91 -7.86 22.44 -0.96
N VAL G 92 -8.64 23.46 -1.27
CA VAL G 92 -9.83 23.30 -2.07
C VAL G 92 -9.98 24.49 -3.01
N PRO G 93 -10.59 24.27 -4.19
CA PRO G 93 -10.78 25.38 -5.14
C PRO G 93 -11.79 26.34 -4.51
N ALA G 94 -11.65 27.63 -4.78
CA ALA G 94 -12.58 28.59 -4.20
C ALA G 94 -12.65 29.90 -4.97
N VAL G 95 -13.76 30.60 -4.80
CA VAL G 95 -13.92 31.90 -5.44
C VAL G 95 -14.09 32.88 -4.30
N VAL G 96 -13.23 33.89 -4.29
CA VAL G 96 -13.24 34.92 -3.27
C VAL G 96 -13.96 36.18 -3.72
N LYS G 97 -14.91 36.64 -2.91
CA LYS G 97 -15.64 37.85 -3.22
C LYS G 97 -15.75 38.72 -1.99
N ASP G 98 -15.85 40.02 -2.22
CA ASP G 98 -15.99 40.97 -1.13
C ASP G 98 -17.48 41.15 -0.90
N LEU G 99 -17.98 40.54 0.17
CA LEU G 99 -19.39 40.61 0.47
C LEU G 99 -19.58 41.22 1.85
N THR G 100 -20.52 42.16 1.97
CA THR G 100 -20.82 42.76 3.25
C THR G 100 -21.63 41.73 4.01
N ASP G 101 -21.78 41.91 5.31
CA ASP G 101 -22.56 40.96 6.08
C ASP G 101 -23.95 40.82 5.47
N ARG G 102 -24.55 41.95 5.11
CA ARG G 102 -25.88 41.98 4.49
C ARG G 102 -25.97 41.08 3.25
N GLU G 103 -25.02 41.25 2.34
CA GLU G 103 -25.00 40.46 1.11
C GLU G 103 -24.81 38.97 1.36
N ALA G 104 -24.00 38.63 2.36
CA ALA G 104 -23.74 37.24 2.68
C ALA G 104 -25.00 36.59 3.24
N LEU G 105 -25.74 37.31 4.07
CA LEU G 105 -26.96 36.78 4.65
C LEU G 105 -27.99 36.58 3.54
N GLU G 106 -28.10 37.59 2.68
CA GLU G 106 -29.04 37.52 1.56
C GLU G 106 -28.70 36.32 0.66
N LEU G 107 -27.41 36.04 0.50
CA LEU G 107 -27.01 34.89 -0.31
C LEU G 107 -27.41 33.61 0.40
N ALA G 108 -27.08 33.53 1.69
CA ALA G 108 -27.42 32.36 2.47
C ALA G 108 -28.93 32.08 2.34
N LEU G 109 -29.74 33.11 2.51
CA LEU G 109 -31.19 32.95 2.42
C LEU G 109 -31.63 32.50 1.02
N VAL G 110 -31.14 33.17 -0.01
CA VAL G 110 -31.48 32.82 -1.38
C VAL G 110 -31.05 31.39 -1.74
N GLU G 111 -29.84 30.98 -1.37
CA GLU G 111 -29.40 29.62 -1.70
C GLU G 111 -30.25 28.59 -0.96
N ASN G 112 -30.71 28.95 0.23
CA ASN G 112 -31.55 28.05 1.01
C ASN G 112 -32.91 27.89 0.33
N LEU G 113 -33.47 29.02 -0.10
CA LEU G 113 -34.78 29.02 -0.76
C LEU G 113 -34.82 28.25 -2.08
N GLN G 114 -33.66 27.98 -2.65
CA GLN G 114 -33.58 27.27 -3.91
C GLN G 114 -33.49 25.75 -3.75
N ARG G 115 -33.30 25.27 -2.52
CA ARG G 115 -33.16 23.83 -2.27
C ARG G 115 -34.48 23.08 -2.47
N GLU G 116 -34.38 21.76 -2.66
CA GLU G 116 -35.54 20.87 -2.85
C GLU G 116 -35.99 20.41 -1.47
N ASP G 117 -35.36 21.00 -0.47
CA ASP G 117 -35.54 20.72 0.95
C ASP G 117 -36.56 21.49 1.74
N LEU G 118 -37.15 22.52 1.17
CA LEU G 118 -38.06 23.33 1.96
C LEU G 118 -39.53 23.03 1.94
N SER G 119 -40.14 23.28 3.08
CA SER G 119 -41.56 23.11 3.22
C SER G 119 -42.08 24.50 2.83
N PRO G 120 -43.36 24.60 2.46
CA PRO G 120 -43.86 25.93 2.09
C PRO G 120 -43.77 26.94 3.24
N VAL G 121 -43.72 26.46 4.49
CA VAL G 121 -43.61 27.36 5.63
C VAL G 121 -42.21 27.97 5.72
N GLU G 122 -41.20 27.14 5.51
CA GLU G 122 -39.81 27.61 5.55
C GLU G 122 -39.57 28.63 4.45
N GLU G 123 -40.12 28.38 3.28
CA GLU G 123 -39.97 29.31 2.18
C GLU G 123 -40.56 30.67 2.59
N ALA G 124 -41.75 30.65 3.20
CA ALA G 124 -42.38 31.88 3.65
C ALA G 124 -41.46 32.60 4.65
N ARG G 125 -40.90 31.86 5.60
CA ARG G 125 -40.01 32.48 6.59
C ARG G 125 -38.82 33.09 5.88
N GLY G 126 -38.37 32.42 4.82
CA GLY G 126 -37.24 32.92 4.05
C GLY G 126 -37.60 34.23 3.38
N TYR G 127 -38.75 34.27 2.72
CA TYR G 127 -39.21 35.47 2.04
C TYR G 127 -39.29 36.60 3.04
N GLN G 128 -39.90 36.32 4.19
CA GLN G 128 -40.06 37.34 5.21
C GLN G 128 -38.73 37.92 5.71
N ALA G 129 -37.71 37.09 5.85
CA ALA G 129 -36.42 37.58 6.30
C ALA G 129 -35.83 38.49 5.24
N LEU G 130 -36.03 38.15 3.97
CA LEU G 130 -35.51 38.97 2.88
C LEU G 130 -36.22 40.31 2.87
N LEU G 131 -37.51 40.32 3.22
CA LEU G 131 -38.27 41.57 3.27
C LEU G 131 -37.75 42.44 4.43
N GLU G 132 -37.47 41.80 5.56
CA GLU G 132 -36.96 42.51 6.72
C GLU G 132 -35.61 43.14 6.46
N MET G 133 -34.89 42.64 5.46
CA MET G 133 -33.58 43.18 5.13
C MET G 133 -33.71 44.34 4.14
N GLY G 134 -34.94 44.66 3.75
CA GLY G 134 -35.14 45.78 2.83
C GLY G 134 -35.54 45.45 1.41
N LEU G 135 -35.64 44.18 1.07
CA LEU G 135 -36.03 43.83 -0.29
C LEU G 135 -37.54 43.93 -0.48
N THR G 136 -37.94 44.15 -1.74
CA THR G 136 -39.34 44.27 -2.14
C THR G 136 -39.90 42.87 -2.40
N GLN G 137 -41.22 42.73 -2.37
CA GLN G 137 -41.78 41.43 -2.67
C GLN G 137 -41.31 41.05 -4.06
N GLU G 138 -41.23 42.04 -4.95
CA GLU G 138 -40.80 41.78 -6.32
C GLU G 138 -39.32 41.43 -6.43
N GLU G 139 -38.50 41.99 -5.55
CA GLU G 139 -37.09 41.68 -5.60
C GLU G 139 -36.92 40.26 -5.11
N VAL G 140 -37.62 39.91 -4.04
CA VAL G 140 -37.55 38.55 -3.52
C VAL G 140 -37.99 37.62 -4.65
N ALA G 141 -39.12 37.95 -5.27
CA ALA G 141 -39.65 37.13 -6.36
C ALA G 141 -38.61 36.95 -7.48
N ARG G 142 -37.99 38.03 -7.90
CA ARG G 142 -36.97 37.94 -8.95
C ARG G 142 -35.75 37.09 -8.57
N ARG G 143 -35.28 37.21 -7.32
CA ARG G 143 -34.12 36.46 -6.84
C ARG G 143 -34.36 34.96 -6.73
N VAL G 144 -35.60 34.55 -6.47
CA VAL G 144 -35.86 33.13 -6.35
C VAL G 144 -36.50 32.54 -7.62
N GLY G 145 -36.71 33.37 -8.61
CA GLY G 145 -37.32 32.90 -9.85
C GLY G 145 -38.79 32.54 -9.72
N LYS G 146 -39.55 33.37 -9.02
CA LYS G 146 -40.98 33.14 -8.85
C LYS G 146 -41.76 34.42 -9.01
N ALA G 147 -43.07 34.26 -9.22
CA ALA G 147 -43.94 35.43 -9.38
C ALA G 147 -44.19 36.10 -8.05
N ARG G 148 -44.42 37.40 -8.10
CA ARG G 148 -44.68 38.18 -6.91
C ARG G 148 -45.86 37.61 -6.11
N SER G 149 -46.88 37.16 -6.82
CA SER G 149 -48.07 36.60 -6.19
C SER G 149 -47.73 35.34 -5.38
N THR G 150 -46.79 34.55 -5.89
CA THR G 150 -46.37 33.34 -5.20
C THR G 150 -45.72 33.73 -3.86
N VAL G 151 -44.90 34.78 -3.88
CA VAL G 151 -44.23 35.24 -2.66
C VAL G 151 -45.27 35.77 -1.67
N ALA G 152 -46.17 36.63 -2.14
CA ALA G 152 -47.21 37.22 -1.29
C ALA G 152 -48.11 36.15 -0.67
N ASN G 153 -48.49 35.16 -1.48
CA ASN G 153 -49.32 34.07 -0.98
C ASN G 153 -48.60 33.25 0.07
N ALA G 154 -47.30 33.01 -0.15
CA ALA G 154 -46.53 32.22 0.81
C ALA G 154 -46.45 32.95 2.15
N LEU G 155 -46.27 34.27 2.10
CA LEU G 155 -46.19 35.09 3.30
C LEU G 155 -47.45 34.99 4.18
N ARG G 156 -48.61 34.88 3.54
CA ARG G 156 -49.86 34.78 4.28
C ARG G 156 -49.87 33.61 5.26
N LEU G 157 -49.23 32.51 4.89
CA LEU G 157 -49.15 31.34 5.76
C LEU G 157 -48.63 31.66 7.17
N LEU G 158 -47.76 32.66 7.27
CA LEU G 158 -47.18 33.02 8.56
C LEU G 158 -48.16 33.59 9.56
N GLN G 159 -49.37 33.93 9.13
CA GLN G 159 -50.32 34.46 10.09
C GLN G 159 -51.16 33.35 10.70
N LEU G 160 -50.86 32.12 10.31
CA LEU G 160 -51.56 30.95 10.85
C LEU G 160 -50.96 30.60 12.22
N PRO G 161 -51.78 30.07 13.13
CA PRO G 161 -51.25 29.71 14.45
C PRO G 161 -50.20 28.64 14.33
N PRO G 162 -49.22 28.64 15.24
CA PRO G 162 -48.13 27.67 15.23
C PRO G 162 -48.53 26.20 15.04
N GLU G 163 -49.58 25.76 15.73
CA GLU G 163 -49.97 24.37 15.61
C GLU G 163 -50.52 24.03 14.23
N ALA G 164 -51.03 25.04 13.53
CA ALA G 164 -51.53 24.80 12.17
C ALA G 164 -50.31 24.63 11.26
N LEU G 165 -49.31 25.48 11.44
CA LEU G 165 -48.09 25.40 10.64
C LEU G 165 -47.40 24.05 10.84
N GLU G 166 -47.38 23.56 12.08
CA GLU G 166 -46.75 22.28 12.39
C GLU G 166 -47.47 21.13 11.68
N ALA G 167 -48.79 21.23 11.67
CA ALA G 167 -49.60 20.21 11.01
C ALA G 167 -49.32 20.20 9.51
N LEU G 168 -49.06 21.37 8.94
CA LEU G 168 -48.75 21.48 7.52
C LEU G 168 -47.39 20.86 7.23
N GLU G 169 -46.37 21.27 7.98
CA GLU G 169 -45.02 20.76 7.78
C GLU G 169 -44.97 19.24 7.95
N ARG G 170 -45.76 18.71 8.88
CA ARG G 170 -45.77 17.28 9.14
C ARG G 170 -46.61 16.51 8.13
N GLY G 171 -47.17 17.25 7.17
CA GLY G 171 -47.96 16.62 6.13
C GLY G 171 -49.33 16.15 6.57
N GLU G 172 -49.80 16.63 7.71
CA GLU G 172 -51.11 16.23 8.21
C GLU G 172 -52.22 17.01 7.51
N ILE G 173 -51.87 18.12 6.85
CA ILE G 173 -52.81 18.92 6.10
C ILE G 173 -52.08 19.53 4.91
N THR G 174 -52.81 20.02 3.91
CA THR G 174 -52.19 20.60 2.71
C THR G 174 -52.19 22.12 2.70
N ALA G 175 -51.51 22.70 1.71
CA ALA G 175 -51.44 24.14 1.56
C ALA G 175 -52.86 24.65 1.36
N GLY G 176 -53.69 23.79 0.78
CA GLY G 176 -55.08 24.13 0.53
C GLY G 176 -55.84 24.30 1.83
N HIS G 177 -55.65 23.34 2.73
CA HIS G 177 -56.28 23.38 4.04
C HIS G 177 -55.85 24.64 4.75
N ALA G 178 -54.57 24.93 4.64
CA ALA G 178 -54.00 26.11 5.27
C ALA G 178 -54.71 27.36 4.75
N ARG G 179 -54.88 27.43 3.43
CA ARG G 179 -55.55 28.59 2.83
C ARG G 179 -57.00 28.65 3.29
N ALA G 180 -57.59 27.49 3.56
CA ALA G 180 -58.96 27.43 4.03
C ALA G 180 -59.05 28.00 5.44
N LEU G 181 -58.07 27.68 6.28
CA LEU G 181 -58.03 28.18 7.65
C LEU G 181 -57.78 29.69 7.67
N LEU G 182 -57.12 30.20 6.64
CA LEU G 182 -56.84 31.63 6.57
C LEU G 182 -58.12 32.43 6.30
N MET G 183 -59.12 31.76 5.76
CA MET G 183 -60.39 32.42 5.46
C MET G 183 -61.25 32.53 6.72
N LEU G 184 -60.92 31.72 7.73
CA LEU G 184 -61.64 31.76 8.99
C LEU G 184 -61.09 32.91 9.82
N GLU G 185 -61.85 33.38 10.80
CA GLU G 185 -61.37 34.43 11.66
C GLU G 185 -60.30 33.83 12.58
N PRO G 186 -59.27 34.61 12.91
CA PRO G 186 -58.16 34.17 13.76
C PRO G 186 -58.55 33.30 14.96
N GLU G 187 -59.53 33.74 15.75
CA GLU G 187 -59.96 32.99 16.93
C GLU G 187 -60.74 31.72 16.63
N ASP G 188 -60.87 31.37 15.35
CA ASP G 188 -61.59 30.17 14.95
C ASP G 188 -60.69 29.17 14.24
N ARG G 189 -59.45 29.59 13.98
CA ARG G 189 -58.50 28.74 13.27
C ARG G 189 -58.13 27.47 14.00
N LEU G 190 -57.92 27.54 15.30
CA LEU G 190 -57.57 26.34 16.03
C LEU G 190 -58.74 25.35 16.00
N TRP G 191 -59.96 25.87 16.15
CA TRP G 191 -61.13 25.01 16.12
C TRP G 191 -61.18 24.35 14.75
N GLY G 192 -61.00 25.16 13.72
CA GLY G 192 -61.01 24.64 12.37
C GLY G 192 -59.95 23.58 12.13
N LEU G 193 -58.74 23.82 12.64
CA LEU G 193 -57.65 22.87 12.46
C LEU G 193 -58.08 21.51 12.99
N LYS G 194 -58.67 21.51 14.18
CA LYS G 194 -59.13 20.27 14.80
C LYS G 194 -60.13 19.54 13.92
N GLU G 195 -61.10 20.28 13.40
CA GLU G 195 -62.10 19.68 12.53
C GLU G 195 -61.45 18.98 11.35
N ILE G 196 -60.50 19.65 10.69
CA ILE G 196 -59.84 19.07 9.53
C ILE G 196 -59.11 17.78 9.92
N LEU G 197 -58.41 17.81 11.05
CA LEU G 197 -57.68 16.65 11.52
C LEU G 197 -58.62 15.59 12.07
N GLU G 198 -59.61 16.08 12.81
CA GLU G 198 -60.66 15.26 13.46
C GLU G 198 -61.53 14.54 12.43
N LYS G 199 -61.83 15.23 11.34
CA LYS G 199 -62.62 14.66 10.25
C LYS G 199 -61.73 13.61 9.60
N GLY G 200 -60.44 13.66 9.94
CA GLY G 200 -59.47 12.73 9.40
C GLY G 200 -59.55 11.36 10.05
N LEU G 201 -59.30 11.28 11.36
CA LEU G 201 -59.35 10.00 12.05
C LEU G 201 -60.76 9.41 11.96
N SER G 202 -61.63 10.08 11.22
CA SER G 202 -63.00 9.63 11.03
C SER G 202 -63.08 8.91 9.70
N VAL G 203 -62.76 9.62 8.63
CA VAL G 203 -62.78 9.04 7.30
C VAL G 203 -61.71 7.97 7.19
N ARG G 204 -60.60 8.19 7.89
CA ARG G 204 -59.48 7.25 7.88
C ARG G 204 -59.92 5.91 8.46
N GLN G 205 -60.26 5.92 9.74
CA GLN G 205 -60.71 4.69 10.40
C GLN G 205 -61.87 4.10 9.63
N ALA G 206 -62.62 4.96 8.94
CA ALA G 206 -63.76 4.52 8.14
C ALA G 206 -63.25 3.74 6.93
N GLU G 207 -62.53 4.44 6.06
CA GLU G 207 -61.96 3.83 4.86
C GLU G 207 -61.24 2.53 5.20
N ALA G 208 -60.59 2.52 6.36
CA ALA G 208 -59.85 1.35 6.83
C ALA G 208 -60.67 0.59 7.87
N LEU G 209 -61.75 0.07 7.52
N VAL H 23 56.18 -25.43 -28.46
CA VAL H 23 56.01 -24.16 -27.69
C VAL H 23 55.83 -22.99 -28.65
N VAL H 24 55.17 -23.25 -29.78
CA VAL H 24 54.94 -22.24 -30.80
C VAL H 24 53.95 -21.14 -30.44
N ARG H 25 53.95 -20.07 -31.24
CA ARG H 25 53.05 -18.94 -31.06
C ARG H 25 51.96 -19.14 -32.12
N LEU H 26 50.70 -18.87 -31.78
CA LEU H 26 49.62 -19.04 -32.75
C LEU H 26 48.47 -18.05 -32.63
N PRO H 27 47.75 -17.80 -33.74
CA PRO H 27 46.62 -16.86 -33.75
C PRO H 27 45.54 -17.25 -32.76
N LEU H 28 45.31 -16.39 -31.77
CA LEU H 28 44.31 -16.63 -30.75
C LEU H 28 42.94 -16.96 -31.35
N ALA H 29 42.66 -16.38 -32.51
CA ALA H 29 41.38 -16.60 -33.18
C ALA H 29 41.30 -18.01 -33.74
N SER H 30 42.42 -18.72 -33.72
CA SER H 30 42.47 -20.08 -34.22
C SER H 30 42.22 -21.12 -33.13
N ILE H 31 42.17 -20.66 -31.87
CA ILE H 31 41.94 -21.53 -30.74
C ILE H 31 40.51 -21.45 -30.22
N ARG H 32 39.76 -22.54 -30.39
CA ARG H 32 38.38 -22.61 -29.94
C ARG H 32 38.36 -22.87 -28.44
N PRO H 33 37.27 -22.45 -27.76
CA PRO H 33 37.13 -22.64 -26.31
C PRO H 33 37.06 -24.13 -25.96
N ASN H 34 37.47 -24.47 -24.73
CA ASN H 34 37.45 -25.85 -24.29
C ASN H 34 36.03 -26.27 -23.96
N PRO H 35 35.49 -27.25 -24.69
CA PRO H 35 34.13 -27.75 -24.47
C PRO H 35 34.01 -28.64 -23.23
N ARG H 36 35.14 -29.07 -22.69
CA ARG H 36 35.14 -29.91 -21.50
C ARG H 36 35.13 -29.04 -20.26
N GLN H 37 34.00 -29.02 -19.56
CA GLN H 37 33.87 -28.23 -18.35
C GLN H 37 33.38 -29.15 -17.23
N PRO H 38 34.20 -30.17 -16.86
CA PRO H 38 33.82 -31.12 -15.81
C PRO H 38 33.28 -30.50 -14.52
N ARG H 39 33.91 -29.44 -14.02
CA ARG H 39 33.48 -28.76 -12.81
C ARG H 39 32.01 -28.33 -12.93
N LYS H 40 31.65 -27.67 -14.03
CA LYS H 40 30.27 -27.22 -14.24
C LYS H 40 29.34 -28.43 -14.37
N ARG H 41 29.82 -29.48 -15.02
CA ARG H 41 29.01 -30.68 -15.20
C ARG H 41 28.75 -31.33 -13.84
N PHE H 42 29.75 -31.36 -12.98
CA PHE H 42 29.61 -31.94 -11.65
C PHE H 42 28.60 -31.12 -10.82
N ALA H 43 28.66 -29.80 -10.93
CA ALA H 43 27.76 -28.94 -10.19
C ALA H 43 26.30 -29.25 -10.59
N GLU H 44 26.08 -29.37 -11.90
CA GLU H 44 24.75 -29.65 -12.40
C GLU H 44 24.29 -31.03 -11.93
N GLU H 45 25.16 -32.02 -12.01
CA GLU H 45 24.81 -33.38 -11.59
C GLU H 45 24.43 -33.43 -10.11
N SER H 46 25.25 -32.82 -9.25
CA SER H 46 24.95 -32.83 -7.83
C SER H 46 23.67 -32.04 -7.47
N LEU H 47 23.39 -30.97 -8.22
CA LEU H 47 22.18 -30.18 -7.94
C LEU H 47 20.94 -31.06 -8.16
N LYS H 48 20.97 -31.84 -9.24
CA LYS H 48 19.87 -32.74 -9.58
C LYS H 48 19.73 -33.82 -8.52
N GLU H 49 20.86 -34.33 -8.02
CA GLU H 49 20.81 -35.35 -6.98
C GLU H 49 20.25 -34.75 -5.68
N LEU H 50 20.56 -33.49 -5.41
CA LEU H 50 20.04 -32.83 -4.21
C LEU H 50 18.54 -32.64 -4.41
N ALA H 51 18.15 -32.18 -5.60
CA ALA H 51 16.74 -31.96 -5.90
C ALA H 51 15.92 -33.25 -5.71
N ASP H 52 16.41 -34.36 -6.25
CA ASP H 52 15.73 -35.64 -6.12
C ASP H 52 15.59 -36.03 -4.66
N SER H 53 16.60 -35.70 -3.87
CA SER H 53 16.55 -36.04 -2.44
C SER H 53 15.50 -35.17 -1.72
N ILE H 54 15.44 -33.90 -2.10
CA ILE H 54 14.47 -32.95 -1.54
C ILE H 54 13.04 -33.42 -1.86
N ARG H 55 12.87 -34.00 -3.04
CA ARG H 55 11.56 -34.51 -3.47
C ARG H 55 11.06 -35.55 -2.47
N GLU H 56 12.01 -36.26 -1.87
CA GLU H 56 11.70 -37.30 -0.91
C GLU H 56 11.69 -36.84 0.55
N LYS H 57 12.71 -36.10 0.94
CA LYS H 57 12.87 -35.69 2.33
C LYS H 57 12.62 -34.24 2.73
N GLY H 58 12.37 -33.36 1.77
CA GLY H 58 12.16 -31.97 2.12
C GLY H 58 13.51 -31.34 2.38
N LEU H 59 13.55 -30.05 2.69
CA LEU H 59 14.84 -29.42 2.96
C LEU H 59 15.34 -29.89 4.33
N LEU H 60 16.65 -30.09 4.45
CA LEU H 60 17.23 -30.51 5.72
C LEU H 60 17.12 -29.30 6.66
N GLN H 61 17.54 -28.14 6.18
CA GLN H 61 17.51 -26.90 6.95
C GLN H 61 16.70 -25.86 6.18
N PRO H 62 15.96 -25.02 6.89
CA PRO H 62 15.15 -23.97 6.24
C PRO H 62 16.04 -22.94 5.55
N LEU H 63 15.47 -22.23 4.60
CA LEU H 63 16.19 -21.19 3.89
C LEU H 63 16.20 -19.95 4.77
N LEU H 64 17.20 -19.09 4.59
CA LEU H 64 17.26 -17.84 5.34
C LEU H 64 16.89 -16.78 4.33
N VAL H 65 15.84 -16.01 4.62
CA VAL H 65 15.40 -14.96 3.70
C VAL H 65 15.05 -13.69 4.47
N ARG H 66 14.86 -12.61 3.73
CA ARG H 66 14.49 -11.32 4.32
C ARG H 66 13.41 -10.69 3.45
N PRO H 67 12.59 -9.80 4.05
CA PRO H 67 11.54 -9.15 3.26
C PRO H 67 12.17 -8.33 2.13
N GLN H 68 11.57 -8.37 0.95
CA GLN H 68 12.08 -7.61 -0.18
C GLN H 68 10.93 -7.33 -1.14
N GLY H 69 10.65 -6.04 -1.36
CA GLY H 69 9.54 -5.70 -2.23
C GLY H 69 8.26 -6.31 -1.67
N ASP H 70 7.49 -6.96 -2.54
CA ASP H 70 6.23 -7.58 -2.12
C ASP H 70 6.42 -9.00 -1.63
N GLY H 71 7.65 -9.50 -1.72
CA GLY H 71 7.93 -10.85 -1.28
C GLY H 71 9.15 -10.99 -0.38
N TYR H 72 9.95 -12.00 -0.66
CA TYR H 72 11.15 -12.24 0.12
C TYR H 72 12.34 -12.43 -0.80
N GLU H 73 13.53 -12.39 -0.21
CA GLU H 73 14.76 -12.52 -0.95
C GLU H 73 15.69 -13.47 -0.21
N LEU H 74 16.24 -14.44 -0.94
CA LEU H 74 17.16 -15.42 -0.38
C LEU H 74 18.39 -14.74 0.20
N VAL H 75 18.78 -15.12 1.40
CA VAL H 75 19.96 -14.57 2.06
C VAL H 75 21.04 -15.64 2.22
N ALA H 76 20.63 -16.90 2.34
CA ALA H 76 21.59 -18.01 2.45
C ALA H 76 20.95 -19.33 2.04
N GLY H 77 21.75 -20.18 1.40
CA GLY H 77 21.28 -21.49 0.95
C GLY H 77 20.87 -21.52 -0.51
N GLU H 78 21.68 -20.94 -1.39
CA GLU H 78 21.37 -20.88 -2.81
C GLU H 78 21.13 -22.27 -3.46
N ARG H 79 22.04 -23.23 -3.24
CA ARG H 79 21.87 -24.55 -3.86
C ARG H 79 20.58 -25.23 -3.41
N ARG H 80 20.31 -25.14 -2.11
CA ARG H 80 19.12 -25.74 -1.51
C ARG H 80 17.89 -25.14 -2.20
N TYR H 81 17.93 -23.82 -2.36
CA TYR H 81 16.87 -23.05 -3.00
C TYR H 81 16.60 -23.51 -4.44
N ARG H 82 17.66 -23.54 -5.24
CA ARG H 82 17.53 -23.95 -6.63
C ARG H 82 17.16 -25.42 -6.77
N ALA H 83 17.61 -26.25 -5.84
CA ALA H 83 17.27 -27.66 -5.89
C ALA H 83 15.77 -27.81 -5.60
N ALA H 84 15.27 -26.98 -4.68
CA ALA H 84 13.85 -26.99 -4.32
C ALA H 84 13.00 -26.65 -5.54
N LEU H 85 13.43 -25.67 -6.32
CA LEU H 85 12.70 -25.28 -7.52
C LEU H 85 12.73 -26.45 -8.52
N MET H 86 13.90 -27.07 -8.69
CA MET H 86 14.01 -28.20 -9.58
C MET H 86 13.09 -29.33 -9.09
N ALA H 87 13.03 -29.49 -7.77
CA ALA H 87 12.20 -30.54 -7.17
C ALA H 87 10.71 -30.32 -7.40
N GLY H 88 10.33 -29.11 -7.79
CA GLY H 88 8.93 -28.83 -8.02
C GLY H 88 8.13 -28.53 -6.77
N LEU H 89 8.80 -28.25 -5.66
CA LEU H 89 8.10 -27.93 -4.43
C LEU H 89 7.40 -26.58 -4.59
N GLN H 90 6.29 -26.39 -3.88
CA GLN H 90 5.55 -25.13 -3.91
C GLN H 90 5.92 -24.30 -2.68
N GLU H 91 6.19 -24.99 -1.57
CA GLU H 91 6.54 -24.33 -0.31
C GLU H 91 7.81 -24.97 0.27
N VAL H 92 8.51 -24.20 1.10
CA VAL H 92 9.72 -24.68 1.74
C VAL H 92 9.83 -24.02 3.11
N PRO H 93 10.46 -24.70 4.07
CA PRO H 93 10.62 -24.11 5.41
C PRO H 93 11.58 -22.94 5.27
N ALA H 94 11.43 -21.92 6.10
CA ALA H 94 12.33 -20.78 6.03
C ALA H 94 12.32 -19.95 7.30
N VAL H 95 13.40 -19.21 7.51
CA VAL H 95 13.52 -18.35 8.67
C VAL H 95 13.59 -16.95 8.10
N VAL H 96 12.67 -16.09 8.53
CA VAL H 96 12.64 -14.72 8.05
C VAL H 96 13.34 -13.78 9.00
N LYS H 97 14.20 -12.94 8.45
CA LYS H 97 14.93 -11.99 9.28
C LYS H 97 15.03 -10.64 8.59
N ASP H 98 14.99 -9.60 9.42
CA ASP H 98 15.11 -8.24 8.93
C ASP H 98 16.59 -7.95 8.85
N LEU H 99 17.13 -7.97 7.65
CA LEU H 99 18.53 -7.72 7.45
C LEU H 99 18.71 -6.55 6.51
N THR H 100 19.63 -5.65 6.86
CA THR H 100 19.91 -4.52 5.99
C THR H 100 20.76 -5.06 4.87
N ASP H 101 20.92 -4.29 3.80
CA ASP H 101 21.73 -4.75 2.69
C ASP H 101 23.15 -5.12 3.18
N ARG H 102 23.69 -4.32 4.08
CA ARG H 102 25.03 -4.54 4.64
C ARG H 102 25.14 -5.88 5.35
N GLU H 103 24.16 -6.17 6.21
CA GLU H 103 24.17 -7.43 6.96
C GLU H 103 24.05 -8.64 6.03
N ALA H 104 23.22 -8.50 5.00
CA ALA H 104 23.01 -9.58 4.06
C ALA H 104 24.29 -9.88 3.28
N LEU H 105 25.02 -8.83 2.89
CA LEU H 105 26.26 -9.01 2.14
C LEU H 105 27.27 -9.67 3.07
N GLU H 106 27.38 -9.11 4.27
CA GLU H 106 28.30 -9.67 5.25
C GLU H 106 28.03 -11.16 5.44
N LEU H 107 26.75 -11.54 5.55
CA LEU H 107 26.41 -12.96 5.71
C LEU H 107 26.84 -13.74 4.49
N ALA H 108 26.53 -13.21 3.30
CA ALA H 108 26.94 -13.87 2.08
C ALA H 108 28.45 -14.10 2.09
N LEU H 109 29.22 -13.09 2.46
CA LEU H 109 30.69 -13.22 2.47
C LEU H 109 31.15 -14.22 3.52
N VAL H 110 30.55 -14.18 4.69
CA VAL H 110 30.92 -15.11 5.76
C VAL H 110 30.54 -16.54 5.43
N GLU H 111 29.38 -16.77 4.83
CA GLU H 111 28.98 -18.14 4.50
C GLU H 111 29.88 -18.69 3.41
N ASN H 112 30.34 -17.81 2.52
CA ASN H 112 31.21 -18.19 1.43
C ASN H 112 32.59 -18.59 1.96
N LEU H 113 33.11 -17.80 2.89
CA LEU H 113 34.41 -18.03 3.49
C LEU H 113 34.50 -19.28 4.34
N GLN H 114 33.37 -19.91 4.58
CA GLN H 114 33.35 -21.10 5.40
C GLN H 114 33.32 -22.36 4.57
N ARG H 115 33.08 -22.21 3.27
CA ARG H 115 33.00 -23.36 2.37
C ARG H 115 34.33 -24.12 2.23
N GLU H 116 34.25 -25.40 1.87
CA GLU H 116 35.41 -26.26 1.66
C GLU H 116 35.92 -26.02 0.24
N ASP H 117 35.29 -25.04 -0.40
CA ASP H 117 35.50 -24.64 -1.77
C ASP H 117 36.54 -23.58 -2.09
N LEU H 118 37.01 -22.86 -1.07
CA LEU H 118 37.92 -21.75 -1.31
C LEU H 118 39.42 -21.98 -1.43
N SER H 119 40.00 -21.25 -2.37
CA SER H 119 41.43 -21.26 -2.59
C SER H 119 41.89 -20.13 -1.67
N PRO H 120 43.16 -20.14 -1.26
CA PRO H 120 43.62 -19.06 -0.37
C PRO H 120 43.46 -17.65 -0.95
N VAL H 121 43.34 -17.55 -2.26
CA VAL H 121 43.19 -16.24 -2.89
C VAL H 121 41.77 -15.71 -2.72
N GLU H 122 40.79 -16.60 -2.81
CA GLU H 122 39.39 -16.19 -2.63
C GLU H 122 39.19 -15.80 -1.18
N GLU H 123 39.82 -16.53 -0.27
CA GLU H 123 39.74 -16.23 1.15
C GLU H 123 40.21 -14.79 1.35
N ALA H 124 41.35 -14.47 0.76
CA ALA H 124 41.93 -13.15 0.87
C ALA H 124 40.95 -12.10 0.38
N ARG H 125 40.39 -12.31 -0.82
CA ARG H 125 39.44 -11.37 -1.39
C ARG H 125 38.20 -11.21 -0.49
N GLY H 126 37.78 -12.30 0.14
CA GLY H 126 36.63 -12.23 1.02
C GLY H 126 36.92 -11.39 2.25
N TYR H 127 38.09 -11.60 2.82
CA TYR H 127 38.51 -10.86 4.01
C TYR H 127 38.57 -9.38 3.65
N GLN H 128 39.18 -9.08 2.52
CA GLN H 128 39.32 -7.71 2.08
C GLN H 128 37.96 -7.06 1.92
N ALA H 129 37.00 -7.80 1.39
CA ALA H 129 35.66 -7.25 1.21
C ALA H 129 35.04 -6.91 2.57
N LEU H 130 35.24 -7.77 3.57
CA LEU H 130 34.70 -7.50 4.90
C LEU H 130 35.37 -6.27 5.50
N LEU H 131 36.66 -6.11 5.23
CA LEU H 131 37.38 -4.95 5.75
C LEU H 131 36.79 -3.70 5.14
N GLU H 132 36.51 -3.74 3.84
CA GLU H 132 35.96 -2.59 3.13
C GLU H 132 34.58 -2.20 3.66
N MET H 133 33.86 -3.16 4.22
CA MET H 133 32.54 -2.90 4.77
C MET H 133 32.61 -2.29 6.17
N GLY H 134 33.80 -2.12 6.71
CA GLY H 134 33.92 -1.53 8.03
C GLY H 134 34.38 -2.43 9.17
N LEU H 135 34.59 -3.71 8.89
CA LEU H 135 35.05 -4.62 9.94
C LEU H 135 36.57 -4.60 10.07
N THR H 136 37.05 -4.84 11.28
CA THR H 136 38.49 -4.89 11.54
C THR H 136 39.05 -6.31 11.31
N GLN H 137 40.36 -6.44 11.20
CA GLN H 137 40.97 -7.75 10.96
C GLN H 137 40.56 -8.71 12.06
N GLU H 138 40.52 -8.19 13.28
CA GLU H 138 40.16 -8.96 14.47
C GLU H 138 38.70 -9.44 14.39
N GLU H 139 37.80 -8.57 13.91
CA GLU H 139 36.40 -8.93 13.80
C GLU H 139 36.20 -9.94 12.68
N VAL H 140 36.98 -9.80 11.61
CA VAL H 140 36.88 -10.73 10.49
C VAL H 140 37.32 -12.11 10.95
N ALA H 141 38.46 -12.15 11.65
CA ALA H 141 39.03 -13.38 12.17
C ALA H 141 38.04 -14.04 13.13
N ARG H 142 37.43 -13.23 13.99
CA ARG H 142 36.47 -13.77 14.93
C ARG H 142 35.22 -14.31 14.25
N ARG H 143 34.75 -13.65 13.19
CA ARG H 143 33.55 -14.11 12.47
C ARG H 143 33.81 -15.41 11.70
N VAL H 144 35.02 -15.59 11.18
CA VAL H 144 35.31 -16.79 10.41
C VAL H 144 36.01 -17.88 11.21
N GLY H 145 36.27 -17.62 12.49
CA GLY H 145 36.92 -18.62 13.30
C GLY H 145 38.41 -18.81 13.04
N LYS H 146 39.12 -17.71 12.81
CA LYS H 146 40.54 -17.79 12.55
C LYS H 146 41.33 -16.76 13.35
N ALA H 147 42.65 -16.92 13.37
CA ALA H 147 43.48 -15.98 14.09
C ALA H 147 43.63 -14.71 13.28
N ARG H 148 43.83 -13.60 13.96
CA ARG H 148 43.99 -12.33 13.27
C ARG H 148 45.18 -12.43 12.31
N SER H 149 46.27 -13.04 12.76
CA SER H 149 47.44 -13.19 11.91
C SER H 149 47.13 -13.92 10.60
N THR H 150 46.27 -14.92 10.69
CA THR H 150 45.89 -15.69 9.50
C THR H 150 45.19 -14.77 8.51
N VAL H 151 44.32 -13.91 8.99
CA VAL H 151 43.62 -12.97 8.12
C VAL H 151 44.60 -11.99 7.49
N ALA H 152 45.45 -11.38 8.32
CA ALA H 152 46.44 -10.43 7.82
C ALA H 152 47.37 -11.10 6.80
N ASN H 153 47.81 -12.31 7.09
CA ASN H 153 48.69 -13.01 6.18
C ASN H 153 48.02 -13.25 4.84
N ALA H 154 46.76 -13.68 4.87
CA ALA H 154 46.02 -13.96 3.63
C ALA H 154 45.89 -12.68 2.80
N LEU H 155 45.65 -11.55 3.48
CA LEU H 155 45.49 -10.28 2.77
C LEU H 155 46.73 -9.89 1.98
N ARG H 156 47.90 -10.22 2.52
CA ARG H 156 49.15 -9.91 1.85
C ARG H 156 49.19 -10.54 0.45
N LEU H 157 48.58 -11.71 0.29
CA LEU H 157 48.56 -12.38 -1.00
C LEU H 157 48.02 -11.48 -2.12
N LEU H 158 47.15 -10.54 -1.79
CA LEU H 158 46.57 -9.67 -2.81
C LEU H 158 47.52 -8.66 -3.45
N GLN H 159 48.72 -8.52 -2.90
CA GLN H 159 49.65 -7.57 -3.50
C GLN H 159 50.54 -8.27 -4.54
N LEU H 160 50.30 -9.55 -4.76
CA LEU H 160 51.05 -10.32 -5.73
C LEU H 160 50.47 -10.06 -7.10
N PRO H 161 51.31 -10.13 -8.15
CA PRO H 161 50.81 -9.90 -9.51
C PRO H 161 49.78 -10.96 -9.88
N PRO H 162 48.80 -10.59 -10.73
CA PRO H 162 47.75 -11.51 -11.16
C PRO H 162 48.20 -12.90 -11.58
N GLU H 163 49.22 -12.98 -12.44
CA GLU H 163 49.70 -14.28 -12.89
C GLU H 163 50.23 -15.15 -11.76
N ALA H 164 50.70 -14.52 -10.70
CA ALA H 164 51.20 -15.29 -9.57
C ALA H 164 50.01 -15.91 -8.86
N LEU H 165 48.94 -15.13 -8.73
CA LEU H 165 47.74 -15.61 -8.06
C LEU H 165 47.08 -16.74 -8.85
N GLU H 166 47.16 -16.67 -10.18
CA GLU H 166 46.57 -17.71 -11.02
C GLU H 166 47.34 -19.00 -10.89
N ALA H 167 48.67 -18.87 -10.78
CA ALA H 167 49.52 -20.04 -10.61
C ALA H 167 49.14 -20.73 -9.31
N LEU H 168 48.84 -19.92 -8.30
CA LEU H 168 48.45 -20.45 -6.99
C LEU H 168 47.11 -21.17 -7.11
N GLU H 169 46.13 -20.50 -7.71
CA GLU H 169 44.81 -21.10 -7.83
C GLU H 169 44.82 -22.39 -8.64
N ARG H 170 45.66 -22.45 -9.67
CA ARG H 170 45.77 -23.63 -10.52
C ARG H 170 46.57 -24.74 -9.82
N GLY H 171 47.19 -24.41 -8.69
CA GLY H 171 47.95 -25.40 -7.96
C GLY H 171 49.36 -25.60 -8.51
N GLU H 172 49.80 -24.68 -9.35
CA GLU H 172 51.14 -24.78 -9.92
C GLU H 172 52.20 -24.40 -8.90
N ILE H 173 51.80 -23.65 -7.88
CA ILE H 173 52.71 -23.26 -6.81
C ILE H 173 51.93 -23.32 -5.50
N THR H 174 52.64 -23.25 -4.37
CA THR H 174 51.99 -23.33 -3.06
C THR H 174 51.93 -21.97 -2.38
N ALA H 175 51.25 -21.94 -1.24
CA ALA H 175 51.12 -20.70 -0.48
C ALA H 175 52.53 -20.29 -0.03
N GLY H 176 53.39 -21.29 0.16
CA GLY H 176 54.76 -21.03 0.57
C GLY H 176 55.50 -20.27 -0.52
N HIS H 177 55.34 -20.72 -1.76
CA HIS H 177 55.97 -20.06 -2.89
C HIS H 177 55.50 -18.62 -2.94
N ALA H 178 54.19 -18.44 -2.76
CA ALA H 178 53.58 -17.12 -2.79
C ALA H 178 54.22 -16.21 -1.76
N ARG H 179 54.39 -16.71 -0.54
CA ARG H 179 54.99 -15.91 0.52
C ARG H 179 56.43 -15.57 0.16
N ALA H 180 57.11 -16.51 -0.48
CA ALA H 180 58.48 -16.28 -0.88
C ALA H 180 58.52 -15.12 -1.88
N LEU H 181 57.63 -15.15 -2.86
CA LEU H 181 57.59 -14.09 -3.87
C LEU H 181 57.31 -12.73 -3.25
N LEU H 182 56.61 -12.72 -2.13
CA LEU H 182 56.29 -11.46 -1.46
C LEU H 182 57.56 -10.81 -0.91
N MET H 183 58.56 -11.63 -0.64
CA MET H 183 59.81 -11.12 -0.10
C MET H 183 60.65 -10.45 -1.18
N LEU H 184 60.36 -10.77 -2.45
CA LEU H 184 61.09 -10.16 -3.56
C LEU H 184 60.50 -8.79 -3.82
N GLU H 185 61.27 -7.93 -4.48
CA GLU H 185 60.78 -6.59 -4.79
C GLU H 185 59.72 -6.76 -5.88
N PRO H 186 58.67 -5.92 -5.83
CA PRO H 186 57.57 -5.96 -6.78
C PRO H 186 57.96 -6.21 -8.24
N GLU H 187 58.95 -5.46 -8.73
CA GLU H 187 59.38 -5.60 -10.11
C GLU H 187 60.19 -6.87 -10.40
N ASP H 188 60.34 -7.72 -9.39
CA ASP H 188 61.10 -8.95 -9.55
C ASP H 188 60.22 -10.19 -9.36
N ARG H 189 58.99 -9.98 -8.93
CA ARG H 189 58.07 -11.08 -8.68
C ARG H 189 57.70 -11.93 -9.89
N LEU H 190 57.52 -11.31 -11.05
CA LEU H 190 57.18 -12.10 -12.23
C LEU H 190 58.38 -12.97 -12.60
N TRP H 191 59.57 -12.38 -12.52
CA TRP H 191 60.78 -13.13 -12.83
C TRP H 191 60.85 -14.31 -11.87
N GLY H 192 60.65 -14.04 -10.59
CA GLY H 192 60.67 -15.08 -9.57
C GLY H 192 59.66 -16.17 -9.85
N LEU H 193 58.47 -15.79 -10.30
CA LEU H 193 57.42 -16.75 -10.61
C LEU H 193 57.90 -17.69 -11.72
N LYS H 194 58.49 -17.11 -12.76
CA LYS H 194 59.00 -17.91 -13.88
C LYS H 194 60.06 -18.91 -13.43
N GLU H 195 60.95 -18.47 -12.55
CA GLU H 195 62.01 -19.33 -12.04
C GLU H 195 61.43 -20.55 -11.32
N ILE H 196 60.44 -20.31 -10.46
CA ILE H 196 59.82 -21.39 -9.71
C ILE H 196 59.12 -22.38 -10.63
N LEU H 197 58.39 -21.84 -11.61
CA LEU H 197 57.66 -22.69 -12.54
C LEU H 197 58.56 -23.42 -13.54
N GLU H 198 59.36 -22.65 -14.28
CA GLU H 198 60.24 -23.21 -15.30
C GLU H 198 61.33 -24.18 -14.83
N LYS H 199 61.66 -24.17 -13.55
CA LYS H 199 62.68 -25.10 -13.07
C LYS H 199 62.38 -25.72 -11.71
N GLY H 200 61.13 -26.17 -11.55
CA GLY H 200 60.70 -26.81 -10.31
C GLY H 200 61.42 -26.36 -9.06
N LEU H 201 61.45 -25.05 -8.84
CA LEU H 201 62.11 -24.50 -7.67
C LEU H 201 61.40 -24.99 -6.42
N SER H 202 62.15 -25.30 -5.37
CA SER H 202 61.54 -25.77 -4.13
C SER H 202 61.06 -24.61 -3.28
N VAL H 203 60.25 -24.93 -2.28
CA VAL H 203 59.70 -23.93 -1.38
C VAL H 203 60.82 -23.16 -0.70
N ARG H 204 61.60 -23.86 0.12
CA ARG H 204 62.70 -23.22 0.83
C ARG H 204 63.70 -22.61 -0.13
N GLN H 205 63.77 -23.17 -1.33
CA GLN H 205 64.69 -22.67 -2.35
C GLN H 205 64.23 -21.31 -2.90
N ALA H 206 62.92 -21.09 -2.85
CA ALA H 206 62.35 -19.82 -3.33
C ALA H 206 62.47 -18.75 -2.26
N GLU H 207 62.43 -19.17 -1.00
CA GLU H 207 62.54 -18.24 0.12
C GLU H 207 63.90 -17.57 0.04
N ALA H 208 64.88 -18.34 -0.45
CA ALA H 208 66.25 -17.86 -0.58
C ALA H 208 66.50 -17.19 -1.93
N LEU H 209 66.08 -15.93 -2.06
CA LEU H 209 66.29 -15.16 -3.28
C LEU H 209 66.54 -13.70 -2.95
N ARG H 210 67.57 -13.40 -2.29
CO CO I . -22.16 -13.11 13.06
CO CO J . -38.55 17.15 -13.16
CO CO K . -2.68 -21.38 6.68
CO CO L . -21.12 18.74 -4.44
CO CO M . -4.25 31.71 3.65
CO CO N . 3.80 -14.71 0.30
CO CO O . -13.09 -16.03 -9.26
MG MG P . -17.47 -7.91 31.72
CO CO Q . 21.25 -29.33 1.83
CO CO R . 38.85 -34.20 8.83
MG MG S . 49.33 -39.56 -27.93
CO CO T . 12.83 26.69 11.83
CO CO U . 2.72 28.86 -5.34
CO CO V . -40.92 19.84 -2.00
CO CO W . 40.87 -26.69 0.43
#